data_9EF5
#
_entry.id   9EF5
#
_cell.length_a   1.00
_cell.length_b   1.00
_cell.length_c   1.00
_cell.angle_alpha   90.00
_cell.angle_beta   90.00
_cell.angle_gamma   90.00
#
_symmetry.space_group_name_H-M   'P 1'
#
loop_
_entity.id
_entity.type
_entity.pdbx_description
1 polymer 'Insulin-like receptor'
2 polymer 'DILP2 B-chain'
3 polymer 'DILP2 A-chain'
4 non-polymer 2-acetamido-2-deoxy-beta-D-glucopyranose
#
loop_
_entity_poly.entity_id
_entity_poly.type
_entity_poly.pdbx_seq_one_letter_code
_entity_poly.pdbx_strand_id
1 'polypeptide(L)'
;MFNMPRGVTKSKSKRGKIKMENDMAAAATTTACTLGHICVLCRQEMLLDTCCCRQAVEAVDSPASSEEAYSSSNSSSCQA
SSEISAEEVWFLSHDDIVLCRRPKFDEVETTGKKRDVKCSGHQCSNECDDGSTKNNRQQRENFNIFSNCHNILRTLQSLL
LLMFNCGIFNKRRRRQHQQQHHHHYQHHHQQHHQQHHQRQQANVSYTKFLLLLQTLAAATTRLSLSPKNYKQQQQLQHNQ
QLPRATPQQKQQEKDRHKCFHYKHNYSYSPGISLLLFILLANTLAIQAVVLPAHQQHLLHNDIADGLDKTALSVSGTQSR
WTRSESNPTMRLSQNVKPCKSMDIRNMVSHFNQLENCTVIEGFLLIDLINDASPLNRSFPKLTEVTDYIIIYRVTGLHSL
SKIFPNLSVIRGNKLFDGYALVVYSNFDLMDLGLHKLRSITRGGVRIEKNHKLCYDRTIDWLEILAENETQLVVLTENGK
EKECRLSKCPGEIRIEEGHDTTAIEGELNASCQLHNNRRLCWNSKLCQTKCPEKCRNNCIDEHTCCSQDCLGGCVIDKNG
NESCISCRNVSFNNICMDSCPKGYYQFDSRCVTANECITLTKFETNSVYSGIPYNGQCITHCPTGYQKSENKRMCEPCPG
GKCDKECSSGLIDSLERAREFHGCTIITGTEPLTISIKRESGAHVMDELKYGLAAVHKIQSSLMVHLTYGLKSLKFFQSL
TEISGDPPMDADKYALYVLDNRDLDELWGPNQTVFIRKGGVFFHFNPKLCVSTINQLLPMLASKPKFFEKSDVGADSNGN
RGSCGTAVLNVTLQSVGANSAMLNVTTKVEIGEPQKPSNATIVFKDPRAFIGFVFYHMIDPYGNSTKSSDDPCDDRWKVS
SPEKSGVMVLSNLIPYTNYSYYVRTMAISSELTNAESDVKNFRTNPGRPSKVTEVVATAISDSKINVTWSYLDKPYGVLT
RYFIKAKLINRPTRNNNRDYCTEPLVKAMENDLPATTPTKKISDPLAGDCKCVEGSKKTSSQEYDDRKVQAGMEFENALQ
NFIFVPNIRKSKNGSSDKSDGAEGAALDSNAIPNGGATNPSRRRRDVALEPELDDVEGSVLLRHVRSITDDTDAFFEKDD
ENTYKDEEDLSSNKQFYEVFAKELPPNQTHFVFEKLRHFTRYAIFVVACREEIPSEKLRDTSFKKSLCSDYDTVFQTTKR
KKFADIVMDLKVDLEHANNTESPVRVRWTPPVDPNGEIVTYEVAYKLQKPDQVEEKKCIPAADFNQTAGYLIKLNEGLYS
FRVRANSIAGYGDFTEVEHIKVEPPPSYAKVFFWLLGIGLAFLIVSLFGYVCYLHKRKVPSNDLHMNTEVNPFYASMQYI
PDDWEVLRENIIQLAPLGQGSFGMVYEGILKSFPPNGVDRECAIKTVNENATDRERTNFLSEASVMKEFDTYHVVRLLGV
CSRGQPALVVMELMKKGDLKSYLRAHRPEERDEAMMTYLNRIGVTGNVQPPTYGRIYQMAIEIADGMAYLAAKKFVHRDL
AARNCMVADDLTVKIGDFGMTRDIYETDYYRKGTKGLLPVRWMPPESLRDGVYSSASDVFSFGVVLWEMATLAAQPYQGL
SNEQVLRYVIDGGVMERPENCPDFLHKLMQRCWHHRSSARPSFLDIIAYLEPQCPNSQFKEVSFYHSEAGLQHREKERKE
RNQLDAFAAVPLDQDLQDREQQEDATTPLRMGDYQQNSSLDQPPESPIAMVDDQGSHLPFSLPSGFIASSTPDGQTVMAT
AFQNIPAAQGDISATYVVPDADALDGDRGYEIYDPSPKCAELPTSRSGSTGGGKLSGEQHLLPRKGRQPTIMSSSMPDDV
IGGSSLQPSTASAGSSNASSHTGRPSLKKTVADSVRNKANFINRHLFNHKRTGSNASHKSNASNAPSTSSNTNLTSHPVA
MGNLGTIESGGSGSAGSYTGTPRFYTPSATPGGGSGMAISDNPNYRLLDESIASEQATILTTSSPNPNYEMMHPPTSLVS
TNPNYMPMNETPVQMAGVTISHNPNYQPMQAPLNARQSQSSSDEDNEQEEDDEDEDDDVDDEHVEHIKMERMPLSRPRQR
ALPSKTQPPRSRSVSQTRKSPTNPNSGIGATGAGNRSNLLKENWLRPASTPRPPPPNGFIGREA
;
A,B
2 'polypeptide(L)' TLCSEKLNEVLSMVCEEYNPVIPH C
3 'polypeptide(L)' QGIVERCCKKSCDMKALREYCSVVRN D
#
# COMPACT_ATOMS: atom_id res chain seq x y z
N PRO A 328 -45.75 -30.18 24.13
CA PRO A 328 -46.32 -31.51 24.32
C PRO A 328 -45.27 -32.60 24.37
N THR A 329 -45.65 -33.79 24.86
CA THR A 329 -44.73 -34.93 24.84
C THR A 329 -44.34 -35.25 23.40
N MET A 330 -43.07 -35.61 23.22
CA MET A 330 -42.51 -35.69 21.88
C MET A 330 -41.75 -37.00 21.71
N ARG A 331 -41.76 -37.51 20.48
CA ARG A 331 -41.10 -38.77 20.16
C ARG A 331 -39.81 -38.52 19.39
N LEU A 332 -38.91 -39.50 19.42
CA LEU A 332 -37.76 -39.51 18.53
C LEU A 332 -38.07 -40.36 17.30
N SER A 333 -37.47 -39.99 16.17
CA SER A 333 -37.55 -40.82 14.99
C SER A 333 -36.61 -42.02 15.14
N GLN A 334 -37.09 -43.19 14.74
CA GLN A 334 -36.33 -44.43 14.88
C GLN A 334 -36.18 -44.81 16.34
N ASN A 335 -36.09 -46.10 16.63
CA ASN A 335 -35.82 -46.58 17.98
C ASN A 335 -34.32 -46.47 18.22
N VAL A 336 -33.91 -45.46 19.00
CA VAL A 336 -32.50 -45.14 19.12
C VAL A 336 -31.76 -46.27 19.83
N LYS A 337 -30.59 -46.62 19.29
CA LYS A 337 -29.69 -47.58 19.93
C LYS A 337 -28.35 -46.90 20.19
N PRO A 338 -27.84 -46.91 21.42
CA PRO A 338 -26.53 -46.32 21.68
C PRO A 338 -25.41 -47.34 21.56
N CYS A 339 -24.20 -46.83 21.36
CA CYS A 339 -23.00 -47.66 21.37
C CYS A 339 -21.84 -46.82 21.89
N LYS A 340 -21.05 -47.43 22.77
CA LYS A 340 -20.02 -46.72 23.50
C LYS A 340 -19.02 -46.07 22.54
N SER A 341 -18.18 -45.20 23.09
CA SER A 341 -17.19 -44.48 22.30
C SER A 341 -16.45 -45.45 21.37
N MET A 342 -16.13 -44.98 20.18
CA MET A 342 -15.56 -45.84 19.14
C MET A 342 -14.31 -45.22 18.54
N ASP A 343 -13.39 -46.09 18.15
CA ASP A 343 -12.14 -45.69 17.48
C ASP A 343 -11.98 -46.57 16.24
N ILE A 344 -12.30 -46.01 15.08
CA ILE A 344 -12.12 -46.72 13.82
C ILE A 344 -10.64 -46.63 13.47
N ARG A 345 -9.92 -47.74 13.61
CA ARG A 345 -8.46 -47.72 13.61
C ARG A 345 -7.92 -48.82 12.71
N ASN A 346 -6.76 -48.54 12.12
CA ASN A 346 -6.04 -49.50 11.28
C ASN A 346 -6.74 -49.78 9.96
N MET A 347 -7.69 -50.71 9.96
CA MET A 347 -8.18 -51.31 8.72
C MET A 347 -9.66 -51.00 8.52
N VAL A 348 -10.08 -51.07 7.25
CA VAL A 348 -11.46 -50.74 6.89
C VAL A 348 -12.44 -51.69 7.54
N SER A 349 -12.08 -52.97 7.67
CA SER A 349 -13.02 -53.96 8.20
C SER A 349 -13.48 -53.60 9.60
N HIS A 350 -12.73 -52.78 10.32
CA HIS A 350 -13.14 -52.37 11.66
C HIS A 350 -14.36 -51.44 11.65
N PHE A 351 -14.76 -50.94 10.49
CA PHE A 351 -16.00 -50.17 10.40
C PHE A 351 -17.21 -51.01 10.80
N ASN A 352 -17.09 -52.34 10.78
CA ASN A 352 -18.24 -53.18 11.09
C ASN A 352 -18.81 -52.87 12.46
N GLN A 353 -17.95 -52.57 13.44
CA GLN A 353 -18.42 -52.27 14.78
C GLN A 353 -19.28 -51.02 14.84
N LEU A 354 -19.23 -50.17 13.82
CA LEU A 354 -20.06 -48.97 13.76
C LEU A 354 -21.48 -49.27 13.30
N GLU A 355 -21.79 -50.52 12.97
CA GLU A 355 -23.12 -50.87 12.50
C GLU A 355 -24.15 -50.66 13.61
N ASN A 356 -25.36 -50.26 13.20
CA ASN A 356 -26.49 -50.15 14.10
C ASN A 356 -26.31 -49.05 15.15
N CYS A 357 -25.26 -48.25 15.03
CA CYS A 357 -25.01 -47.19 16.00
C CYS A 357 -25.86 -45.97 15.65
N THR A 358 -26.99 -45.81 16.34
CA THR A 358 -27.81 -44.62 16.14
C THR A 358 -27.13 -43.38 16.69
N VAL A 359 -26.61 -43.47 17.92
CA VAL A 359 -25.94 -42.37 18.59
C VAL A 359 -24.67 -42.90 19.22
N ILE A 360 -23.58 -42.15 19.07
CA ILE A 360 -22.31 -42.51 19.68
C ILE A 360 -22.32 -42.02 21.12
N GLU A 361 -22.29 -42.95 22.07
CA GLU A 361 -22.35 -42.58 23.47
C GLU A 361 -21.23 -41.64 23.86
N GLY A 362 -20.04 -41.83 23.32
CA GLY A 362 -18.88 -41.02 23.65
C GLY A 362 -18.33 -40.34 22.42
N PHE A 363 -17.02 -40.45 22.23
CA PHE A 363 -16.36 -39.88 21.08
C PHE A 363 -16.17 -40.92 20.00
N LEU A 364 -16.08 -40.45 18.75
CA LEU A 364 -15.82 -41.29 17.60
C LEU A 364 -14.63 -40.72 16.84
N LEU A 365 -13.57 -41.51 16.74
CA LEU A 365 -12.36 -41.11 16.03
C LEU A 365 -12.08 -42.09 14.91
N ILE A 366 -11.72 -41.54 13.74
CA ILE A 366 -11.36 -42.31 12.56
C ILE A 366 -9.98 -41.84 12.13
N ASP A 367 -8.99 -42.73 12.14
CA ASP A 367 -7.62 -42.28 11.99
C ASP A 367 -6.74 -43.40 11.43
N LEU A 368 -5.66 -42.97 10.77
CA LEU A 368 -4.59 -43.85 10.33
C LEU A 368 -5.08 -45.00 9.47
N ILE A 369 -6.10 -44.76 8.64
CA ILE A 369 -6.48 -45.72 7.61
C ILE A 369 -5.72 -45.36 6.34
N ASN A 370 -4.77 -46.21 5.95
CA ASN A 370 -3.96 -45.90 4.77
C ASN A 370 -4.81 -45.83 3.51
N ASP A 371 -5.82 -46.70 3.38
CA ASP A 371 -6.68 -46.69 2.20
C ASP A 371 -8.09 -47.06 2.65
N ALA A 372 -9.04 -46.16 2.40
CA ALA A 372 -10.44 -46.40 2.76
C ALA A 372 -11.32 -46.70 1.56
N SER A 373 -10.79 -46.61 0.34
CA SER A 373 -11.62 -46.74 -0.85
C SER A 373 -12.52 -47.97 -0.85
N PRO A 374 -12.06 -49.15 -0.42
CA PRO A 374 -12.90 -50.35 -0.57
C PRO A 374 -14.26 -50.26 0.09
N LEU A 375 -14.42 -49.47 1.15
CA LEU A 375 -15.69 -49.47 1.88
C LEU A 375 -16.80 -48.95 0.97
N ASN A 376 -17.96 -49.60 1.04
CA ASN A 376 -19.08 -49.32 0.16
C ASN A 376 -20.33 -48.90 0.93
N ARG A 377 -20.43 -49.23 2.21
CA ARG A 377 -21.65 -49.08 2.98
C ARG A 377 -21.62 -47.73 3.71
N SER A 378 -22.67 -46.95 3.52
CA SER A 378 -22.86 -45.75 4.33
C SER A 378 -23.52 -46.12 5.65
N PHE A 379 -23.64 -45.13 6.53
CA PHE A 379 -24.23 -45.35 7.84
C PHE A 379 -25.31 -44.32 8.12
N PRO A 380 -26.45 -44.39 7.44
CA PRO A 380 -27.52 -43.42 7.69
C PRO A 380 -28.07 -43.48 9.11
N LYS A 381 -27.91 -44.60 9.81
CA LYS A 381 -28.44 -44.70 11.16
C LYS A 381 -27.73 -43.76 12.13
N LEU A 382 -26.42 -43.59 11.97
CA LEU A 382 -25.66 -42.71 12.85
C LEU A 382 -26.24 -41.31 12.77
N THR A 383 -26.78 -40.82 13.88
CA THR A 383 -27.49 -39.55 13.91
C THR A 383 -26.73 -38.45 14.64
N GLU A 384 -26.17 -38.76 15.81
CA GLU A 384 -25.54 -37.73 16.63
C GLU A 384 -24.44 -38.37 17.47
N VAL A 385 -23.53 -37.53 17.94
CA VAL A 385 -22.40 -37.96 18.77
C VAL A 385 -22.32 -37.02 19.96
N THR A 386 -22.05 -37.60 21.14
CA THR A 386 -22.08 -36.80 22.37
C THR A 386 -20.84 -35.94 22.52
N ASP A 387 -19.64 -36.49 22.29
CA ASP A 387 -18.41 -35.84 22.72
C ASP A 387 -17.78 -35.10 21.56
N TYR A 388 -17.35 -35.78 20.50
CA TYR A 388 -16.65 -35.10 19.42
C TYR A 388 -16.32 -36.07 18.30
N ILE A 389 -15.82 -35.51 17.21
CA ILE A 389 -15.37 -36.26 16.04
C ILE A 389 -13.98 -35.77 15.66
N ILE A 390 -13.07 -36.70 15.40
CA ILE A 390 -11.73 -36.37 14.92
C ILE A 390 -11.41 -37.26 13.74
N ILE A 391 -10.87 -36.65 12.68
CA ILE A 391 -10.43 -37.36 11.49
C ILE A 391 -8.96 -37.02 11.31
N TYR A 392 -8.10 -38.02 11.41
CA TYR A 392 -6.66 -37.79 11.37
C TYR A 392 -5.98 -38.86 10.53
N ARG A 393 -5.33 -38.44 9.45
CA ARG A 393 -4.51 -39.34 8.65
C ARG A 393 -5.33 -40.49 8.09
N VAL A 394 -6.53 -40.20 7.59
CA VAL A 394 -7.32 -41.16 6.85
C VAL A 394 -7.22 -40.80 5.37
N THR A 395 -6.84 -41.78 4.56
CA THR A 395 -6.67 -41.58 3.13
C THR A 395 -7.49 -42.61 2.37
N GLY A 396 -7.60 -42.42 1.06
CA GLY A 396 -8.52 -43.19 0.28
C GLY A 396 -9.96 -42.78 0.46
N LEU A 397 -10.21 -41.66 1.15
CA LEU A 397 -11.53 -41.13 1.38
C LEU A 397 -11.63 -39.77 0.71
N HIS A 398 -12.65 -39.60 -0.14
CA HIS A 398 -12.85 -38.36 -0.88
C HIS A 398 -13.98 -37.50 -0.34
N SER A 399 -15.12 -38.12 0.00
CA SER A 399 -16.26 -37.41 0.55
C SER A 399 -16.52 -37.89 1.96
N LEU A 400 -16.47 -36.96 2.93
CA LEU A 400 -16.73 -37.35 4.31
C LEU A 400 -18.13 -37.89 4.48
N SER A 401 -19.04 -37.61 3.55
CA SER A 401 -20.38 -38.18 3.61
C SER A 401 -20.34 -39.70 3.46
N LYS A 402 -19.23 -40.26 2.97
CA LYS A 402 -19.13 -41.70 2.84
C LYS A 402 -19.39 -42.40 4.16
N ILE A 403 -19.09 -41.74 5.28
CA ILE A 403 -19.28 -42.33 6.60
C ILE A 403 -20.43 -41.69 7.36
N PHE A 404 -20.75 -40.42 7.10
CA PHE A 404 -21.69 -39.64 7.90
C PHE A 404 -22.81 -39.12 6.99
N PRO A 405 -23.79 -39.95 6.67
CA PRO A 405 -24.94 -39.43 5.89
C PRO A 405 -25.83 -38.50 6.70
N ASN A 406 -26.08 -38.82 7.97
CA ASN A 406 -27.06 -38.11 8.78
C ASN A 406 -26.47 -37.66 10.12
N LEU A 407 -25.28 -37.05 10.10
CA LEU A 407 -24.68 -36.50 11.31
C LEU A 407 -25.36 -35.16 11.58
N SER A 408 -26.44 -35.21 12.34
CA SER A 408 -27.29 -34.03 12.52
C SER A 408 -26.68 -33.06 13.53
N VAL A 409 -26.41 -33.53 14.75
CA VAL A 409 -25.98 -32.67 15.85
C VAL A 409 -24.79 -33.30 16.56
N ILE A 410 -23.84 -32.46 16.95
CA ILE A 410 -22.71 -32.86 17.78
C ILE A 410 -22.89 -32.18 19.13
N ARG A 411 -23.11 -32.98 20.17
CA ARG A 411 -23.48 -32.43 21.47
C ARG A 411 -22.29 -31.90 22.25
N GLY A 412 -21.13 -32.54 22.14
CA GLY A 412 -19.94 -32.01 22.77
C GLY A 412 -20.03 -31.87 24.28
N ASN A 413 -20.59 -32.86 24.96
CA ASN A 413 -20.54 -32.86 26.42
C ASN A 413 -19.09 -32.87 26.90
N LYS A 414 -18.24 -33.64 26.25
CA LYS A 414 -16.80 -33.61 26.48
C LYS A 414 -16.11 -33.20 25.20
N LEU A 415 -15.18 -32.25 25.31
CA LEU A 415 -14.46 -31.73 24.17
C LEU A 415 -13.01 -32.17 24.24
N PHE A 416 -12.44 -32.48 23.06
CA PHE A 416 -11.01 -32.73 22.95
C PHE A 416 -10.31 -31.40 22.72
N ASP A 417 -9.61 -30.91 23.74
CA ASP A 417 -8.90 -29.64 23.68
C ASP A 417 -9.87 -28.54 23.25
N GLY A 418 -11.08 -28.55 23.80
CA GLY A 418 -12.06 -27.54 23.49
C GLY A 418 -12.68 -27.62 22.11
N TYR A 419 -12.30 -28.63 21.31
CA TYR A 419 -12.83 -28.77 19.95
C TYR A 419 -13.79 -29.94 19.89
N ALA A 420 -14.84 -29.79 19.08
CA ALA A 420 -15.84 -30.85 18.89
C ALA A 420 -15.67 -31.59 17.59
N LEU A 421 -15.22 -30.93 16.52
CA LEU A 421 -15.02 -31.56 15.22
C LEU A 421 -13.60 -31.26 14.76
N VAL A 422 -12.83 -32.31 14.47
CA VAL A 422 -11.45 -32.18 14.05
C VAL A 422 -11.26 -32.96 12.76
N VAL A 423 -10.76 -32.29 11.73
CA VAL A 423 -10.40 -32.91 10.46
C VAL A 423 -8.97 -32.45 10.18
N TYR A 424 -8.00 -33.34 10.37
CA TYR A 424 -6.60 -32.96 10.38
C TYR A 424 -5.79 -33.89 9.49
N SER A 425 -4.85 -33.30 8.74
CA SER A 425 -3.84 -34.04 8.01
C SER A 425 -4.44 -35.21 7.24
N ASN A 426 -5.27 -34.87 6.25
CA ASN A 426 -5.86 -35.87 5.36
C ASN A 426 -5.72 -35.38 3.92
N PHE A 427 -5.08 -36.20 3.09
CA PHE A 427 -4.68 -35.77 1.76
C PHE A 427 -5.74 -36.05 0.71
N ASP A 428 -6.52 -37.12 0.86
CA ASP A 428 -7.49 -37.52 -0.14
C ASP A 428 -8.86 -36.88 0.05
N LEU A 429 -9.07 -36.16 1.15
CA LEU A 429 -10.38 -35.57 1.42
C LEU A 429 -10.62 -34.38 0.51
N MET A 430 -11.81 -34.35 -0.11
CA MET A 430 -12.22 -33.24 -0.95
C MET A 430 -13.63 -32.73 -0.65
N ASP A 431 -14.53 -33.58 -0.16
CA ASP A 431 -15.92 -33.22 0.05
C ASP A 431 -16.29 -33.52 1.48
N LEU A 432 -17.00 -32.60 2.12
CA LEU A 432 -17.52 -32.82 3.47
C LEU A 432 -18.90 -33.46 3.45
N GLY A 433 -19.81 -32.94 2.63
CA GLY A 433 -21.12 -33.54 2.50
C GLY A 433 -21.91 -33.60 3.79
N LEU A 434 -21.82 -32.56 4.62
CA LEU A 434 -22.58 -32.50 5.86
C LEU A 434 -23.93 -31.79 5.68
N HIS A 435 -24.74 -32.26 4.73
CA HIS A 435 -25.98 -31.57 4.43
C HIS A 435 -26.93 -31.58 5.63
N LYS A 436 -27.04 -32.71 6.31
CA LYS A 436 -28.00 -32.86 7.38
C LYS A 436 -27.52 -32.31 8.72
N LEU A 437 -26.25 -31.94 8.82
CA LEU A 437 -25.75 -31.35 10.06
C LEU A 437 -26.37 -29.98 10.28
N ARG A 438 -26.78 -29.71 11.52
CA ARG A 438 -27.49 -28.47 11.83
C ARG A 438 -26.85 -27.70 12.98
N SER A 439 -26.38 -28.40 14.01
CA SER A 439 -25.96 -27.72 15.23
C SER A 439 -24.79 -28.43 15.87
N ILE A 440 -23.81 -27.65 16.33
CA ILE A 440 -22.75 -28.12 17.20
C ILE A 440 -22.92 -27.39 18.53
N THR A 441 -23.11 -28.15 19.60
CA THR A 441 -23.62 -27.59 20.85
C THR A 441 -22.55 -26.93 21.70
N ARG A 442 -21.28 -27.29 21.54
CA ARG A 442 -20.22 -26.73 22.37
C ARG A 442 -18.92 -26.70 21.60
N GLY A 443 -17.97 -25.91 22.12
CA GLY A 443 -16.66 -25.84 21.50
C GLY A 443 -16.76 -25.32 20.09
N GLY A 444 -15.99 -25.94 19.19
CA GLY A 444 -15.98 -25.53 17.81
C GLY A 444 -15.39 -26.55 16.87
N VAL A 445 -14.76 -26.09 15.79
CA VAL A 445 -14.26 -26.95 14.74
C VAL A 445 -12.90 -26.47 14.29
N ARG A 446 -11.99 -27.41 14.04
CA ARG A 446 -10.69 -27.12 13.44
C ARG A 446 -10.52 -28.01 12.22
N ILE A 447 -10.42 -27.40 11.05
CA ILE A 447 -10.16 -28.11 9.80
C ILE A 447 -8.82 -27.59 9.30
N GLU A 448 -7.83 -28.47 9.22
CA GLU A 448 -6.49 -28.04 8.88
C GLU A 448 -5.75 -29.16 8.16
N LYS A 449 -4.78 -28.77 7.33
CA LYS A 449 -3.92 -29.70 6.59
C LYS A 449 -4.75 -30.74 5.84
N ASN A 450 -5.53 -30.22 4.88
CA ASN A 450 -6.23 -31.06 3.90
C ASN A 450 -6.10 -30.35 2.55
N HIS A 451 -5.02 -30.69 1.84
CA HIS A 451 -4.67 -29.94 0.64
C HIS A 451 -5.69 -30.12 -0.47
N LYS A 452 -6.40 -31.24 -0.50
CA LYS A 452 -7.42 -31.48 -1.52
C LYS A 452 -8.81 -31.07 -1.07
N LEU A 453 -8.96 -30.48 0.12
CA LEU A 453 -10.26 -30.06 0.60
C LEU A 453 -10.65 -28.72 -0.01
N CYS A 454 -11.95 -28.50 -0.15
CA CYS A 454 -12.48 -27.25 -0.66
C CYS A 454 -13.84 -27.00 -0.03
N TYR A 455 -14.35 -25.78 -0.23
CA TYR A 455 -15.62 -25.37 0.36
C TYR A 455 -15.50 -25.20 1.87
N ASP A 456 -14.31 -25.39 2.42
CA ASP A 456 -14.14 -25.35 3.87
C ASP A 456 -14.51 -23.97 4.42
N ARG A 457 -14.08 -22.90 3.74
CA ARG A 457 -14.33 -21.55 4.21
C ARG A 457 -15.68 -21.02 3.79
N THR A 458 -16.39 -21.70 2.90
CA THR A 458 -17.67 -21.22 2.40
C THR A 458 -18.79 -21.35 3.43
N ILE A 459 -18.85 -22.46 4.17
CA ILE A 459 -19.92 -22.65 5.13
C ILE A 459 -19.76 -21.68 6.29
N ASP A 460 -20.85 -21.01 6.64
CA ASP A 460 -20.85 -20.09 7.78
C ASP A 460 -21.01 -20.91 9.05
N TRP A 461 -19.88 -21.33 9.60
CA TRP A 461 -19.91 -22.12 10.82
C TRP A 461 -20.61 -21.39 11.96
N LEU A 462 -20.60 -20.06 11.94
CA LEU A 462 -21.25 -19.30 12.99
C LEU A 462 -22.73 -19.66 13.11
N GLU A 463 -23.38 -19.99 11.99
CA GLU A 463 -24.77 -20.44 12.06
C GLU A 463 -24.89 -21.82 12.72
N ILE A 464 -23.80 -22.58 12.74
CA ILE A 464 -23.88 -23.95 13.26
C ILE A 464 -23.55 -23.98 14.75
N LEU A 465 -22.66 -23.09 15.20
CA LEU A 465 -22.19 -23.12 16.57
C LEU A 465 -23.22 -22.51 17.52
N ALA A 466 -22.91 -22.58 18.81
CA ALA A 466 -23.83 -22.06 19.81
C ALA A 466 -23.88 -20.52 19.75
N GLU A 467 -24.97 -19.97 20.28
CA GLU A 467 -25.16 -18.53 20.28
C GLU A 467 -24.14 -17.79 21.13
N ASN A 468 -23.48 -18.47 22.06
CA ASN A 468 -22.48 -17.83 22.91
C ASN A 468 -21.17 -17.71 22.13
N GLU A 469 -20.08 -17.37 22.82
CA GLU A 469 -18.78 -17.19 22.17
C GLU A 469 -18.56 -18.27 21.12
N THR A 470 -18.14 -17.83 19.92
CA THR A 470 -18.08 -18.69 18.75
C THR A 470 -16.71 -18.79 18.09
N GLN A 471 -15.69 -18.11 18.60
CA GLN A 471 -14.46 -17.99 17.83
C GLN A 471 -13.73 -19.32 17.66
N LEU A 472 -14.22 -20.46 18.15
CA LEU A 472 -13.52 -21.72 17.92
C LEU A 472 -13.67 -22.16 16.48
N VAL A 473 -13.05 -21.41 15.56
CA VAL A 473 -13.13 -21.71 14.14
C VAL A 473 -11.78 -21.44 13.51
N VAL A 474 -11.05 -22.50 13.15
CA VAL A 474 -9.76 -22.39 12.49
C VAL A 474 -9.82 -23.16 11.19
N LEU A 475 -9.75 -22.44 10.08
CA LEU A 475 -9.84 -23.00 8.73
C LEU A 475 -8.59 -22.53 7.99
N THR A 476 -7.58 -23.39 7.94
CA THR A 476 -6.30 -23.00 7.36
C THR A 476 -5.63 -24.20 6.70
N GLU A 477 -4.75 -23.91 5.75
CA GLU A 477 -3.93 -24.93 5.10
C GLU A 477 -4.80 -26.04 4.51
N ASN A 478 -5.63 -25.66 3.52
CA ASN A 478 -6.50 -26.62 2.84
C ASN A 478 -6.46 -26.36 1.33
N GLY A 479 -5.25 -26.15 0.82
CA GLY A 479 -5.05 -26.01 -0.61
C GLY A 479 -5.80 -24.87 -1.25
N LYS A 480 -6.14 -23.82 -0.51
CA LYS A 480 -6.88 -22.71 -1.08
C LYS A 480 -5.99 -21.72 -1.80
N GLU A 481 -4.75 -22.05 -2.17
CA GLU A 481 -3.87 -21.07 -2.78
C GLU A 481 -4.44 -20.60 -4.12
N LYS A 482 -4.39 -21.45 -5.14
CA LYS A 482 -5.00 -21.13 -6.43
C LYS A 482 -5.87 -22.26 -6.95
N GLU A 483 -5.45 -23.50 -6.72
CA GLU A 483 -6.13 -24.64 -7.34
C GLU A 483 -7.57 -24.76 -6.84
N CYS A 484 -7.77 -24.59 -5.54
CA CYS A 484 -9.10 -24.75 -4.96
C CYS A 484 -10.07 -23.64 -5.37
N ARG A 485 -9.60 -22.60 -6.03
CA ARG A 485 -10.47 -21.51 -6.45
C ARG A 485 -11.57 -21.96 -7.41
N LEU A 486 -11.59 -23.24 -7.80
CA LEU A 486 -12.71 -23.83 -8.51
C LEU A 486 -13.88 -24.15 -7.59
N SER A 487 -13.91 -23.61 -6.38
CA SER A 487 -15.02 -23.86 -5.46
C SER A 487 -16.24 -23.07 -5.91
N LYS A 488 -16.87 -23.50 -7.01
CA LYS A 488 -17.91 -22.71 -7.64
C LYS A 488 -19.21 -22.75 -6.86
N CYS A 489 -19.48 -23.84 -6.13
CA CYS A 489 -20.78 -24.07 -5.50
C CYS A 489 -21.84 -24.16 -6.59
N PRO A 490 -23.04 -24.64 -6.27
CA PRO A 490 -24.09 -24.75 -7.30
C PRO A 490 -24.36 -23.39 -7.94
N GLY A 491 -24.05 -23.29 -9.22
CA GLY A 491 -24.22 -22.05 -9.96
C GLY A 491 -23.02 -21.14 -9.85
N CYS A 512 -27.29 -21.72 -6.02
CA CYS A 512 -27.23 -21.74 -4.57
C CYS A 512 -27.30 -20.32 -4.02
N GLN A 513 -27.77 -20.18 -2.78
CA GLN A 513 -27.96 -18.87 -2.19
C GLN A 513 -26.63 -18.16 -2.01
N LEU A 514 -26.64 -16.84 -2.18
CA LEU A 514 -25.45 -16.01 -2.06
C LEU A 514 -25.66 -15.04 -0.91
N HIS A 515 -24.76 -15.07 0.07
CA HIS A 515 -24.79 -14.17 1.20
C HIS A 515 -23.38 -13.87 1.64
N ASN A 516 -23.20 -12.73 2.31
CA ASN A 516 -21.90 -12.30 2.82
C ASN A 516 -20.86 -12.29 1.70
N ASN A 517 -21.27 -11.87 0.51
CA ASN A 517 -20.39 -11.80 -0.66
C ASN A 517 -19.82 -13.16 -1.04
N ARG A 518 -20.56 -14.23 -0.79
CA ARG A 518 -20.09 -15.57 -1.11
C ARG A 518 -21.26 -16.52 -1.20
N ARG A 519 -21.06 -17.62 -1.92
CA ARG A 519 -22.01 -18.72 -1.90
C ARG A 519 -21.79 -19.57 -0.64
N LEU A 520 -22.86 -20.23 -0.20
CA LEU A 520 -22.82 -21.08 0.98
C LEU A 520 -23.21 -22.49 0.56
N CYS A 521 -22.22 -23.36 0.41
CA CYS A 521 -22.44 -24.71 -0.09
C CYS A 521 -21.43 -25.65 0.53
N TRP A 522 -21.89 -26.88 0.81
CA TRP A 522 -20.98 -27.93 1.22
C TRP A 522 -20.05 -28.32 0.08
N ASN A 523 -20.60 -28.46 -1.12
CA ASN A 523 -19.81 -28.78 -2.31
C ASN A 523 -20.51 -28.21 -3.53
N SER A 524 -20.00 -28.55 -4.71
CA SER A 524 -20.50 -27.96 -5.95
C SER A 524 -21.98 -28.26 -6.15
N LYS A 525 -22.50 -29.31 -5.51
CA LYS A 525 -23.87 -29.73 -5.72
C LYS A 525 -24.70 -29.83 -4.44
N LEU A 526 -24.31 -29.12 -3.37
CA LEU A 526 -25.05 -29.13 -2.11
C LEU A 526 -25.03 -27.74 -1.51
N CYS A 527 -26.07 -26.95 -1.79
CA CYS A 527 -26.22 -25.65 -1.16
C CYS A 527 -26.55 -25.82 0.31
N GLN A 528 -25.94 -24.99 1.15
CA GLN A 528 -26.14 -25.09 2.59
C GLN A 528 -27.48 -24.49 2.99
N THR A 529 -27.97 -24.88 4.15
CA THR A 529 -29.29 -24.51 4.63
C THR A 529 -29.17 -23.61 5.86
N LYS A 530 -29.95 -22.52 5.87
CA LYS A 530 -30.08 -21.66 7.03
C LYS A 530 -31.50 -21.73 7.57
N CYS A 531 -31.79 -20.89 8.57
CA CYS A 531 -33.16 -20.67 8.98
C CYS A 531 -33.18 -19.41 9.84
N PRO A 532 -34.35 -18.79 10.01
CA PRO A 532 -34.41 -17.52 10.75
C PRO A 532 -34.08 -17.71 12.23
N GLU A 533 -34.15 -16.59 12.95
CA GLU A 533 -33.81 -16.61 14.37
C GLU A 533 -34.83 -17.38 15.20
N LYS A 534 -36.08 -17.46 14.72
CA LYS A 534 -37.13 -18.13 15.48
C LYS A 534 -36.84 -19.61 15.69
N CYS A 535 -35.97 -20.20 14.87
CA CYS A 535 -35.62 -21.62 14.97
C CYS A 535 -34.26 -21.87 15.60
N ARG A 536 -33.34 -20.90 15.55
CA ARG A 536 -31.99 -21.09 16.06
C ARG A 536 -31.35 -22.33 15.44
N ASN A 537 -31.36 -22.40 14.12
CA ASN A 537 -30.57 -23.38 13.37
C ASN A 537 -30.87 -24.82 13.82
N ASN A 538 -32.16 -25.15 13.90
CA ASN A 538 -32.59 -26.54 13.94
C ASN A 538 -33.82 -26.75 13.05
N CYS A 539 -34.01 -25.87 12.06
CA CYS A 539 -35.11 -25.94 11.13
C CYS A 539 -34.85 -27.00 10.06
N ILE A 540 -35.92 -27.62 9.60
CA ILE A 540 -35.79 -28.64 8.55
C ILE A 540 -35.26 -28.01 7.27
N ASP A 541 -35.82 -26.87 6.89
CA ASP A 541 -35.36 -26.12 5.73
C ASP A 541 -35.45 -24.63 6.09
N GLU A 542 -35.40 -23.77 5.09
CA GLU A 542 -35.43 -22.33 5.34
C GLU A 542 -36.67 -21.90 6.11
N HIS A 543 -37.78 -22.64 6.00
CA HIS A 543 -39.03 -22.23 6.65
C HIS A 543 -39.70 -23.32 7.48
N THR A 544 -39.53 -24.60 7.16
CA THR A 544 -40.23 -25.69 7.85
C THR A 544 -39.44 -26.02 9.13
N CYS A 545 -39.83 -25.36 10.22
CA CYS A 545 -39.14 -25.47 11.50
C CYS A 545 -39.98 -26.30 12.47
N CYS A 546 -39.33 -27.19 13.21
CA CYS A 546 -39.99 -28.10 14.11
C CYS A 546 -40.10 -27.49 15.51
N SER A 547 -40.51 -28.32 16.47
CA SER A 547 -40.66 -27.86 17.84
C SER A 547 -39.29 -27.66 18.50
N GLN A 548 -39.27 -26.84 19.54
CA GLN A 548 -38.04 -26.62 20.30
C GLN A 548 -37.59 -27.87 21.04
N ASP A 549 -38.48 -28.86 21.20
CA ASP A 549 -38.09 -30.08 21.89
C ASP A 549 -37.01 -30.83 21.14
N CYS A 550 -36.91 -30.61 19.82
CA CYS A 550 -35.94 -31.33 19.00
C CYS A 550 -34.63 -30.54 18.90
N LEU A 551 -33.57 -31.29 18.61
CA LEU A 551 -32.30 -30.71 18.18
C LEU A 551 -31.88 -31.36 16.88
N GLY A 552 -31.55 -30.52 15.90
CA GLY A 552 -31.14 -30.99 14.60
C GLY A 552 -32.28 -31.22 13.62
N GLY A 553 -33.52 -31.19 14.08
CA GLY A 553 -34.66 -31.36 13.19
C GLY A 553 -35.61 -32.44 13.66
N CYS A 554 -36.50 -32.87 12.76
CA CYS A 554 -37.51 -33.87 13.11
C CYS A 554 -38.12 -34.40 11.82
N VAL A 555 -38.62 -35.63 11.89
CA VAL A 555 -39.34 -36.21 10.77
C VAL A 555 -40.83 -35.90 10.94
N ILE A 556 -41.48 -35.59 9.82
CA ILE A 556 -42.89 -35.22 9.82
C ILE A 556 -43.69 -36.46 9.45
N ASP A 557 -44.53 -36.91 10.36
CA ASP A 557 -45.34 -38.10 10.13
C ASP A 557 -46.40 -37.84 9.06
N LYS A 558 -46.79 -38.91 8.37
CA LYS A 558 -47.88 -38.80 7.41
C LYS A 558 -49.17 -38.36 8.08
N ASN A 559 -49.30 -38.60 9.39
CA ASN A 559 -50.41 -38.11 10.18
C ASN A 559 -50.21 -36.67 10.65
N GLY A 560 -49.07 -36.07 10.32
CA GLY A 560 -48.77 -34.71 10.74
C GLY A 560 -48.02 -34.59 12.05
N ASN A 561 -47.83 -35.69 12.76
CA ASN A 561 -47.10 -35.64 14.02
C ASN A 561 -45.61 -35.48 13.78
N GLU A 562 -44.94 -34.76 14.68
CA GLU A 562 -43.50 -34.57 14.60
C GLU A 562 -42.78 -35.73 15.26
N SER A 563 -41.50 -35.88 14.92
CA SER A 563 -40.66 -36.91 15.52
C SER A 563 -39.23 -36.40 15.52
N CYS A 564 -38.74 -36.00 16.69
CA CYS A 564 -37.44 -35.34 16.77
C CYS A 564 -36.34 -36.27 16.26
N ILE A 565 -35.39 -35.66 15.54
CA ILE A 565 -34.15 -36.37 15.22
C ILE A 565 -33.34 -36.61 16.49
N SER A 566 -33.39 -35.66 17.42
CA SER A 566 -32.70 -35.80 18.69
C SER A 566 -33.32 -34.83 19.70
N CYS A 567 -33.34 -35.25 20.96
CA CYS A 567 -33.90 -34.43 22.02
C CYS A 567 -32.93 -33.30 22.38
N ARG A 568 -33.47 -32.09 22.50
CA ARG A 568 -32.67 -31.00 23.05
C ARG A 568 -32.28 -31.29 24.49
N ASN A 569 -33.23 -31.77 25.29
CA ASN A 569 -32.95 -32.20 26.65
C ASN A 569 -32.71 -33.72 26.65
N VAL A 570 -32.73 -34.34 27.82
CA VAL A 570 -32.49 -35.77 27.94
C VAL A 570 -33.67 -36.52 27.36
N SER A 571 -33.51 -37.83 27.15
CA SER A 571 -34.55 -38.65 26.56
C SER A 571 -34.81 -39.85 27.46
N PHE A 572 -36.02 -40.41 27.32
CA PHE A 572 -36.39 -41.61 28.06
C PHE A 572 -37.47 -42.34 27.28
N ASN A 573 -37.26 -43.65 27.08
CA ASN A 573 -38.21 -44.50 26.37
C ASN A 573 -38.61 -43.87 25.04
N ASN A 574 -37.60 -43.39 24.31
CA ASN A 574 -37.78 -42.80 22.99
C ASN A 574 -38.67 -41.57 23.01
N ILE A 575 -38.74 -40.88 24.15
CA ILE A 575 -39.52 -39.66 24.30
C ILE A 575 -38.65 -38.62 24.99
N CYS A 576 -38.82 -37.37 24.60
CA CYS A 576 -38.07 -36.27 25.20
C CYS A 576 -38.85 -35.65 26.36
N MET A 577 -38.12 -35.19 27.37
CA MET A 577 -38.72 -34.32 28.37
C MET A 577 -37.62 -33.44 28.95
N ASP A 578 -38.02 -32.52 29.81
CA ASP A 578 -37.07 -31.56 30.36
C ASP A 578 -35.98 -32.25 31.18
N SER A 579 -36.36 -33.18 32.06
CA SER A 579 -35.40 -33.81 32.95
C SER A 579 -35.82 -35.25 33.20
N CYS A 580 -34.86 -36.05 33.65
CA CYS A 580 -35.07 -37.48 33.78
C CYS A 580 -36.12 -37.77 34.84
N PRO A 581 -36.91 -38.84 34.66
CA PRO A 581 -37.86 -39.24 35.71
C PRO A 581 -37.12 -39.78 36.93
N LYS A 582 -37.79 -39.68 38.07
CA LYS A 582 -37.19 -40.15 39.31
C LYS A 582 -36.91 -41.64 39.23
N GLY A 583 -35.80 -42.06 39.85
CA GLY A 583 -35.35 -43.43 39.77
C GLY A 583 -34.43 -43.71 38.60
N TYR A 584 -34.21 -42.74 37.73
CA TYR A 584 -33.31 -42.88 36.59
C TYR A 584 -32.32 -41.74 36.57
N TYR A 585 -31.14 -42.00 36.03
CA TYR A 585 -30.04 -41.04 36.02
C TYR A 585 -29.68 -40.69 34.59
N GLN A 586 -29.54 -39.39 34.32
CA GLN A 586 -29.11 -38.93 33.01
C GLN A 586 -27.71 -39.47 32.70
N PHE A 587 -27.54 -40.02 31.50
CA PHE A 587 -26.22 -40.37 30.98
C PHE A 587 -26.10 -39.70 29.62
N ASP A 588 -25.76 -38.42 29.64
CA ASP A 588 -25.34 -37.54 28.54
C ASP A 588 -26.32 -37.51 27.35
N SER A 589 -27.27 -38.44 27.27
CA SER A 589 -28.36 -38.28 26.32
C SER A 589 -29.68 -38.92 26.75
N ARG A 590 -29.75 -39.56 27.92
CA ARG A 590 -30.93 -40.34 28.25
C ARG A 590 -30.87 -40.79 29.71
N CYS A 591 -31.95 -41.41 30.14
CA CYS A 591 -32.12 -41.81 31.53
C CYS A 591 -31.97 -43.32 31.66
N VAL A 592 -31.16 -43.75 32.62
CA VAL A 592 -30.91 -45.16 32.85
C VAL A 592 -30.95 -45.43 34.35
N THR A 593 -31.14 -46.69 34.70
CA THR A 593 -31.18 -47.10 36.10
C THR A 593 -29.77 -47.06 36.69
N ALA A 594 -29.71 -47.02 38.02
CA ALA A 594 -28.43 -46.98 38.70
C ALA A 594 -27.58 -48.20 38.35
N ASN A 595 -28.19 -49.38 38.36
CA ASN A 595 -27.45 -50.58 37.97
C ASN A 595 -26.96 -50.48 36.53
N GLU A 596 -27.79 -49.93 35.63
CA GLU A 596 -27.36 -49.73 34.26
C GLU A 596 -26.23 -48.71 34.18
N CYS A 597 -26.38 -47.57 34.85
CA CYS A 597 -25.35 -46.53 34.81
C CYS A 597 -24.03 -47.05 35.33
N ILE A 598 -24.07 -47.99 36.29
CA ILE A 598 -22.84 -48.53 36.86
C ILE A 598 -21.98 -49.19 35.78
N THR A 599 -22.62 -49.68 34.71
CA THR A 599 -21.92 -50.43 33.68
C THR A 599 -21.40 -49.57 32.54
N LEU A 600 -21.92 -48.34 32.39
CA LEU A 600 -21.53 -47.48 31.28
C LEU A 600 -20.17 -46.87 31.59
N THR A 601 -19.22 -47.05 30.67
CA THR A 601 -17.88 -46.53 30.86
C THR A 601 -17.61 -45.36 29.92
N LYS A 602 -16.63 -44.55 30.29
CA LYS A 602 -16.19 -43.43 29.47
C LYS A 602 -14.68 -43.30 29.59
N PHE A 603 -14.04 -42.74 28.57
CA PHE A 603 -12.61 -42.87 28.37
C PHE A 603 -11.95 -41.51 28.56
N GLU A 604 -11.06 -41.43 29.55
CA GLU A 604 -10.24 -40.24 29.79
C GLU A 604 -9.00 -40.30 28.92
N THR A 605 -7.96 -39.52 29.25
CA THR A 605 -6.69 -39.70 28.56
C THR A 605 -6.29 -41.17 28.50
N ASN A 606 -6.31 -41.86 29.64
CA ASN A 606 -6.00 -43.28 29.68
C ASN A 606 -6.99 -44.05 30.55
N SER A 607 -7.65 -43.37 31.47
CA SER A 607 -8.48 -44.05 32.45
C SER A 607 -9.80 -44.50 31.83
N VAL A 608 -10.18 -45.74 32.11
CA VAL A 608 -11.49 -46.26 31.71
C VAL A 608 -12.46 -46.03 32.87
N TYR A 609 -13.05 -44.84 32.92
CA TYR A 609 -13.95 -44.52 34.02
C TYR A 609 -15.32 -45.13 33.78
N SER A 610 -16.07 -45.30 34.88
CA SER A 610 -17.43 -45.80 34.85
C SER A 610 -18.34 -44.84 35.59
N GLY A 611 -19.53 -44.62 35.04
CA GLY A 611 -20.43 -43.65 35.63
C GLY A 611 -20.93 -44.09 36.99
N ILE A 612 -21.18 -43.11 37.84
CA ILE A 612 -21.74 -43.32 39.18
C ILE A 612 -23.11 -42.65 39.22
N PRO A 613 -24.20 -43.38 39.46
CA PRO A 613 -25.53 -42.75 39.53
C PRO A 613 -25.72 -42.03 40.86
N TYR A 614 -25.80 -40.70 40.80
CA TYR A 614 -25.88 -39.89 42.00
C TYR A 614 -26.62 -38.59 41.69
N ASN A 615 -27.45 -38.14 42.64
CA ASN A 615 -28.38 -37.00 42.48
C ASN A 615 -29.07 -37.00 41.13
N GLY A 616 -29.30 -38.17 40.54
CA GLY A 616 -29.98 -38.26 39.27
C GLY A 616 -29.07 -38.11 38.07
N GLN A 617 -27.76 -38.03 38.27
CA GLN A 617 -26.80 -37.92 37.19
C GLN A 617 -25.85 -39.10 37.21
N CYS A 618 -25.56 -39.63 36.02
CA CYS A 618 -24.61 -40.74 35.87
C CYS A 618 -23.23 -40.11 35.64
N ILE A 619 -22.69 -39.56 36.72
CA ILE A 619 -21.46 -38.78 36.64
C ILE A 619 -20.26 -39.73 36.61
N THR A 620 -19.23 -39.35 35.86
CA THR A 620 -18.04 -40.18 35.75
C THR A 620 -17.33 -40.34 37.08
N HIS A 621 -17.15 -39.24 37.82
CA HIS A 621 -16.52 -39.30 39.13
C HIS A 621 -17.19 -38.27 40.03
N CYS A 622 -17.13 -38.54 41.33
CA CYS A 622 -17.91 -37.77 42.29
C CYS A 622 -17.46 -36.30 42.27
N PRO A 623 -18.37 -35.38 42.58
CA PRO A 623 -18.01 -33.95 42.53
C PRO A 623 -17.08 -33.56 43.66
N THR A 624 -16.73 -32.27 43.73
CA THR A 624 -15.85 -31.80 44.78
C THR A 624 -16.49 -31.99 46.15
N GLY A 625 -15.66 -32.32 47.14
CA GLY A 625 -16.17 -32.57 48.47
C GLY A 625 -16.88 -33.89 48.63
N TYR A 626 -16.71 -34.82 47.71
CA TYR A 626 -17.37 -36.11 47.77
C TYR A 626 -16.40 -37.21 47.37
N GLN A 627 -16.67 -38.41 47.85
CA GLN A 627 -15.87 -39.59 47.53
C GLN A 627 -16.79 -40.74 47.21
N LYS A 628 -16.37 -41.57 46.27
CA LYS A 628 -17.14 -42.74 45.90
C LYS A 628 -16.99 -43.83 46.96
N SER A 629 -18.08 -44.55 47.21
CA SER A 629 -18.02 -45.70 48.09
C SER A 629 -17.11 -46.77 47.48
N GLU A 630 -16.43 -47.52 48.34
CA GLU A 630 -15.52 -48.55 47.87
C GLU A 630 -16.23 -49.60 47.04
N ASN A 631 -17.55 -49.74 47.18
CA ASN A 631 -18.34 -50.57 46.28
C ASN A 631 -18.64 -49.88 44.96
N LYS A 632 -18.32 -48.59 44.84
CA LYS A 632 -18.52 -47.83 43.62
C LYS A 632 -19.99 -47.88 43.18
N ARG A 633 -20.87 -47.59 44.15
CA ARG A 633 -22.30 -47.53 43.91
C ARG A 633 -22.87 -46.13 43.98
N MET A 634 -22.30 -45.26 44.82
CA MET A 634 -22.79 -43.91 44.97
C MET A 634 -21.68 -43.04 45.55
N CYS A 635 -21.96 -41.75 45.68
CA CYS A 635 -21.00 -40.77 46.16
C CYS A 635 -21.35 -40.35 47.58
N GLU A 636 -20.33 -40.19 48.42
CA GLU A 636 -20.50 -39.78 49.80
C GLU A 636 -19.57 -38.62 50.12
N PRO A 637 -19.87 -37.85 51.17
CA PRO A 637 -19.02 -36.69 51.49
C PRO A 637 -17.64 -37.05 52.01
N CYS A 638 -17.30 -38.34 51.99
CA CYS A 638 -16.04 -38.84 52.54
C CYS A 638 -15.91 -38.40 54.00
N PRO A 639 -14.70 -38.42 54.53
CA PRO A 639 -14.47 -38.04 55.92
C PRO A 639 -14.42 -36.52 56.05
N GLY A 640 -15.58 -35.87 55.92
CA GLY A 640 -15.65 -34.42 56.00
C GLY A 640 -15.42 -33.76 54.66
N GLY A 641 -15.46 -32.43 54.68
CA GLY A 641 -15.27 -31.65 53.48
C GLY A 641 -13.88 -31.81 52.88
N LYS A 642 -12.92 -32.19 53.70
CA LYS A 642 -11.54 -32.32 53.25
C LYS A 642 -11.28 -33.67 52.60
N CYS A 643 -11.90 -33.91 51.44
CA CYS A 643 -11.60 -35.09 50.63
C CYS A 643 -10.39 -34.78 49.73
N ASP A 644 -9.23 -34.65 50.39
CA ASP A 644 -8.05 -34.15 49.72
C ASP A 644 -7.49 -35.16 48.72
N LYS A 645 -6.62 -34.67 47.85
CA LYS A 645 -5.97 -35.50 46.83
C LYS A 645 -4.74 -34.76 46.34
N GLU A 646 -3.58 -35.42 46.42
CA GLU A 646 -2.32 -34.83 45.98
C GLU A 646 -2.00 -35.30 44.57
N CYS A 647 -1.34 -34.44 43.80
CA CYS A 647 -0.95 -34.74 42.44
C CYS A 647 0.39 -34.10 42.14
N SER A 648 1.05 -34.62 41.11
CA SER A 648 2.40 -34.17 40.78
C SER A 648 2.34 -32.97 39.85
N SER A 649 3.34 -32.09 39.98
CA SER A 649 3.45 -30.94 39.10
C SER A 649 3.97 -31.36 37.73
N GLY A 650 3.86 -30.46 36.77
CA GLY A 650 4.31 -30.76 35.43
C GLY A 650 4.09 -29.57 34.51
N LEU A 651 4.21 -29.85 33.21
CA LEU A 651 4.05 -28.84 32.17
C LEU A 651 2.66 -28.97 31.57
N ILE A 652 1.85 -27.91 31.72
CA ILE A 652 0.51 -27.89 31.16
C ILE A 652 0.63 -27.22 29.79
N ASP A 653 0.91 -28.03 28.77
CA ASP A 653 1.13 -27.50 27.43
C ASP A 653 -0.17 -27.28 26.65
N SER A 654 -1.29 -27.82 27.12
CA SER A 654 -2.54 -27.66 26.39
C SER A 654 -3.69 -27.92 27.33
N LEU A 655 -4.88 -27.47 26.92
CA LEU A 655 -6.06 -27.63 27.75
C LEU A 655 -6.30 -29.10 28.08
N GLU A 656 -6.22 -29.97 27.07
CA GLU A 656 -6.49 -31.38 27.30
C GLU A 656 -5.55 -31.95 28.35
N ARG A 657 -4.28 -31.53 28.32
CA ARG A 657 -3.34 -31.99 29.34
C ARG A 657 -3.75 -31.50 30.73
N ALA A 658 -4.51 -30.41 30.80
CA ALA A 658 -4.91 -29.87 32.10
C ALA A 658 -6.04 -30.67 32.73
N ARG A 659 -6.79 -31.42 31.92
CA ARG A 659 -7.95 -32.13 32.45
C ARG A 659 -7.54 -33.14 33.52
N GLU A 660 -6.45 -33.87 33.30
CA GLU A 660 -6.05 -34.93 34.22
C GLU A 660 -5.65 -34.41 35.60
N PHE A 661 -5.63 -33.10 35.81
CA PHE A 661 -5.41 -32.54 37.13
C PHE A 661 -6.71 -32.35 37.91
N HIS A 662 -7.85 -32.68 37.32
CA HIS A 662 -9.12 -32.50 37.99
C HIS A 662 -9.16 -33.27 39.31
N GLY A 663 -9.70 -32.63 40.34
CA GLY A 663 -9.83 -33.24 41.64
C GLY A 663 -8.59 -33.19 42.50
N CYS A 664 -7.51 -32.56 42.02
CA CYS A 664 -6.28 -32.49 42.81
C CYS A 664 -6.34 -31.29 43.75
N THR A 665 -6.22 -31.55 45.04
CA THR A 665 -6.23 -30.49 46.03
C THR A 665 -4.83 -29.98 46.37
N ILE A 666 -3.82 -30.83 46.24
CA ILE A 666 -2.44 -30.47 46.57
C ILE A 666 -1.56 -30.79 45.37
N ILE A 667 -0.70 -29.85 45.01
CA ILE A 667 0.29 -30.03 43.96
C ILE A 667 1.66 -30.04 44.59
N THR A 668 2.46 -31.05 44.28
CA THR A 668 3.78 -31.21 44.86
C THR A 668 4.74 -31.75 43.82
N GLY A 669 6.02 -31.54 44.06
CA GLY A 669 7.07 -31.99 43.17
C GLY A 669 8.10 -30.89 42.98
N THR A 670 9.37 -31.28 42.94
CA THR A 670 10.44 -30.30 42.78
C THR A 670 10.31 -29.53 41.48
N GLU A 671 9.71 -30.12 40.45
CA GLU A 671 9.54 -29.43 39.19
C GLU A 671 8.46 -28.36 39.34
N PRO A 672 8.75 -27.09 39.04
CA PRO A 672 7.70 -26.07 39.13
C PRO A 672 6.55 -26.36 38.19
N LEU A 673 5.34 -26.06 38.64
CA LEU A 673 4.17 -26.19 37.79
C LEU A 673 4.15 -25.03 36.80
N THR A 674 4.23 -25.35 35.50
CA THR A 674 4.31 -24.36 34.46
C THR A 674 3.06 -24.42 33.59
N ILE A 675 2.41 -23.26 33.41
CA ILE A 675 1.26 -23.13 32.52
C ILE A 675 1.74 -22.47 31.25
N SER A 676 1.56 -23.15 30.12
CA SER A 676 2.05 -22.64 28.85
C SER A 676 1.03 -22.83 27.74
N ILE A 677 -0.26 -22.94 28.08
CA ILE A 677 -1.28 -23.17 27.07
C ILE A 677 -1.27 -22.01 26.08
N LYS A 678 -1.28 -22.34 24.80
CA LYS A 678 -1.21 -21.33 23.74
C LYS A 678 -2.31 -21.64 22.74
N ARG A 679 -3.29 -20.74 22.64
CA ARG A 679 -4.44 -20.92 21.79
C ARG A 679 -4.59 -19.72 20.86
N GLU A 680 -5.13 -19.97 19.67
CA GLU A 680 -5.38 -18.88 18.74
C GLU A 680 -6.32 -17.84 19.33
N SER A 681 -7.10 -18.21 20.34
CA SER A 681 -7.95 -17.26 21.05
C SER A 681 -8.48 -17.95 22.29
N GLY A 682 -8.67 -17.17 23.35
CA GLY A 682 -9.13 -17.71 24.61
C GLY A 682 -10.62 -17.91 24.65
N ALA A 683 -11.20 -18.32 23.52
CA ALA A 683 -12.64 -18.46 23.42
C ALA A 683 -13.20 -19.51 24.36
N HIS A 684 -12.44 -20.55 24.71
CA HIS A 684 -12.97 -21.63 25.54
C HIS A 684 -11.96 -22.11 26.57
N VAL A 685 -10.88 -21.36 26.80
CA VAL A 685 -9.81 -21.84 27.68
C VAL A 685 -10.30 -21.90 29.13
N MET A 686 -11.00 -20.88 29.59
CA MET A 686 -11.33 -20.80 31.01
C MET A 686 -12.23 -21.96 31.43
N ASP A 687 -13.23 -22.29 30.61
CA ASP A 687 -14.15 -23.35 30.98
C ASP A 687 -13.44 -24.66 31.24
N GLU A 688 -12.33 -24.91 30.54
CA GLU A 688 -11.59 -26.15 30.70
C GLU A 688 -10.57 -26.06 31.83
N LEU A 689 -9.84 -24.94 31.91
CA LEU A 689 -8.85 -24.81 32.96
C LEU A 689 -9.50 -24.80 34.34
N LYS A 690 -10.69 -24.20 34.45
CA LYS A 690 -11.38 -24.21 35.73
C LYS A 690 -11.68 -25.63 36.17
N TYR A 691 -12.22 -26.44 35.26
CA TYR A 691 -12.45 -27.84 35.59
C TYR A 691 -11.16 -28.56 35.93
N GLY A 692 -10.07 -28.20 35.26
CA GLY A 692 -8.81 -28.90 35.49
C GLY A 692 -8.21 -28.62 36.85
N LEU A 693 -8.18 -27.35 37.25
CA LEU A 693 -7.38 -26.92 38.39
C LEU A 693 -8.14 -26.22 39.50
N ALA A 694 -9.43 -25.95 39.34
CA ALA A 694 -10.16 -25.21 40.36
C ALA A 694 -10.16 -25.90 41.71
N ALA A 695 -9.92 -27.21 41.75
CA ALA A 695 -9.96 -27.93 43.02
C ALA A 695 -8.75 -27.61 43.89
N VAL A 696 -7.60 -27.29 43.30
CA VAL A 696 -6.38 -27.11 44.07
C VAL A 696 -6.53 -25.93 45.02
N HIS A 697 -5.94 -26.05 46.21
CA HIS A 697 -5.93 -24.96 47.18
C HIS A 697 -4.54 -24.60 47.67
N LYS A 698 -3.58 -25.52 47.68
CA LYS A 698 -2.22 -25.24 48.07
C LYS A 698 -1.27 -25.87 47.06
N ILE A 699 -0.20 -25.15 46.75
CA ILE A 699 0.85 -25.64 45.86
C ILE A 699 2.15 -25.70 46.65
N GLN A 700 2.80 -26.86 46.62
CA GLN A 700 4.04 -27.02 47.37
C GLN A 700 5.24 -26.45 46.61
N SER A 701 5.15 -26.38 45.29
CA SER A 701 6.23 -25.88 44.45
C SER A 701 5.84 -24.52 43.86
N SER A 702 6.77 -23.94 43.12
CA SER A 702 6.55 -22.62 42.54
C SER A 702 5.59 -22.73 41.36
N LEU A 703 5.04 -21.57 40.97
CA LEU A 703 4.14 -21.48 39.84
C LEU A 703 4.81 -20.66 38.75
N MET A 704 4.75 -21.14 37.51
CA MET A 704 5.33 -20.46 36.37
C MET A 704 4.29 -20.35 35.27
N VAL A 705 4.19 -19.18 34.67
CA VAL A 705 3.26 -18.95 33.57
C VAL A 705 3.96 -18.15 32.48
N HIS A 706 4.45 -18.81 31.45
CA HIS A 706 5.20 -18.12 30.42
C HIS A 706 4.89 -18.69 29.04
N LEU A 707 5.06 -17.84 28.03
CA LEU A 707 4.82 -18.20 26.63
C LEU A 707 3.38 -18.66 26.40
N THR A 708 2.43 -18.02 27.09
CA THR A 708 1.02 -18.36 26.93
C THR A 708 0.36 -17.46 25.89
N TYR A 709 -0.60 -18.04 25.18
CA TYR A 709 -1.41 -17.32 24.20
C TYR A 709 -2.86 -17.65 24.46
N GLY A 710 -3.66 -16.63 24.79
CA GLY A 710 -5.06 -16.85 25.07
C GLY A 710 -5.41 -16.97 26.53
N LEU A 711 -4.48 -16.68 27.44
CA LEU A 711 -4.82 -16.61 28.86
C LEU A 711 -5.35 -15.22 29.20
N LYS A 712 -6.55 -15.17 29.77
CA LYS A 712 -7.13 -13.89 30.14
C LYS A 712 -6.83 -13.53 31.59
N SER A 713 -6.67 -14.52 32.45
CA SER A 713 -6.35 -14.26 33.85
C SER A 713 -6.14 -15.59 34.56
N LEU A 714 -5.59 -15.51 35.77
CA LEU A 714 -5.41 -16.68 36.62
C LEU A 714 -6.61 -16.93 37.51
N LYS A 715 -7.80 -16.46 37.12
CA LYS A 715 -8.97 -16.62 37.96
C LYS A 715 -9.26 -18.07 38.28
N PHE A 716 -8.93 -18.99 37.37
CA PHE A 716 -9.35 -20.38 37.52
C PHE A 716 -8.72 -21.06 38.73
N PHE A 717 -7.69 -20.47 39.33
CA PHE A 717 -7.22 -20.97 40.62
C PHE A 717 -8.22 -20.56 41.70
N GLN A 718 -9.41 -21.16 41.65
CA GLN A 718 -10.52 -20.64 42.45
C GLN A 718 -10.27 -20.77 43.95
N SER A 719 -9.54 -21.80 44.37
CA SER A 719 -9.35 -22.06 45.79
C SER A 719 -7.88 -21.97 46.22
N LEU A 720 -6.99 -21.51 45.36
CA LEU A 720 -5.59 -21.40 45.72
C LEU A 720 -5.41 -20.42 46.88
N THR A 721 -4.62 -20.80 47.87
CA THR A 721 -4.36 -19.94 49.02
C THR A 721 -2.90 -19.88 49.46
N GLU A 722 -2.03 -20.77 49.00
CA GLU A 722 -0.66 -20.80 49.48
C GLU A 722 0.23 -21.38 48.39
N ILE A 723 1.41 -20.78 48.21
CA ILE A 723 2.35 -21.20 47.17
C ILE A 723 3.57 -21.93 47.74
N SER A 724 4.03 -21.56 48.94
CA SER A 724 5.07 -22.30 49.64
C SER A 724 6.46 -22.10 49.03
N GLY A 725 6.53 -21.42 47.89
CA GLY A 725 7.80 -21.03 47.31
C GLY A 725 8.96 -21.97 47.53
N ASP A 726 8.76 -23.28 47.36
CA ASP A 726 9.84 -24.23 47.62
C ASP A 726 11.07 -23.85 46.81
N PRO A 727 11.00 -23.81 45.47
CA PRO A 727 12.15 -23.21 44.78
C PRO A 727 12.36 -21.75 45.16
N ALA A 731 14.00 -22.47 39.42
CA ALA A 731 13.11 -21.47 39.99
C ALA A 731 13.55 -21.11 41.41
N ASP A 732 14.87 -21.19 41.65
CA ASP A 732 15.41 -20.84 42.96
C ASP A 732 15.22 -19.36 43.23
N LYS A 733 14.77 -19.04 44.44
CA LYS A 733 14.59 -17.67 44.91
C LYS A 733 13.40 -17.00 44.22
N TYR A 734 12.71 -17.71 43.33
CA TYR A 734 11.52 -17.21 42.67
C TYR A 734 10.37 -18.17 42.95
N ALA A 735 9.26 -17.65 43.47
CA ALA A 735 8.11 -18.49 43.74
C ALA A 735 7.06 -18.38 42.65
N LEU A 736 6.89 -17.18 42.10
CA LEU A 736 5.95 -16.94 41.02
C LEU A 736 6.70 -16.37 39.82
N TYR A 737 6.35 -16.83 38.63
CA TYR A 737 7.15 -16.57 37.43
C TYR A 737 6.20 -16.30 36.28
N VAL A 738 6.23 -15.08 35.75
CA VAL A 738 5.32 -14.69 34.68
C VAL A 738 6.10 -13.98 33.60
N LEU A 739 6.26 -14.62 32.44
CA LEU A 739 7.14 -14.13 31.39
C LEU A 739 6.48 -14.31 30.03
N ASP A 740 6.41 -13.22 29.25
CA ASP A 740 6.03 -13.31 27.86
C ASP A 740 4.65 -13.95 27.66
N ASN A 741 3.60 -13.28 28.14
CA ASN A 741 2.23 -13.73 27.96
C ASN A 741 1.46 -12.62 27.25
N ARG A 742 1.35 -12.72 25.94
CA ARG A 742 0.81 -11.61 25.15
C ARG A 742 -0.70 -11.57 25.18
N ASP A 743 -1.31 -12.28 26.13
CA ASP A 743 -2.75 -12.16 26.36
C ASP A 743 -3.14 -12.04 27.82
N LEU A 744 -2.22 -12.28 28.75
CA LEU A 744 -2.55 -12.21 30.17
C LEU A 744 -3.03 -10.81 30.52
N ASP A 745 -4.13 -10.71 31.26
CA ASP A 745 -4.76 -9.43 31.57
C ASP A 745 -4.76 -9.08 33.05
N GLU A 746 -5.08 -10.03 33.92
CA GLU A 746 -5.12 -9.72 35.35
C GLU A 746 -4.86 -10.97 36.17
N LEU A 747 -4.43 -10.75 37.41
CA LEU A 747 -4.10 -11.83 38.34
C LEU A 747 -5.35 -12.25 39.09
N TRP A 748 -5.19 -13.02 40.17
CA TRP A 748 -6.32 -13.61 40.87
C TRP A 748 -7.42 -12.59 41.08
N GLY A 749 -8.65 -13.09 41.19
CA GLY A 749 -9.80 -12.25 41.43
C GLY A 749 -9.62 -11.39 42.65
N PRO A 750 -10.41 -10.31 42.75
CA PRO A 750 -10.19 -9.34 43.84
C PRO A 750 -10.27 -9.97 45.22
N ASN A 751 -11.17 -10.92 45.45
CA ASN A 751 -11.33 -11.49 46.78
C ASN A 751 -10.37 -12.63 47.04
N GLN A 752 -9.56 -13.02 46.07
CA GLN A 752 -8.57 -14.05 46.29
C GLN A 752 -7.33 -13.49 46.98
N THR A 753 -6.63 -14.34 47.71
CA THR A 753 -5.39 -13.96 48.38
C THR A 753 -4.53 -15.21 48.51
N VAL A 754 -3.34 -15.15 47.92
CA VAL A 754 -2.40 -16.27 47.94
C VAL A 754 -1.19 -15.85 48.76
N PHE A 755 -0.84 -16.65 49.75
CA PHE A 755 0.29 -16.35 50.63
C PHE A 755 1.54 -17.01 50.05
N ILE A 756 2.46 -16.19 49.53
CA ILE A 756 3.72 -16.68 49.00
C ILE A 756 4.66 -16.80 50.19
N ARG A 757 4.80 -18.01 50.71
CA ARG A 757 5.55 -18.22 51.94
C ARG A 757 7.02 -17.87 51.79
N LYS A 758 7.63 -18.14 50.64
CA LYS A 758 9.07 -17.96 50.48
C LYS A 758 9.36 -17.42 49.09
N GLY A 759 10.48 -16.70 48.98
CA GLY A 759 10.94 -16.21 47.69
C GLY A 759 10.18 -14.97 47.25
N GLY A 760 10.63 -14.43 46.11
CA GLY A 760 10.02 -13.29 45.49
C GLY A 760 9.17 -13.68 44.29
N VAL A 761 8.95 -12.70 43.42
CA VAL A 761 8.17 -12.91 42.20
C VAL A 761 8.90 -12.25 41.04
N PHE A 762 8.56 -12.70 39.83
CA PHE A 762 9.19 -12.20 38.61
C PHE A 762 8.09 -11.87 37.62
N PHE A 763 8.25 -10.77 36.88
CA PHE A 763 7.27 -10.36 35.89
C PHE A 763 8.00 -9.72 34.73
N HIS A 764 7.53 -9.97 33.51
CA HIS A 764 8.19 -9.43 32.32
C HIS A 764 7.36 -9.76 31.09
N PHE A 765 7.42 -8.86 30.11
CA PHE A 765 6.74 -9.01 28.83
C PHE A 765 5.32 -9.53 29.03
N ASN A 766 4.52 -8.72 29.68
CA ASN A 766 3.09 -8.99 29.81
C ASN A 766 2.35 -7.78 29.27
N PRO A 767 2.26 -7.64 27.95
CA PRO A 767 1.84 -6.35 27.39
C PRO A 767 0.51 -5.84 27.92
N LYS A 768 -0.43 -6.71 28.23
CA LYS A 768 -1.74 -6.26 28.70
C LYS A 768 -1.89 -6.33 30.21
N LEU A 769 -0.87 -6.75 30.94
CA LEU A 769 -0.97 -6.82 32.40
C LEU A 769 -0.66 -5.45 32.99
N CYS A 770 -1.64 -4.85 33.66
CA CYS A 770 -1.48 -3.50 34.18
C CYS A 770 -0.64 -3.52 35.45
N VAL A 771 0.30 -2.59 35.54
CA VAL A 771 1.19 -2.57 36.70
C VAL A 771 0.41 -2.37 37.98
N SER A 772 -0.75 -1.71 37.89
CA SER A 772 -1.59 -1.56 39.08
C SER A 772 -2.01 -2.92 39.62
N THR A 773 -2.34 -3.86 38.74
CA THR A 773 -2.70 -5.20 39.18
C THR A 773 -1.49 -5.92 39.80
N ILE A 774 -0.30 -5.66 39.29
CA ILE A 774 0.91 -6.27 39.87
C ILE A 774 1.03 -5.88 41.33
N ASN A 775 0.84 -4.59 41.64
CA ASN A 775 1.07 -4.09 42.97
C ASN A 775 0.10 -4.65 44.00
N GLN A 776 -0.97 -5.31 43.58
CA GLN A 776 -1.87 -5.92 44.55
C GLN A 776 -1.21 -7.09 45.26
N LEU A 777 -0.08 -7.59 44.75
CA LEU A 777 0.60 -8.71 45.39
C LEU A 777 1.53 -8.27 46.51
N LEU A 778 1.80 -6.98 46.65
CA LEU A 778 2.76 -6.51 47.65
C LEU A 778 2.44 -7.00 49.05
N PRO A 779 1.22 -6.86 49.58
CA PRO A 779 0.94 -7.37 50.92
C PRO A 779 0.85 -8.89 50.99
N MET A 780 0.94 -9.58 49.86
CA MET A 780 0.77 -11.03 49.83
C MET A 780 2.06 -11.79 50.08
N LEU A 781 3.21 -11.17 49.85
CA LEU A 781 4.48 -11.84 50.12
C LEU A 781 4.66 -12.04 51.61
N ALA A 782 5.49 -13.02 51.96
CA ALA A 782 5.72 -13.31 53.37
C ALA A 782 6.35 -12.12 54.08
N SER A 783 7.32 -11.48 53.45
CA SER A 783 7.99 -10.32 54.04
C SER A 783 7.17 -9.05 53.93
N LYS A 784 6.15 -9.02 53.08
CA LYS A 784 5.28 -7.86 52.93
C LYS A 784 6.10 -6.60 52.69
N PRO A 785 6.90 -6.55 51.64
CA PRO A 785 7.64 -5.31 51.34
C PRO A 785 6.71 -4.23 50.82
N LYS A 786 7.18 -2.99 50.89
CA LYS A 786 6.40 -1.85 50.43
C LYS A 786 6.53 -1.62 48.93
N PHE A 787 7.49 -2.24 48.27
CA PHE A 787 7.65 -2.09 46.84
C PHE A 787 8.50 -3.23 46.30
N PHE A 788 8.25 -3.60 45.05
CA PHE A 788 9.04 -4.63 44.40
C PHE A 788 10.43 -4.12 44.07
N GLU A 789 11.41 -5.03 44.10
CA GLU A 789 12.74 -4.67 43.66
C GLU A 789 12.71 -4.35 42.17
N LYS A 790 13.53 -3.38 41.76
CA LYS A 790 13.58 -3.00 40.36
C LYS A 790 14.20 -4.08 39.47
N SER A 791 14.79 -5.12 40.07
CA SER A 791 15.38 -6.20 39.30
C SER A 791 14.45 -7.40 39.15
N ASP A 792 13.20 -7.31 39.60
CA ASP A 792 12.28 -8.43 39.54
C ASP A 792 10.96 -8.14 38.84
N VAL A 793 10.58 -6.88 38.67
CA VAL A 793 9.37 -6.52 37.95
C VAL A 793 9.68 -5.28 37.10
N GLY A 794 9.47 -5.39 35.80
CA GLY A 794 9.71 -4.27 34.93
C GLY A 794 8.64 -3.22 35.03
N ALA A 795 8.93 -2.04 34.48
CA ALA A 795 7.99 -0.94 34.43
C ALA A 795 7.41 -0.72 33.04
N ASP A 796 8.22 -0.92 31.99
CA ASP A 796 7.75 -0.86 30.62
C ASP A 796 7.50 -2.25 30.05
N SER A 797 8.16 -3.27 30.57
CA SER A 797 7.95 -4.63 30.09
C SER A 797 6.53 -5.12 30.32
N ASN A 798 5.83 -4.57 31.31
CA ASN A 798 4.49 -5.01 31.68
C ASN A 798 3.49 -3.90 31.42
N GLY A 799 2.39 -4.23 30.75
CA GLY A 799 1.30 -3.30 30.59
C GLY A 799 1.59 -2.12 29.69
N ASN A 800 2.55 -2.24 28.79
CA ASN A 800 2.87 -1.13 27.90
C ASN A 800 1.83 -0.93 26.81
N ARG A 801 0.96 -1.90 26.58
CA ARG A 801 0.03 -1.85 25.46
C ARG A 801 -1.44 -1.97 25.86
N GLY A 802 -1.73 -2.32 27.11
CA GLY A 802 -3.13 -2.44 27.53
C GLY A 802 -3.60 -1.21 28.27
N SER A 803 -4.79 -0.74 27.89
CA SER A 803 -5.37 0.42 28.57
C SER A 803 -5.63 0.12 30.04
N CYS A 804 -6.13 -1.08 30.34
CA CYS A 804 -6.37 -1.54 31.71
C CYS A 804 -7.07 -0.50 32.57
N GLY A 805 -6.34 0.09 33.51
CA GLY A 805 -6.97 0.91 34.53
C GLY A 805 -7.03 2.38 34.19
N THR A 806 -6.31 3.20 34.96
CA THR A 806 -6.36 4.65 34.78
C THR A 806 -7.75 5.17 35.13
N ALA A 807 -8.07 6.37 34.66
CA ALA A 807 -9.40 6.94 34.86
C ALA A 807 -9.77 7.78 33.64
N VAL A 808 -11.06 7.86 33.37
CA VAL A 808 -11.54 8.58 32.20
C VAL A 808 -11.44 10.08 32.45
N LEU A 809 -11.03 10.83 31.43
CA LEU A 809 -10.87 12.27 31.52
C LEU A 809 -11.85 12.94 30.55
N ASN A 810 -12.56 13.95 31.03
CA ASN A 810 -13.58 14.64 30.24
C ASN A 810 -12.93 15.83 29.54
N VAL A 811 -12.84 15.74 28.22
CA VAL A 811 -12.33 16.85 27.42
C VAL A 811 -13.48 17.45 26.61
N THR A 812 -13.54 18.78 26.57
CA THR A 812 -14.61 19.48 25.88
C THR A 812 -14.02 20.56 24.99
N LEU A 813 -14.68 20.81 23.87
CA LEU A 813 -14.23 21.81 22.91
C LEU A 813 -14.89 23.14 23.22
N GLN A 814 -14.10 24.19 23.34
CA GLN A 814 -14.63 25.49 23.75
C GLN A 814 -14.97 26.39 22.56
N SER A 815 -13.99 26.70 21.73
CA SER A 815 -14.22 27.59 20.59
C SER A 815 -13.42 27.09 19.39
N VAL A 816 -13.92 27.41 18.20
CA VAL A 816 -13.31 26.97 16.96
C VAL A 816 -13.24 28.13 15.98
N GLY A 817 -12.44 27.93 14.93
CA GLY A 817 -12.29 28.94 13.89
C GLY A 817 -12.02 28.28 12.55
N ALA A 818 -11.62 29.08 11.56
CA ALA A 818 -11.28 28.51 10.25
C ALA A 818 -9.88 27.91 10.27
N ASN A 819 -9.07 28.21 11.28
CA ASN A 819 -7.69 27.77 11.34
C ASN A 819 -7.27 27.25 12.70
N SER A 820 -8.12 27.33 13.72
CA SER A 820 -7.69 27.05 15.08
C SER A 820 -8.86 26.54 15.89
N ALA A 821 -8.53 25.93 17.03
CA ALA A 821 -9.52 25.45 17.99
C ALA A 821 -8.90 25.52 19.38
N MET A 822 -9.77 25.48 20.40
CA MET A 822 -9.33 25.58 21.78
C MET A 822 -10.10 24.57 22.63
N LEU A 823 -9.38 23.96 23.58
CA LEU A 823 -9.89 22.82 24.32
C LEU A 823 -9.85 23.08 25.82
N ASN A 824 -10.84 22.55 26.52
CA ASN A 824 -10.86 22.47 27.98
C ASN A 824 -10.65 21.03 28.42
N VAL A 825 -10.49 20.86 29.73
CA VAL A 825 -10.55 19.55 30.36
C VAL A 825 -11.36 19.72 31.65
N THR A 826 -12.65 19.39 31.58
CA THR A 826 -13.55 19.70 32.68
C THR A 826 -13.16 18.98 33.96
N THR A 827 -12.68 17.74 33.87
CA THR A 827 -12.36 16.97 35.06
C THR A 827 -11.31 17.71 35.89
N LYS A 828 -11.55 17.79 37.19
CA LYS A 828 -10.61 18.46 38.09
C LYS A 828 -9.36 17.61 38.26
N VAL A 829 -8.36 18.20 38.92
CA VAL A 829 -7.12 17.51 39.24
C VAL A 829 -6.67 17.98 40.62
N GLU A 830 -6.77 17.12 41.62
CA GLU A 830 -6.26 17.42 42.95
C GLU A 830 -4.77 17.11 43.00
N ILE A 831 -4.03 17.95 43.71
CA ILE A 831 -2.57 17.89 43.74
C ILE A 831 -2.12 17.73 45.18
N GLY A 832 -1.15 16.84 45.40
CA GLY A 832 -0.68 16.60 46.76
C GLY A 832 -1.83 16.14 47.63
N GLU A 833 -1.96 16.76 48.80
CA GLU A 833 -3.08 16.47 49.67
C GLU A 833 -4.36 16.88 48.96
N PRO A 834 -5.35 15.99 48.82
CA PRO A 834 -6.56 16.35 48.06
C PRO A 834 -7.26 17.53 48.70
N GLN A 835 -7.48 18.59 47.90
CA GLN A 835 -8.07 19.80 48.42
C GLN A 835 -9.44 19.51 49.03
N LYS A 836 -10.26 18.71 48.35
CA LYS A 836 -11.52 18.25 48.89
C LYS A 836 -11.78 16.84 48.38
N PRO A 837 -11.98 15.88 49.28
CA PRO A 837 -12.17 14.48 48.82
C PRO A 837 -13.42 14.33 47.96
N SER A 838 -13.50 13.17 47.32
CA SER A 838 -14.70 12.77 46.59
C SER A 838 -14.94 13.61 45.35
N ASN A 839 -15.90 13.19 44.53
CA ASN A 839 -16.31 13.91 43.32
C ASN A 839 -15.18 13.96 42.29
N ALA A 840 -14.71 12.77 41.92
CA ALA A 840 -13.77 12.58 40.81
C ALA A 840 -12.55 13.50 40.96
N THR A 841 -11.82 13.27 42.04
CA THR A 841 -10.65 14.09 42.33
C THR A 841 -9.49 13.81 41.38
N ILE A 842 -9.23 12.54 41.06
CA ILE A 842 -8.11 12.17 40.21
C ILE A 842 -6.84 12.75 40.81
N VAL A 843 -6.56 12.40 42.06
CA VAL A 843 -5.49 13.07 42.81
C VAL A 843 -4.13 12.62 42.31
N PHE A 844 -3.20 13.56 42.28
CA PHE A 844 -1.77 13.26 42.24
C PHE A 844 -1.22 13.53 43.63
N LYS A 845 -0.60 12.53 44.23
CA LYS A 845 -0.18 12.64 45.62
C LYS A 845 1.09 13.45 45.80
N ASP A 846 1.55 14.19 44.80
CA ASP A 846 2.74 15.00 44.92
C ASP A 846 2.71 16.13 43.89
N PRO A 847 2.86 17.39 44.29
CA PRO A 847 2.93 18.46 43.29
C PRO A 847 4.05 18.26 42.29
N ARG A 848 5.15 17.65 42.71
CA ARG A 848 6.25 17.38 41.80
C ARG A 848 5.86 16.38 40.71
N ALA A 849 4.92 15.48 41.01
CA ALA A 849 4.66 14.35 40.12
C ALA A 849 3.95 14.77 38.83
N PHE A 850 2.92 15.61 38.94
CA PHE A 850 2.03 15.87 37.81
C PHE A 850 2.75 16.76 36.79
N ILE A 851 3.18 16.15 35.69
CA ILE A 851 3.84 16.92 34.64
C ILE A 851 2.85 17.85 33.96
N GLY A 852 1.69 17.33 33.57
CA GLY A 852 0.70 18.14 32.88
C GLY A 852 -0.11 17.35 31.86
N PHE A 853 -1.03 18.03 31.17
CA PHE A 853 -1.83 17.39 30.14
C PHE A 853 -1.12 17.43 28.81
N VAL A 854 -1.32 16.38 28.02
CA VAL A 854 -0.76 16.27 26.67
C VAL A 854 -1.92 16.09 25.70
N PHE A 855 -1.95 16.91 24.65
CA PHE A 855 -3.04 16.89 23.68
C PHE A 855 -2.53 16.36 22.35
N TYR A 856 -3.39 15.59 21.67
CA TYR A 856 -3.10 15.06 20.35
C TYR A 856 -4.18 15.52 19.38
N HIS A 857 -3.83 15.59 18.10
CA HIS A 857 -4.80 15.87 17.06
C HIS A 857 -4.22 15.47 15.72
N MET A 858 -5.12 15.17 14.78
CA MET A 858 -4.70 14.66 13.48
C MET A 858 -5.92 14.60 12.57
N ILE A 859 -5.68 14.81 11.28
CA ILE A 859 -6.76 14.86 10.31
C ILE A 859 -7.34 13.46 10.09
N ASP A 860 -8.65 13.34 10.24
CA ASP A 860 -9.34 12.06 10.05
C ASP A 860 -10.74 12.35 9.54
N PRO A 861 -10.96 12.24 8.22
CA PRO A 861 -12.32 12.49 7.70
C PRO A 861 -13.37 11.58 8.30
N TYR A 862 -13.03 10.31 8.55
CA TYR A 862 -14.01 9.35 9.04
C TYR A 862 -14.15 9.36 10.56
N GLY A 863 -13.25 10.04 11.26
CA GLY A 863 -13.34 10.10 12.71
C GLY A 863 -13.32 8.73 13.38
N ASN A 864 -12.49 7.81 12.89
CA ASN A 864 -12.41 6.47 13.47
C ASN A 864 -10.98 6.00 13.67
N SER A 865 -10.00 6.90 13.69
CA SER A 865 -8.63 6.49 13.98
C SER A 865 -8.52 6.00 15.42
N THR A 866 -7.57 5.10 15.65
CA THR A 866 -7.55 4.36 16.91
C THR A 866 -6.89 5.14 18.04
N LYS A 867 -5.59 5.40 17.94
CA LYS A 867 -4.83 5.99 19.03
C LYS A 867 -3.37 6.12 18.57
N SER A 868 -2.59 6.85 19.37
CA SER A 868 -1.15 6.88 19.14
C SER A 868 -0.53 5.57 19.59
N SER A 869 0.21 4.93 18.69
CA SER A 869 0.82 3.65 18.98
C SER A 869 2.03 3.83 19.89
N ASP A 870 2.48 2.71 20.47
CA ASP A 870 3.62 2.73 21.38
C ASP A 870 4.96 2.59 20.68
N ASP A 871 4.97 2.43 19.35
CA ASP A 871 6.20 2.14 18.63
C ASP A 871 6.49 3.22 17.59
N PRO A 872 7.75 3.38 17.20
CA PRO A 872 8.08 4.39 16.17
C PRO A 872 7.40 4.06 14.86
N CYS A 873 7.21 5.12 14.05
CA CYS A 873 6.42 5.05 12.82
C CYS A 873 4.97 4.73 13.14
N ASP A 874 4.07 5.15 12.26
CA ASP A 874 2.63 5.11 12.48
C ASP A 874 2.21 5.96 13.68
N ASP A 875 3.12 6.78 14.21
CA ASP A 875 2.79 7.77 15.23
C ASP A 875 2.44 9.09 14.54
N ARG A 876 1.33 9.05 13.81
CA ARG A 876 0.89 10.18 12.98
C ARG A 876 0.26 11.30 13.78
N TRP A 877 0.03 11.12 15.07
CA TRP A 877 -0.57 12.18 15.88
C TRP A 877 0.43 13.29 16.13
N LYS A 878 0.00 14.54 15.92
CA LYS A 878 0.85 15.70 16.15
C LYS A 878 0.78 16.09 17.64
N VAL A 879 1.47 15.29 18.44
CA VAL A 879 1.39 15.45 19.89
C VAL A 879 1.90 16.83 20.28
N SER A 880 1.14 17.51 21.13
CA SER A 880 1.57 18.81 21.65
C SER A 880 2.39 18.62 22.92
N SER A 881 3.06 19.70 23.33
CA SER A 881 3.86 19.65 24.52
C SER A 881 2.98 19.67 25.77
N PRO A 882 3.44 19.09 26.88
CA PRO A 882 2.60 19.05 28.08
C PRO A 882 2.27 20.45 28.58
N GLU A 883 1.05 20.58 29.11
CA GLU A 883 0.57 21.85 29.65
C GLU A 883 -0.08 21.60 31.00
N LYS A 884 0.29 22.43 31.99
CA LYS A 884 -0.24 22.27 33.33
C LYS A 884 -1.68 22.79 33.46
N SER A 885 -2.00 23.89 32.81
CA SER A 885 -3.28 24.56 33.03
C SER A 885 -4.47 23.74 32.58
N GLY A 886 -4.27 22.81 31.65
CA GLY A 886 -5.40 22.11 31.06
C GLY A 886 -6.09 22.85 29.95
N VAL A 887 -5.62 24.06 29.64
CA VAL A 887 -6.16 24.86 28.54
C VAL A 887 -5.15 24.83 27.41
N MET A 888 -5.60 24.40 26.23
CA MET A 888 -4.72 24.23 25.09
C MET A 888 -5.37 24.85 23.86
N VAL A 889 -4.53 25.29 22.92
CA VAL A 889 -4.96 25.90 21.68
C VAL A 889 -4.33 25.15 20.52
N LEU A 890 -5.14 24.81 19.53
CA LEU A 890 -4.66 24.22 18.29
C LEU A 890 -4.68 25.29 17.20
N SER A 891 -3.59 25.41 16.47
CA SER A 891 -3.45 26.44 15.45
C SER A 891 -3.19 25.79 14.10
N ASN A 892 -2.87 26.62 13.12
CA ASN A 892 -2.52 26.20 11.75
C ASN A 892 -3.33 24.98 11.31
N LEU A 893 -4.65 25.04 11.47
CA LEU A 893 -5.51 23.94 11.05
C LEU A 893 -6.03 24.18 9.65
N ILE A 894 -6.23 23.10 8.91
CA ILE A 894 -6.83 23.20 7.57
C ILE A 894 -8.32 23.50 7.73
N PRO A 895 -8.83 24.59 7.18
CA PRO A 895 -10.25 24.90 7.36
C PRO A 895 -11.14 23.80 6.81
N TYR A 896 -12.28 23.62 7.47
CA TYR A 896 -13.26 22.62 7.08
C TYR A 896 -12.61 21.26 6.85
N THR A 897 -12.04 20.73 7.92
CA THR A 897 -11.51 19.37 7.94
C THR A 897 -11.88 18.73 9.27
N ASN A 898 -12.22 17.45 9.23
CA ASN A 898 -12.67 16.74 10.42
C ASN A 898 -11.46 16.23 11.18
N TYR A 899 -11.12 16.89 12.28
CA TYR A 899 -10.01 16.49 13.13
C TYR A 899 -10.50 15.52 14.20
N SER A 900 -9.54 14.81 14.79
CA SER A 900 -9.80 13.95 15.94
C SER A 900 -8.74 14.23 17.00
N TYR A 901 -9.17 14.30 18.25
CA TYR A 901 -8.28 14.69 19.34
C TYR A 901 -8.62 13.91 20.59
N TYR A 902 -7.64 13.83 21.48
CA TYR A 902 -7.82 13.20 22.79
C TYR A 902 -6.71 13.70 23.71
N VAL A 903 -6.94 13.58 25.01
CA VAL A 903 -6.07 14.12 26.02
C VAL A 903 -5.59 13.00 26.93
N ARG A 904 -4.29 12.97 27.20
CA ARG A 904 -3.69 11.98 28.09
C ARG A 904 -2.79 12.68 29.08
N THR A 905 -2.84 12.27 30.33
CA THR A 905 -1.98 12.82 31.37
C THR A 905 -0.67 12.06 31.43
N MET A 906 0.27 12.59 32.22
CA MET A 906 1.55 11.93 32.43
C MET A 906 2.14 12.47 33.73
N ALA A 907 3.07 11.70 34.29
CA ALA A 907 3.66 12.02 35.58
C ALA A 907 5.10 11.55 35.62
N ILE A 908 5.82 12.00 36.66
CA ILE A 908 7.22 11.66 36.80
C ILE A 908 7.39 10.20 37.18
N SER A 909 8.49 9.60 36.72
CA SER A 909 8.86 8.24 37.09
C SER A 909 7.73 7.26 36.79
N SER A 910 6.89 7.59 35.81
CA SER A 910 5.79 6.72 35.42
C SER A 910 4.91 6.38 36.60
N GLU A 911 4.64 7.36 37.46
CA GLU A 911 3.76 7.13 38.60
C GLU A 911 2.41 6.64 38.11
N LEU A 912 1.94 5.53 38.69
CA LEU A 912 0.86 4.76 38.06
C LEU A 912 -0.49 5.46 38.11
N THR A 913 -0.64 6.51 38.92
CA THR A 913 -1.89 7.25 38.96
C THR A 913 -1.95 8.19 37.76
N ASN A 914 -2.79 7.84 36.78
CA ASN A 914 -2.89 8.61 35.56
C ASN A 914 -4.29 8.48 34.99
N ALA A 915 -4.63 9.40 34.08
CA ALA A 915 -5.94 9.43 33.47
C ALA A 915 -5.80 9.70 31.99
N GLU A 916 -6.85 9.36 31.24
CA GLU A 916 -6.84 9.49 29.79
C GLU A 916 -8.28 9.67 29.33
N SER A 917 -8.42 10.14 28.09
CA SER A 917 -9.73 10.43 27.51
C SER A 917 -9.92 9.71 26.19
N ASP A 918 -11.18 9.47 25.84
CA ASP A 918 -11.50 8.86 24.55
C ASP A 918 -11.36 9.89 23.43
N VAL A 919 -11.36 9.38 22.19
CA VAL A 919 -11.23 10.26 21.04
C VAL A 919 -12.53 11.02 20.82
N LYS A 920 -12.42 12.17 20.15
CA LYS A 920 -13.56 13.00 19.81
C LYS A 920 -13.29 13.63 18.45
N ASN A 921 -14.34 14.16 17.83
CA ASN A 921 -14.24 14.72 16.49
C ASN A 921 -14.85 16.11 16.44
N PHE A 922 -14.25 16.96 15.62
CA PHE A 922 -14.76 18.29 15.35
C PHE A 922 -14.30 18.71 13.96
N ARG A 923 -15.01 19.68 13.38
CA ARG A 923 -14.73 20.15 12.04
C ARG A 923 -14.47 21.65 12.08
N THR A 924 -13.39 22.08 11.43
CA THR A 924 -13.07 23.50 11.38
C THR A 924 -14.06 24.24 10.48
N ASN A 925 -13.99 25.57 10.53
CA ASN A 925 -14.94 26.40 9.81
C ASN A 925 -14.60 26.45 8.32
N PRO A 926 -15.55 26.86 7.49
CA PRO A 926 -15.35 26.80 6.02
C PRO A 926 -14.14 27.54 5.51
N GLY A 927 -13.81 28.72 6.04
CA GLY A 927 -12.69 29.46 5.48
C GLY A 927 -13.01 29.99 4.09
N ARG A 928 -12.00 29.95 3.22
CA ARG A 928 -12.11 30.52 1.88
C ARG A 928 -11.92 29.43 0.83
N PRO A 929 -12.82 29.30 -0.15
CA PRO A 929 -12.65 28.25 -1.16
C PRO A 929 -11.46 28.52 -2.06
N SER A 930 -10.92 27.45 -2.64
CA SER A 930 -9.72 27.56 -3.46
C SER A 930 -10.07 28.01 -4.86
N LYS A 931 -9.03 28.36 -5.63
CA LYS A 931 -9.22 28.87 -6.98
C LYS A 931 -9.82 27.81 -7.88
N VAL A 932 -10.64 28.24 -8.83
CA VAL A 932 -11.26 27.31 -9.76
C VAL A 932 -10.19 26.70 -10.64
N THR A 933 -10.36 25.42 -10.97
CA THR A 933 -9.30 24.67 -11.64
C THR A 933 -9.55 24.58 -13.14
N GLU A 934 -8.48 24.77 -13.92
CA GLU A 934 -8.48 24.49 -15.35
C GLU A 934 -9.55 25.31 -16.08
N VAL A 935 -9.38 26.63 -16.08
CA VAL A 935 -10.24 27.50 -16.86
C VAL A 935 -9.71 27.59 -18.29
N VAL A 936 -10.61 27.44 -19.26
CA VAL A 936 -10.27 27.54 -20.67
C VAL A 936 -11.32 28.40 -21.37
N ALA A 937 -10.87 29.33 -22.20
CA ALA A 937 -11.73 30.23 -22.95
C ALA A 937 -11.50 30.02 -24.44
N THR A 938 -12.58 29.89 -25.20
CA THR A 938 -12.52 29.67 -26.64
C THR A 938 -13.44 30.64 -27.34
N ALA A 939 -13.07 31.05 -28.55
CA ALA A 939 -13.85 32.01 -29.32
C ALA A 939 -14.84 31.24 -30.20
N ILE A 940 -16.13 31.42 -29.92
CA ILE A 940 -17.15 30.73 -30.70
C ILE A 940 -17.43 31.47 -32.00
N SER A 941 -17.53 32.79 -31.95
CA SER A 941 -17.90 33.58 -33.11
C SER A 941 -17.38 35.00 -32.91
N ASP A 942 -17.85 35.92 -33.75
CA ASP A 942 -17.45 37.31 -33.63
C ASP A 942 -18.06 37.99 -32.41
N SER A 943 -19.01 37.35 -31.73
CA SER A 943 -19.69 37.94 -30.60
C SER A 943 -19.93 36.97 -29.45
N LYS A 944 -19.28 35.81 -29.44
CA LYS A 944 -19.51 34.82 -28.39
C LYS A 944 -18.19 34.22 -27.94
N ILE A 945 -18.02 34.10 -26.63
CA ILE A 945 -16.87 33.43 -26.03
C ILE A 945 -17.40 32.31 -25.14
N ASN A 946 -16.74 31.15 -25.22
CA ASN A 946 -17.19 29.94 -24.55
C ASN A 946 -16.19 29.59 -23.46
N VAL A 947 -16.63 29.71 -22.21
CA VAL A 947 -15.77 29.50 -21.04
C VAL A 947 -16.13 28.16 -20.42
N THR A 948 -15.12 27.33 -20.20
CA THR A 948 -15.28 26.03 -19.56
C THR A 948 -14.32 25.94 -18.38
N TRP A 949 -14.81 25.39 -17.27
CA TRP A 949 -14.01 25.31 -16.06
C TRP A 949 -14.43 24.09 -15.26
N SER A 950 -13.56 23.67 -14.35
CA SER A 950 -13.82 22.57 -13.44
C SER A 950 -13.32 22.95 -12.06
N TYR A 951 -13.72 22.17 -11.06
CA TYR A 951 -13.41 22.48 -9.66
C TYR A 951 -12.77 21.26 -9.00
N LEU A 952 -11.74 20.72 -9.64
CA LEU A 952 -11.01 19.58 -9.08
C LEU A 952 -10.13 20.05 -7.92
N ASP A 953 -10.76 20.56 -6.86
CA ASP A 953 -10.03 21.02 -5.69
C ASP A 953 -10.97 21.05 -4.50
N LYS A 954 -10.39 21.11 -3.31
CA LYS A 954 -11.19 21.13 -2.09
C LYS A 954 -11.99 22.42 -2.02
N PRO A 955 -13.32 22.37 -1.96
CA PRO A 955 -14.09 23.62 -1.95
C PRO A 955 -14.16 24.27 -0.59
N TYR A 956 -14.20 23.48 0.48
CA TYR A 956 -14.52 23.96 1.81
C TYR A 956 -15.97 24.37 1.86
N GLY A 957 -16.65 24.07 2.97
CA GLY A 957 -18.07 24.35 3.05
C GLY A 957 -18.81 23.66 1.91
N VAL A 958 -19.75 24.38 1.31
CA VAL A 958 -20.46 23.93 0.12
C VAL A 958 -20.53 25.09 -0.85
N LEU A 959 -20.09 24.88 -2.08
CA LEU A 959 -20.14 25.94 -3.09
C LEU A 959 -21.58 26.32 -3.36
N THR A 960 -21.88 27.62 -3.23
CA THR A 960 -23.24 28.10 -3.32
C THR A 960 -23.51 28.95 -4.55
N ARG A 961 -22.50 29.58 -5.13
CA ARG A 961 -22.73 30.48 -6.27
C ARG A 961 -21.46 30.62 -7.07
N TYR A 962 -21.44 30.08 -8.28
CA TYR A 962 -20.38 30.39 -9.22
C TYR A 962 -20.52 31.82 -9.71
N PHE A 963 -19.42 32.35 -10.24
CA PHE A 963 -19.40 33.76 -10.65
C PHE A 963 -18.45 33.93 -11.81
N ILE A 964 -18.94 34.53 -12.90
CA ILE A 964 -18.17 34.80 -14.11
C ILE A 964 -18.28 36.27 -14.43
N LYS A 965 -17.14 36.92 -14.70
CA LYS A 965 -17.13 38.31 -15.09
C LYS A 965 -16.19 38.49 -16.27
N ALA A 966 -16.61 39.32 -17.23
CA ALA A 966 -15.83 39.60 -18.42
C ALA A 966 -15.74 41.09 -18.63
N LYS A 967 -14.54 41.58 -18.94
CA LYS A 967 -14.29 43.00 -19.14
C LYS A 967 -13.66 43.21 -20.50
N LEU A 968 -14.09 44.25 -21.20
CA LEU A 968 -13.50 44.60 -22.48
C LEU A 968 -12.10 45.20 -22.26
N ILE A 969 -11.14 44.74 -23.03
CA ILE A 969 -9.78 45.27 -23.03
C ILE A 969 -9.50 45.84 -24.42
N ASN A 970 -9.12 47.11 -24.46
CA ASN A 970 -8.92 47.78 -25.74
C ASN A 970 -7.88 47.03 -26.56
N ARG A 971 -8.18 46.84 -27.85
CA ARG A 971 -7.31 46.07 -28.72
C ARG A 971 -6.03 46.86 -29.02
N PRO A 972 -4.94 46.16 -29.34
CA PRO A 972 -3.69 46.86 -29.67
C PRO A 972 -3.85 47.69 -30.94
N THR A 973 -3.03 48.73 -31.06
CA THR A 973 -3.20 49.70 -32.13
C THR A 973 -1.86 50.24 -32.62
N ARG A 974 -1.73 50.29 -33.95
CA ARG A 974 -0.77 51.16 -34.62
C ARG A 974 0.67 51.02 -34.14
N ASN A 975 1.30 49.86 -34.39
CA ASN A 975 2.73 49.76 -34.18
C ASN A 975 3.45 50.63 -35.20
N ASN A 976 3.42 51.95 -34.98
CA ASN A 976 3.98 52.90 -35.95
C ASN A 976 5.48 52.73 -36.12
N ASN A 977 6.16 52.03 -35.22
CA ASN A 977 7.58 51.78 -35.38
C ASN A 977 7.89 50.94 -36.61
N ARG A 978 6.89 50.28 -37.19
CA ARG A 978 7.07 49.41 -38.34
C ARG A 978 6.22 49.91 -39.50
N ASP A 979 6.81 49.89 -40.70
CA ASP A 979 6.11 50.30 -41.92
C ASP A 979 5.32 49.10 -42.42
N TYR A 980 4.00 49.18 -42.35
CA TYR A 980 3.16 48.06 -42.72
C TYR A 980 3.25 47.73 -44.21
N CYS A 981 3.41 48.75 -45.07
CA CYS A 981 3.57 48.49 -46.48
C CYS A 981 4.83 47.69 -46.79
N THR A 982 5.93 47.95 -46.07
CA THR A 982 7.14 47.15 -46.26
C THR A 982 6.90 45.70 -45.90
N GLU A 983 6.25 45.44 -44.76
CA GLU A 983 5.91 44.09 -44.36
C GLU A 983 4.62 44.12 -43.55
N PRO A 984 3.48 43.76 -44.14
CA PRO A 984 2.22 43.83 -43.42
C PRO A 984 1.99 42.62 -42.52
N LEU A 985 1.08 42.80 -41.57
CA LEU A 985 0.66 41.70 -40.71
C LEU A 985 -0.43 40.91 -41.41
N VAL A 986 -0.17 39.64 -41.67
CA VAL A 986 -1.14 38.81 -42.39
C VAL A 986 -2.23 38.30 -41.45
N LYS A 987 -1.86 37.82 -40.27
CA LYS A 987 -2.82 37.25 -39.34
C LYS A 987 -2.47 37.69 -37.93
N ALA A 988 -3.48 37.71 -37.06
CA ALA A 988 -3.28 38.07 -35.67
C ALA A 988 -2.97 36.83 -34.84
N MET A 989 -2.57 37.06 -33.59
CA MET A 989 -2.25 35.99 -32.66
C MET A 989 -2.76 36.36 -31.28
N GLU A 990 -3.41 35.39 -30.62
CA GLU A 990 -4.02 35.61 -29.31
C GLU A 990 -4.83 36.90 -29.29
N ASN A 1122 -14.87 38.37 -6.51
CA ASN A 1122 -14.68 39.70 -5.92
C ASN A 1122 -16.03 40.29 -5.49
N THR A 1123 -15.98 41.32 -4.64
CA THR A 1123 -17.19 42.01 -4.21
C THR A 1123 -17.89 42.58 -5.42
N TYR A 1124 -19.10 42.08 -5.70
CA TYR A 1124 -19.80 42.43 -6.92
C TYR A 1124 -21.28 42.13 -6.74
N LYS A 1125 -22.06 42.48 -7.76
CA LYS A 1125 -23.45 42.07 -7.86
C LYS A 1125 -23.77 41.78 -9.32
N ASP A 1126 -24.89 41.08 -9.52
CA ASP A 1126 -25.24 40.53 -10.82
C ASP A 1126 -25.41 41.60 -11.88
N GLU A 1127 -25.56 41.18 -13.15
CA GLU A 1127 -26.00 42.03 -14.25
C GLU A 1127 -24.83 42.80 -14.85
N GLU A 1128 -24.96 43.19 -16.12
CA GLU A 1128 -23.86 43.68 -16.94
C GLU A 1128 -24.04 45.14 -17.31
N ASP A 1129 -23.13 45.64 -18.14
CA ASP A 1129 -23.19 46.99 -18.68
C ASP A 1129 -23.12 46.94 -20.19
N LEU A 1130 -23.77 47.91 -20.83
CA LEU A 1130 -23.95 47.90 -22.28
C LEU A 1130 -23.33 49.17 -22.87
N SER A 1131 -22.93 49.08 -24.14
CA SER A 1131 -22.26 50.19 -24.79
C SER A 1131 -23.26 51.28 -25.16
N SER A 1132 -22.72 52.45 -25.53
CA SER A 1132 -23.57 53.57 -25.91
C SER A 1132 -24.39 53.24 -27.15
N ASN A 1133 -23.78 52.59 -28.14
CA ASN A 1133 -24.50 52.16 -29.34
C ASN A 1133 -25.20 50.82 -29.14
N LYS A 1134 -25.05 50.20 -27.97
CA LYS A 1134 -25.75 48.96 -27.63
C LYS A 1134 -25.39 47.81 -28.56
N GLN A 1135 -24.19 47.84 -29.15
CA GLN A 1135 -23.73 46.76 -29.99
C GLN A 1135 -22.84 45.76 -29.26
N PHE A 1136 -22.35 46.12 -28.07
CA PHE A 1136 -21.43 45.25 -27.34
C PHE A 1136 -21.49 45.61 -25.86
N TYR A 1137 -21.05 44.67 -25.03
CA TYR A 1137 -20.96 44.86 -23.59
C TYR A 1137 -19.55 45.22 -23.20
N GLU A 1138 -19.38 46.36 -22.53
CA GLU A 1138 -18.07 46.73 -22.01
C GLU A 1138 -17.65 45.79 -20.89
N VAL A 1139 -18.56 45.49 -19.97
CA VAL A 1139 -18.30 44.59 -18.86
C VAL A 1139 -19.53 43.72 -18.65
N PHE A 1140 -19.30 42.43 -18.40
CA PHE A 1140 -20.38 41.47 -18.22
C PHE A 1140 -20.10 40.63 -16.99
N ALA A 1141 -21.10 40.49 -16.13
CA ALA A 1141 -20.99 39.73 -14.89
C ALA A 1141 -22.31 39.04 -14.60
N LYS A 1142 -22.25 37.73 -14.37
CA LYS A 1142 -23.46 36.95 -14.16
C LYS A 1142 -23.27 36.01 -12.99
N GLU A 1143 -24.27 35.94 -12.11
CA GLU A 1143 -24.29 34.92 -11.07
C GLU A 1143 -24.66 33.58 -11.69
N LEU A 1144 -24.16 32.49 -11.10
CA LEU A 1144 -24.46 31.17 -11.63
C LEU A 1144 -24.81 30.22 -10.49
N PRO A 1145 -25.67 29.23 -10.74
CA PRO A 1145 -25.87 28.18 -9.74
C PRO A 1145 -24.69 27.23 -9.73
N PRO A 1146 -24.44 26.54 -8.61
CA PRO A 1146 -23.25 25.70 -8.51
C PRO A 1146 -23.22 24.51 -9.47
N ASN A 1147 -24.29 24.26 -10.23
CA ASN A 1147 -24.22 23.21 -11.24
C ASN A 1147 -23.15 23.50 -12.28
N GLN A 1148 -23.10 24.76 -12.74
CA GLN A 1148 -22.58 25.07 -14.05
C GLN A 1148 -21.11 24.69 -14.18
N THR A 1149 -20.74 24.22 -15.37
CA THR A 1149 -19.36 24.02 -15.76
C THR A 1149 -19.00 24.71 -17.07
N HIS A 1150 -19.99 25.25 -17.80
CA HIS A 1150 -19.75 25.95 -19.04
C HIS A 1150 -20.63 27.17 -19.12
N PHE A 1151 -20.18 28.19 -19.84
CA PHE A 1151 -20.98 29.38 -20.05
C PHE A 1151 -20.52 30.06 -21.33
N VAL A 1152 -21.45 30.72 -22.00
CA VAL A 1152 -21.17 31.42 -23.25
C VAL A 1152 -21.78 32.81 -23.18
N PHE A 1153 -20.98 33.83 -23.48
CA PHE A 1153 -21.47 35.19 -23.47
C PHE A 1153 -22.23 35.47 -24.76
N GLU A 1154 -22.71 36.70 -24.88
CA GLU A 1154 -23.41 37.15 -26.07
C GLU A 1154 -23.29 38.66 -26.20
N LYS A 1155 -23.50 39.15 -27.42
CA LYS A 1155 -23.38 40.57 -27.71
C LYS A 1155 -22.02 41.10 -27.27
N LEU A 1156 -20.97 40.34 -27.56
CA LEU A 1156 -19.62 40.77 -27.22
C LEU A 1156 -18.98 41.48 -28.38
N ARG A 1157 -18.06 42.40 -28.06
CA ARG A 1157 -17.35 43.14 -29.09
C ARG A 1157 -16.57 42.17 -29.97
N HIS A 1158 -16.53 42.48 -31.27
CA HIS A 1158 -15.82 41.61 -32.22
C HIS A 1158 -14.35 41.99 -32.29
N PHE A 1159 -13.49 40.99 -32.12
CA PHE A 1159 -12.04 41.16 -32.19
C PHE A 1159 -11.55 42.17 -31.13
N THR A 1160 -11.74 41.77 -29.87
CA THR A 1160 -11.17 42.50 -28.74
C THR A 1160 -10.90 41.53 -27.62
N ARG A 1161 -9.71 41.65 -27.02
CA ARG A 1161 -9.35 40.80 -25.91
C ARG A 1161 -10.29 41.02 -24.72
N TYR A 1162 -10.56 39.95 -23.99
CA TYR A 1162 -11.43 40.01 -22.83
C TYR A 1162 -10.79 39.29 -21.65
N ALA A 1163 -10.82 39.92 -20.49
CA ALA A 1163 -10.34 39.33 -19.25
C ALA A 1163 -11.50 38.60 -18.58
N ILE A 1164 -11.25 37.35 -18.16
CA ILE A 1164 -12.31 36.46 -17.70
C ILE A 1164 -12.01 36.03 -16.28
N PHE A 1165 -12.99 36.19 -15.39
CA PHE A 1165 -12.96 35.63 -14.06
C PHE A 1165 -13.69 34.31 -14.03
N VAL A 1166 -13.25 33.41 -13.14
CA VAL A 1166 -14.05 32.25 -12.79
C VAL A 1166 -13.97 32.07 -11.28
N VAL A 1167 -14.97 32.60 -10.57
CA VAL A 1167 -14.92 32.73 -9.13
C VAL A 1167 -16.00 31.85 -8.51
N ALA A 1168 -15.64 31.14 -7.44
CA ALA A 1168 -16.55 30.32 -6.68
C ALA A 1168 -16.69 30.88 -5.27
N CYS A 1169 -17.84 30.66 -4.66
CA CYS A 1169 -18.12 31.15 -3.33
C CYS A 1169 -18.85 30.08 -2.53
N ARG A 1170 -18.73 30.16 -1.21
CA ARG A 1170 -19.34 29.21 -0.30
C ARG A 1170 -20.53 29.85 0.41
N GLU A 1171 -21.13 29.11 1.33
CA GLU A 1171 -22.13 29.66 2.22
C GLU A 1171 -21.44 30.37 3.38
N GLU A 1172 -22.13 31.38 3.93
CA GLU A 1172 -21.60 32.11 5.07
C GLU A 1172 -22.06 31.48 6.37
N ILE A 1173 -21.12 31.29 7.29
CA ILE A 1173 -21.46 30.74 8.61
C ILE A 1173 -22.37 31.71 9.34
N PRO A 1174 -23.39 31.24 10.08
CA PRO A 1174 -24.30 32.19 10.71
C PRO A 1174 -23.62 33.24 11.56
N SER A 1175 -22.56 32.86 12.29
CA SER A 1175 -21.82 33.84 13.09
C SER A 1175 -21.32 34.98 12.23
N GLU A 1176 -20.88 34.68 11.00
CA GLU A 1176 -20.25 35.67 10.14
C GLU A 1176 -21.18 36.80 9.74
N LYS A 1177 -22.49 36.67 9.95
CA LYS A 1177 -23.42 37.74 9.59
C LYS A 1177 -24.27 38.16 10.79
N LEU A 1178 -24.42 37.28 11.77
CA LEU A 1178 -25.20 37.62 12.95
C LEU A 1178 -24.36 38.19 14.08
N ARG A 1179 -23.03 38.08 14.01
CA ARG A 1179 -22.16 38.62 15.05
C ARG A 1179 -20.90 39.24 14.45
N ASP A 1180 -20.89 39.51 13.16
CA ASP A 1180 -19.76 40.13 12.49
C ASP A 1180 -20.26 41.25 11.61
N THR A 1181 -19.49 42.34 11.56
CA THR A 1181 -19.84 43.48 10.74
C THR A 1181 -19.31 43.27 9.32
N SER A 1182 -19.64 44.19 8.42
CA SER A 1182 -19.37 44.03 6.99
C SER A 1182 -17.94 44.47 6.66
N PHE A 1183 -16.99 43.55 6.86
CA PHE A 1183 -15.62 43.80 6.48
C PHE A 1183 -14.91 42.47 6.30
N LYS A 1184 -13.83 42.49 5.51
CA LYS A 1184 -13.03 41.30 5.26
C LYS A 1184 -13.84 40.25 4.50
N LYS A 1185 -14.75 39.58 5.20
CA LYS A 1185 -15.59 38.57 4.57
C LYS A 1185 -14.74 37.57 3.79
N SER A 1186 -14.61 37.77 2.47
CA SER A 1186 -13.84 36.90 1.62
C SER A 1186 -14.50 35.52 1.49
N LEU A 1187 -15.81 35.53 1.28
CA LEU A 1187 -16.54 34.29 1.05
C LEU A 1187 -16.27 33.69 -0.32
N CYS A 1188 -15.60 34.42 -1.21
CA CYS A 1188 -15.37 33.98 -2.58
C CYS A 1188 -13.88 33.77 -2.81
N SER A 1189 -13.57 32.82 -3.69
CA SER A 1189 -12.19 32.45 -3.97
C SER A 1189 -11.41 33.58 -4.61
N ASP A 1190 -10.08 33.43 -4.68
CA ASP A 1190 -9.27 34.37 -5.43
C ASP A 1190 -9.47 34.15 -6.93
N TYR A 1191 -9.30 35.22 -7.69
CA TYR A 1191 -9.57 35.21 -9.12
C TYR A 1191 -8.27 35.20 -9.90
N ASP A 1192 -8.17 34.29 -10.87
CA ASP A 1192 -7.07 34.25 -11.83
C ASP A 1192 -7.62 34.55 -13.21
N THR A 1193 -7.06 35.56 -13.86
CA THR A 1193 -7.60 36.04 -15.13
C THR A 1193 -7.19 35.13 -16.28
N VAL A 1194 -8.10 34.99 -17.24
CA VAL A 1194 -7.84 34.26 -18.48
C VAL A 1194 -8.28 35.14 -19.64
N PHE A 1195 -7.45 35.19 -20.68
CA PHE A 1195 -7.66 36.10 -21.80
C PHE A 1195 -8.01 35.32 -23.06
N GLN A 1196 -8.85 35.93 -23.90
CA GLN A 1196 -9.21 35.36 -25.19
C GLN A 1196 -9.71 36.49 -26.08
N THR A 1197 -9.72 36.24 -27.38
CA THR A 1197 -10.11 37.23 -28.38
C THR A 1197 -11.19 36.66 -29.27
N THR A 1198 -12.21 37.49 -29.55
CA THR A 1198 -13.23 37.11 -30.52
C THR A 1198 -12.60 37.07 -31.91
N LYS A 1199 -13.06 36.14 -32.74
CA LYS A 1199 -12.30 35.73 -33.92
C LYS A 1199 -12.68 36.54 -35.15
N ARG A 1200 -11.87 37.56 -35.46
CA ARG A 1200 -11.73 38.10 -36.81
C ARG A 1200 -12.97 38.77 -37.38
N LYS A 1201 -14.08 38.78 -36.63
CA LYS A 1201 -15.30 39.39 -37.15
C LYS A 1201 -15.75 38.65 -38.41
N LYS A 1202 -16.92 39.02 -38.94
CA LYS A 1202 -17.41 38.44 -40.17
C LYS A 1202 -16.58 38.89 -41.37
N PHE A 1203 -16.75 38.20 -42.49
CA PHE A 1203 -15.94 38.44 -43.68
C PHE A 1203 -16.06 39.89 -44.14
N ALA A 1204 -17.19 40.53 -43.85
CA ALA A 1204 -17.50 41.87 -44.35
C ALA A 1204 -16.74 42.92 -43.55
N ASP A 1205 -17.20 44.17 -43.59
CA ASP A 1205 -16.49 45.31 -43.00
C ASP A 1205 -15.20 45.62 -43.76
N ILE A 1206 -15.37 46.01 -45.02
CA ILE A 1206 -14.26 46.42 -45.90
C ILE A 1206 -14.54 47.84 -46.38
N VAL A 1207 -13.75 48.30 -47.34
CA VAL A 1207 -13.90 49.63 -47.91
C VAL A 1207 -15.21 49.70 -48.70
N MET A 1208 -15.98 50.75 -48.46
CA MET A 1208 -17.31 50.97 -49.01
C MET A 1208 -17.29 52.02 -50.11
N ASP A 1209 -18.36 52.01 -50.91
CA ASP A 1209 -18.69 53.09 -51.84
C ASP A 1209 -17.51 53.43 -52.77
N LEU A 1210 -16.93 52.40 -53.39
CA LEU A 1210 -15.82 52.63 -54.29
C LEU A 1210 -16.30 53.21 -55.61
N LYS A 1211 -15.53 54.16 -56.15
CA LYS A 1211 -15.76 54.67 -57.49
C LYS A 1211 -14.45 55.24 -58.02
N VAL A 1212 -14.31 55.22 -59.35
CA VAL A 1212 -13.09 55.65 -60.02
C VAL A 1212 -13.46 56.46 -61.26
N ASP A 1213 -12.68 57.50 -61.53
CA ASP A 1213 -12.91 58.33 -62.70
C ASP A 1213 -11.62 59.06 -63.04
N LEU A 1214 -11.51 59.48 -64.30
CA LEU A 1214 -10.36 60.27 -64.73
C LEU A 1214 -10.46 61.68 -64.14
N GLU A 1215 -9.33 62.20 -63.67
CA GLU A 1215 -9.33 63.52 -63.05
C GLU A 1215 -9.71 64.62 -64.02
N HIS A 1216 -9.32 64.50 -65.28
CA HIS A 1216 -9.63 65.52 -66.28
C HIS A 1216 -11.13 65.75 -66.38
N GLU A 1221 -5.79 63.46 -70.14
CA GLU A 1221 -4.36 63.19 -69.97
C GLU A 1221 -3.97 63.19 -68.50
N SER A 1222 -4.91 63.56 -67.63
CA SER A 1222 -4.65 63.63 -66.20
C SER A 1222 -4.56 62.22 -65.61
N PRO A 1223 -3.92 62.09 -64.45
CA PRO A 1223 -3.88 60.78 -63.78
C PRO A 1223 -5.28 60.34 -63.37
N VAL A 1224 -5.50 59.03 -63.36
CA VAL A 1224 -6.76 58.49 -62.87
C VAL A 1224 -6.81 58.61 -61.36
N ARG A 1225 -8.01 58.85 -60.82
CA ARG A 1225 -8.22 58.96 -59.38
C ARG A 1225 -9.30 57.98 -58.97
N VAL A 1226 -9.06 57.32 -57.84
CA VAL A 1226 -10.02 56.40 -57.24
C VAL A 1226 -10.33 56.90 -55.84
N ARG A 1227 -11.62 56.99 -55.52
CA ARG A 1227 -12.07 57.53 -54.24
C ARG A 1227 -13.03 56.56 -53.60
N TRP A 1228 -13.03 56.55 -52.27
CA TRP A 1228 -13.89 55.65 -51.52
C TRP A 1228 -14.04 56.19 -50.10
N THR A 1229 -14.82 55.47 -49.29
CA THR A 1229 -14.97 55.82 -47.88
C THR A 1229 -14.49 54.67 -47.01
N PRO A 1230 -13.72 54.93 -45.95
CA PRO A 1230 -13.23 53.84 -45.11
C PRO A 1230 -14.36 53.19 -44.34
N PRO A 1231 -14.18 51.95 -43.88
CA PRO A 1231 -15.29 51.25 -43.22
C PRO A 1231 -15.74 51.95 -41.95
N VAL A 1232 -17.04 51.87 -41.69
CA VAL A 1232 -17.59 52.47 -40.48
C VAL A 1232 -17.29 51.60 -39.26
N ASP A 1233 -17.03 50.30 -39.48
CA ASP A 1233 -16.77 49.35 -38.39
C ASP A 1233 -15.46 48.65 -38.69
N PRO A 1234 -14.33 49.30 -38.39
CA PRO A 1234 -13.04 48.69 -38.71
C PRO A 1234 -12.79 47.43 -37.90
N ASN A 1235 -12.06 46.50 -38.50
CA ASN A 1235 -11.59 45.30 -37.81
C ASN A 1235 -10.28 45.61 -37.10
N GLY A 1236 -10.35 46.63 -36.24
CA GLY A 1236 -9.14 47.29 -35.75
C GLY A 1236 -8.77 48.39 -36.72
N GLU A 1237 -8.06 49.41 -36.24
CA GLU A 1237 -7.81 50.57 -37.09
C GLU A 1237 -7.11 50.14 -38.38
N ILE A 1238 -7.55 50.73 -39.49
CA ILE A 1238 -7.07 50.33 -40.81
C ILE A 1238 -5.72 50.98 -41.04
N VAL A 1239 -4.73 50.18 -41.43
CA VAL A 1239 -3.36 50.65 -41.56
C VAL A 1239 -2.93 50.85 -43.00
N THR A 1240 -3.34 49.99 -43.93
CA THR A 1240 -2.92 50.10 -45.32
C THR A 1240 -4.10 49.78 -46.24
N TYR A 1241 -4.05 50.35 -47.43
CA TYR A 1241 -5.03 50.08 -48.48
C TYR A 1241 -4.30 49.54 -49.70
N GLU A 1242 -4.87 48.49 -50.30
CA GLU A 1242 -4.31 47.87 -51.49
C GLU A 1242 -5.21 48.21 -52.66
N VAL A 1243 -4.67 48.96 -53.62
CA VAL A 1243 -5.39 49.26 -54.86
C VAL A 1243 -4.90 48.25 -55.90
N ALA A 1244 -5.58 47.11 -55.96
CA ALA A 1244 -5.23 46.03 -56.88
C ALA A 1244 -5.92 46.28 -58.21
N TYR A 1245 -5.14 46.66 -59.21
CA TYR A 1245 -5.67 46.94 -60.54
C TYR A 1245 -5.02 46.01 -61.55
N LYS A 1246 -5.78 45.69 -62.60
CA LYS A 1246 -5.36 44.71 -63.58
C LYS A 1246 -5.88 45.13 -64.95
N LEU A 1247 -5.09 44.85 -65.98
CA LEU A 1247 -5.59 45.03 -67.34
C LEU A 1247 -6.65 43.99 -67.65
N GLN A 1248 -7.53 44.33 -68.57
CA GLN A 1248 -8.59 43.42 -68.96
C GLN A 1248 -8.13 42.39 -70.00
N LYS A 1249 -6.88 42.47 -70.44
CA LYS A 1249 -6.38 41.50 -71.40
C LYS A 1249 -6.27 40.12 -70.74
N PRO A 1250 -6.39 39.05 -71.52
CA PRO A 1250 -6.44 37.71 -70.93
C PRO A 1250 -5.10 37.34 -70.29
N ASP A 1251 -5.18 36.35 -69.40
CA ASP A 1251 -3.99 35.81 -68.73
C ASP A 1251 -3.20 36.90 -68.04
N GLN A 1252 -3.89 37.82 -67.37
CA GLN A 1252 -3.25 38.96 -66.73
C GLN A 1252 -3.27 38.82 -65.22
N VAL A 1253 -2.32 39.50 -64.58
CA VAL A 1253 -2.21 39.51 -63.12
C VAL A 1253 -2.08 40.96 -62.68
N GLU A 1254 -2.50 41.22 -61.44
CA GLU A 1254 -2.60 42.58 -60.95
C GLU A 1254 -1.23 43.11 -60.50
N GLU A 1255 -1.17 44.42 -60.32
CA GLU A 1255 0.03 45.12 -59.89
C GLU A 1255 -0.27 45.98 -58.67
N LYS A 1256 -0.94 45.41 -57.68
CA LYS A 1256 -1.45 46.19 -56.56
C LYS A 1256 -0.38 47.10 -55.97
N LYS A 1257 -0.80 48.31 -55.61
CA LYS A 1257 0.06 49.30 -54.97
C LYS A 1257 -0.35 49.47 -53.52
N CYS A 1258 0.57 49.93 -52.69
CA CYS A 1258 0.35 50.05 -51.26
C CYS A 1258 0.21 51.51 -50.86
N ILE A 1259 -0.81 51.81 -50.07
CA ILE A 1259 -1.04 53.15 -49.52
C ILE A 1259 -1.03 53.02 -48.00
N PRO A 1260 -0.19 53.78 -47.28
CA PRO A 1260 -0.08 53.59 -45.84
C PRO A 1260 -1.17 54.33 -45.06
N ALA A 1261 -2.41 54.24 -45.53
CA ALA A 1261 -3.53 54.92 -44.89
C ALA A 1261 -3.16 56.37 -44.60
N ALA A 1262 -3.28 56.81 -43.35
CA ALA A 1262 -2.86 58.15 -42.95
C ALA A 1262 -3.41 59.21 -43.89
N ASP A 1263 -2.66 59.51 -44.96
CA ASP A 1263 -2.98 60.61 -45.85
C ASP A 1263 -3.98 60.23 -46.94
N PHE A 1264 -4.64 59.09 -46.84
CA PHE A 1264 -5.46 58.58 -47.93
C PHE A 1264 -6.42 59.62 -48.50
N ASN A 1265 -7.34 60.13 -47.69
CA ASN A 1265 -8.48 60.89 -48.20
C ASN A 1265 -8.24 62.39 -48.25
N GLN A 1266 -7.00 62.84 -48.13
CA GLN A 1266 -6.74 64.28 -48.15
C GLN A 1266 -7.20 64.89 -49.48
N THR A 1267 -6.93 64.20 -50.59
CA THR A 1267 -7.31 64.69 -51.91
C THR A 1267 -8.71 64.24 -52.32
N ALA A 1268 -9.50 63.69 -51.41
CA ALA A 1268 -10.84 63.19 -51.73
C ALA A 1268 -10.75 62.14 -52.83
N GLY A 1269 -9.72 61.29 -52.76
CA GLY A 1269 -9.52 60.26 -53.75
C GLY A 1269 -8.04 60.00 -54.00
N TYR A 1270 -7.68 58.74 -54.15
CA TYR A 1270 -6.29 58.37 -54.40
C TYR A 1270 -5.98 58.48 -55.89
N LEU A 1271 -5.01 59.32 -56.23
CA LEU A 1271 -4.56 59.42 -57.61
C LEU A 1271 -3.73 58.21 -57.98
N ILE A 1272 -3.72 57.90 -59.27
CA ILE A 1272 -2.94 56.79 -59.81
C ILE A 1272 -2.59 57.08 -61.26
N LYS A 1273 -1.32 56.92 -61.61
CA LYS A 1273 -0.91 57.04 -63.00
C LYS A 1273 -1.21 55.74 -63.73
N LEU A 1274 -1.73 55.85 -64.94
CA LEU A 1274 -2.10 54.68 -65.72
C LEU A 1274 -2.07 55.02 -67.19
N ASN A 1275 -1.64 54.07 -68.01
CA ASN A 1275 -1.54 54.27 -69.44
C ASN A 1275 -2.85 53.88 -70.13
N GLU A 1276 -2.88 54.04 -71.45
CA GLU A 1276 -4.08 53.75 -72.22
C GLU A 1276 -4.43 52.28 -72.10
N GLY A 1277 -5.73 51.99 -72.08
CA GLY A 1277 -6.21 50.63 -71.98
C GLY A 1277 -7.42 50.51 -71.09
N LEU A 1278 -7.97 49.30 -70.98
CA LEU A 1278 -9.12 49.03 -70.12
C LEU A 1278 -8.65 48.22 -68.91
N TYR A 1279 -9.07 48.64 -67.72
CA TYR A 1279 -8.59 48.06 -66.49
C TYR A 1279 -9.75 47.77 -65.55
N SER A 1280 -9.51 46.91 -64.59
CA SER A 1280 -10.46 46.62 -63.53
C SER A 1280 -9.81 46.91 -62.19
N PHE A 1281 -10.53 47.64 -61.33
CA PHE A 1281 -10.01 48.10 -60.05
C PHE A 1281 -10.68 47.35 -58.91
N ARG A 1282 -9.86 46.92 -57.95
CA ARG A 1282 -10.34 46.35 -56.70
C ARG A 1282 -9.62 47.04 -55.55
N VAL A 1283 -10.33 47.15 -54.43
CA VAL A 1283 -9.79 47.76 -53.22
C VAL A 1283 -10.11 46.87 -52.04
N ARG A 1284 -9.19 46.80 -51.10
CA ARG A 1284 -9.42 46.09 -49.85
C ARG A 1284 -8.72 46.83 -48.73
N ALA A 1285 -9.20 46.58 -47.51
CA ALA A 1285 -8.61 47.21 -46.34
C ALA A 1285 -7.60 46.27 -45.70
N ASN A 1286 -6.94 46.77 -44.65
CA ASN A 1286 -5.98 45.98 -43.90
C ASN A 1286 -5.91 46.55 -42.49
N SER A 1287 -5.81 45.66 -41.51
CA SER A 1287 -5.89 46.07 -40.11
C SER A 1287 -4.97 45.19 -39.29
N ILE A 1288 -4.93 45.47 -37.99
CA ILE A 1288 -4.21 44.60 -37.06
C ILE A 1288 -4.78 43.19 -37.12
N ALA A 1289 -6.07 43.06 -37.43
CA ALA A 1289 -6.65 41.74 -37.62
C ALA A 1289 -6.12 41.04 -38.84
N GLY A 1290 -5.44 41.75 -39.74
CA GLY A 1290 -4.89 41.17 -40.93
C GLY A 1290 -5.54 41.71 -42.20
N TYR A 1291 -5.30 41.00 -43.29
CA TYR A 1291 -5.89 41.37 -44.56
C TYR A 1291 -7.41 41.27 -44.50
N GLY A 1292 -8.08 42.22 -45.13
CA GLY A 1292 -9.51 42.12 -45.37
C GLY A 1292 -9.78 41.28 -46.60
N ASP A 1293 -10.83 41.64 -47.33
CA ASP A 1293 -11.10 41.04 -48.62
C ASP A 1293 -11.63 42.10 -49.58
N PHE A 1294 -11.35 41.90 -50.86
CA PHE A 1294 -11.53 42.95 -51.85
C PHE A 1294 -13.00 43.25 -52.09
N THR A 1295 -13.29 44.52 -52.37
CA THR A 1295 -14.60 44.89 -52.85
C THR A 1295 -14.76 44.43 -54.30
N GLU A 1296 -16.00 44.44 -54.78
CA GLU A 1296 -16.28 43.95 -56.12
C GLU A 1296 -15.65 44.86 -57.16
N VAL A 1297 -15.28 44.25 -58.29
CA VAL A 1297 -14.50 44.96 -59.30
C VAL A 1297 -15.32 46.10 -59.91
N GLU A 1298 -14.60 47.07 -60.48
CA GLU A 1298 -15.19 48.10 -61.33
C GLU A 1298 -14.23 48.36 -62.47
N HIS A 1299 -14.74 48.93 -63.56
CA HIS A 1299 -13.98 49.07 -64.79
C HIS A 1299 -13.79 50.54 -65.15
N ILE A 1300 -12.69 50.80 -65.86
CA ILE A 1300 -12.38 52.13 -66.38
C ILE A 1300 -11.56 51.97 -67.65
N LYS A 1301 -11.81 52.84 -68.63
CA LYS A 1301 -11.11 52.82 -69.90
C LYS A 1301 -10.29 54.10 -70.04
N VAL A 1302 -9.04 53.95 -70.47
CA VAL A 1302 -8.11 55.07 -70.57
C VAL A 1302 -7.66 55.20 -72.02
N GLU A 1303 -7.58 56.45 -72.49
CA GLU A 1303 -7.12 56.73 -73.84
C GLU A 1303 -6.25 57.99 -73.87
N ASP B 644 40.22 21.08 28.52
CA ASP B 644 39.17 20.32 29.26
C ASP B 644 38.20 21.27 29.95
N LYS B 645 37.02 20.76 30.30
CA LYS B 645 35.98 21.57 30.92
C LYS B 645 35.44 21.01 32.22
N GLU B 646 35.52 19.69 32.44
CA GLU B 646 35.03 19.09 33.68
C GLU B 646 33.58 19.50 33.94
N CYS B 647 32.73 19.29 32.95
CA CYS B 647 31.34 19.70 33.06
C CYS B 647 30.62 18.93 34.16
N SER B 648 29.64 19.58 34.77
CA SER B 648 28.88 18.96 35.86
C SER B 648 27.97 17.87 35.32
N SER B 649 27.91 16.76 36.04
CA SER B 649 27.01 15.67 35.68
C SER B 649 25.57 16.04 36.04
N GLY B 650 24.63 15.30 35.46
CA GLY B 650 23.23 15.55 35.70
C GLY B 650 22.37 14.57 34.94
N LEU B 651 21.07 14.86 34.92
CA LEU B 651 20.08 14.00 34.29
C LEU B 651 19.72 14.59 32.94
N ILE B 652 19.85 13.78 31.89
CA ILE B 652 19.56 14.20 30.52
C ILE B 652 18.16 13.66 30.21
N ASP B 653 17.15 14.49 30.49
CA ASP B 653 15.78 14.05 30.29
C ASP B 653 15.35 14.10 28.84
N SER B 654 16.11 14.77 27.97
CA SER B 654 15.72 14.93 26.59
C SER B 654 16.93 15.29 25.76
N LEU B 655 16.75 15.27 24.44
CA LEU B 655 17.83 15.66 23.54
C LEU B 655 18.24 17.10 23.80
N GLU B 656 17.27 17.98 24.06
CA GLU B 656 17.58 19.39 24.28
C GLU B 656 18.58 19.56 25.42
N ARG B 657 18.37 18.86 26.53
CA ARG B 657 19.31 18.95 27.63
C ARG B 657 20.66 18.33 27.27
N ALA B 658 20.66 17.34 26.38
CA ALA B 658 21.93 16.76 25.94
C ALA B 658 22.80 17.78 25.24
N ARG B 659 22.19 18.71 24.51
CA ARG B 659 22.95 19.73 23.81
C ARG B 659 23.84 20.52 24.77
N GLU B 660 23.42 20.64 26.02
CA GLU B 660 24.20 21.40 27.01
C GLU B 660 25.57 20.80 27.24
N PHE B 661 25.76 19.51 26.96
CA PHE B 661 27.01 18.83 27.27
C PHE B 661 28.01 18.88 26.12
N HIS B 662 27.73 19.64 25.07
CA HIS B 662 28.62 19.69 23.92
C HIS B 662 30.03 20.13 24.33
N GLY B 663 31.02 19.44 23.78
CA GLY B 663 32.41 19.81 23.98
C GLY B 663 33.02 19.41 25.30
N CYS B 664 32.28 18.70 26.15
CA CYS B 664 32.80 18.34 27.47
C CYS B 664 33.68 17.10 27.34
N THR B 665 34.94 17.23 27.78
CA THR B 665 35.87 16.12 27.73
C THR B 665 35.86 15.28 29.02
N ILE B 666 35.51 15.88 30.15
CA ILE B 666 35.44 15.18 31.42
C ILE B 666 34.13 15.54 32.11
N ILE B 667 33.48 14.55 32.70
CA ILE B 667 32.23 14.73 33.42
C ILE B 667 32.52 14.57 34.90
N THR B 668 32.08 15.53 35.71
CA THR B 668 32.34 15.53 37.14
C THR B 668 31.04 15.80 37.88
N GLY B 669 31.02 15.36 39.15
CA GLY B 669 29.84 15.49 39.98
C GLY B 669 29.51 14.19 40.66
N THR B 670 29.35 14.22 41.99
CA THR B 670 29.16 12.98 42.75
C THR B 670 27.90 12.24 42.35
N GLU B 671 26.84 12.94 41.96
CA GLU B 671 25.63 12.26 41.52
C GLU B 671 25.86 11.60 40.16
N PRO B 672 25.15 10.51 39.89
CA PRO B 672 25.42 9.75 38.67
C PRO B 672 24.84 10.43 37.44
N LEU B 673 25.64 10.50 36.38
CA LEU B 673 25.11 10.93 35.09
C LEU B 673 24.00 9.98 34.68
N THR B 674 22.88 10.54 34.24
CA THR B 674 21.68 9.77 33.92
C THR B 674 21.24 10.08 32.50
N ILE B 675 21.00 9.04 31.72
CA ILE B 675 20.42 9.18 30.39
C ILE B 675 19.06 8.52 30.40
N SER B 676 18.01 9.32 30.30
CA SER B 676 16.64 8.80 30.34
C SER B 676 15.81 9.47 29.24
N ILE B 677 16.37 9.56 28.04
CA ILE B 677 15.69 10.23 26.95
C ILE B 677 14.62 9.32 26.37
N LYS B 678 13.39 9.82 26.30
CA LYS B 678 12.37 9.19 25.51
C LYS B 678 12.56 9.60 24.05
N ARG B 679 11.59 9.27 23.19
CA ARG B 679 11.57 9.83 21.85
C ARG B 679 10.13 9.73 21.33
N GLU B 680 9.47 10.88 21.24
CA GLU B 680 8.09 10.94 20.79
C GLU B 680 8.00 11.59 19.41
N SER B 681 7.38 10.88 18.47
CA SER B 681 7.07 11.43 17.15
C SER B 681 8.30 12.07 16.51
N GLY B 682 9.37 11.30 16.39
CA GLY B 682 10.57 11.83 15.79
C GLY B 682 11.68 10.79 15.74
N ALA B 683 12.84 11.26 15.29
CA ALA B 683 14.01 10.42 15.06
C ALA B 683 15.25 11.17 15.46
N HIS B 684 16.41 10.74 14.96
CA HIS B 684 17.67 11.48 15.09
C HIS B 684 18.10 11.65 16.54
N VAL B 685 17.89 10.62 17.36
CA VAL B 685 18.41 10.64 18.72
C VAL B 685 19.92 10.52 18.72
N MET B 686 20.45 9.66 17.84
CA MET B 686 21.88 9.38 17.83
C MET B 686 22.71 10.63 17.56
N ASP B 687 22.38 11.37 16.51
CA ASP B 687 23.21 12.53 16.15
C ASP B 687 23.25 13.56 17.27
N GLU B 688 22.08 13.88 17.85
CA GLU B 688 22.04 14.86 18.92
C GLU B 688 22.87 14.41 20.11
N LEU B 689 22.65 13.17 20.56
CA LEU B 689 23.34 12.69 21.75
C LEU B 689 24.84 12.69 21.55
N LYS B 690 25.31 12.19 20.39
CA LYS B 690 26.74 12.15 20.15
C LYS B 690 27.32 13.56 20.05
N TYR B 691 26.62 14.47 19.35
CA TYR B 691 27.06 15.85 19.36
C TYR B 691 27.18 16.39 20.76
N GLY B 692 26.35 15.89 21.68
CA GLY B 692 26.41 16.33 23.06
C GLY B 692 27.54 15.69 23.85
N LEU B 693 27.64 14.37 23.83
CA LEU B 693 28.54 13.65 24.73
C LEU B 693 29.82 13.17 24.06
N ALA B 694 29.95 13.32 22.74
CA ALA B 694 31.07 12.69 22.05
C ALA B 694 32.42 13.09 22.64
N ALA B 695 32.51 14.29 23.20
CA ALA B 695 33.79 14.77 23.69
C ALA B 695 34.23 14.08 24.98
N VAL B 696 33.29 13.61 25.80
CA VAL B 696 33.63 13.07 27.11
C VAL B 696 34.55 11.88 26.97
N HIS B 697 35.57 11.81 27.81
CA HIS B 697 36.48 10.67 27.85
C HIS B 697 36.59 10.03 29.23
N LYS B 698 36.05 10.67 30.26
CA LYS B 698 36.13 10.15 31.62
C LYS B 698 34.92 10.63 32.41
N ILE B 699 34.37 9.73 33.23
CA ILE B 699 33.25 10.05 34.09
C ILE B 699 33.71 9.88 35.54
N GLN B 700 33.63 10.96 36.31
CA GLN B 700 34.05 10.90 37.71
C GLN B 700 33.11 10.03 38.52
N SER B 701 31.80 10.11 38.24
CA SER B 701 30.82 9.33 38.97
C SER B 701 30.28 8.20 38.09
N SER B 702 29.34 7.44 38.63
CA SER B 702 28.77 6.32 37.90
C SER B 702 27.89 6.80 36.75
N LEU B 703 27.62 5.91 35.82
CA LEU B 703 26.77 6.18 34.67
C LEU B 703 25.49 5.35 34.80
N MET B 704 24.36 5.98 34.52
CA MET B 704 23.06 5.32 34.54
C MET B 704 22.28 5.69 33.29
N VAL B 705 21.60 4.71 32.71
CA VAL B 705 20.74 4.95 31.56
C VAL B 705 19.57 3.97 31.62
N HIS B 706 18.35 4.50 31.73
CA HIS B 706 17.19 3.64 31.88
C HIS B 706 15.94 4.38 31.43
N LEU B 707 14.88 3.61 31.22
CA LEU B 707 13.58 4.15 30.82
C LEU B 707 13.73 5.02 29.57
N THR B 708 14.41 4.49 28.56
CA THR B 708 14.68 5.20 27.32
C THR B 708 14.21 4.37 26.13
N TYR B 709 13.73 5.06 25.11
CA TYR B 709 13.31 4.43 23.86
C TYR B 709 14.21 4.89 22.73
N GLY B 710 14.35 4.04 21.72
CA GLY B 710 15.08 4.41 20.52
C GLY B 710 16.58 4.56 20.71
N LEU B 711 17.09 4.42 21.93
CA LEU B 711 18.53 4.52 22.15
C LEU B 711 19.14 3.23 21.63
N LYS B 712 19.49 3.24 20.34
CA LYS B 712 19.91 2.01 19.68
C LYS B 712 21.09 1.35 20.38
N SER B 713 22.05 2.15 20.84
CA SER B 713 23.25 1.61 21.46
C SER B 713 23.86 2.65 22.37
N LEU B 714 24.78 2.18 23.21
CA LEU B 714 25.57 3.04 24.07
C LEU B 714 26.90 3.43 23.42
N LYS B 715 27.06 3.15 22.13
CA LYS B 715 28.33 3.45 21.46
C LYS B 715 28.49 4.93 21.16
N PHE B 716 27.47 5.75 21.40
CA PHE B 716 27.58 7.17 21.06
C PHE B 716 28.57 7.91 21.95
N PHE B 717 29.05 7.29 23.02
CA PHE B 717 30.14 7.87 23.80
C PHE B 717 31.42 7.74 23.00
N GLN B 718 31.61 8.62 22.01
CA GLN B 718 32.64 8.41 21.00
C GLN B 718 34.06 8.50 21.56
N SER B 719 34.24 8.99 22.78
CA SER B 719 35.57 9.12 23.35
C SER B 719 35.69 8.54 24.76
N LEU B 720 34.65 7.90 25.28
CA LEU B 720 34.68 7.41 26.64
C LEU B 720 35.67 6.25 26.77
N THR B 721 36.56 6.35 27.75
CA THR B 721 37.47 5.26 28.07
C THR B 721 37.63 5.01 29.57
N GLU B 722 37.17 5.93 30.43
CA GLU B 722 37.35 5.81 31.87
C GLU B 722 36.04 6.10 32.56
N ILE B 723 35.74 5.32 33.61
CA ILE B 723 34.59 5.56 34.47
C ILE B 723 35.11 5.40 35.89
N SER B 724 35.39 6.52 36.57
CA SER B 724 35.98 6.44 37.90
C SER B 724 35.08 5.71 38.89
N GLY B 725 33.79 5.58 38.58
CA GLY B 725 32.92 4.71 39.36
C GLY B 725 32.68 5.14 40.78
N ASP B 726 32.44 6.41 41.02
CA ASP B 726 31.95 6.84 42.33
C ASP B 726 30.44 6.68 42.35
N PRO B 727 29.87 5.73 43.11
CA PRO B 727 28.42 5.55 43.04
C PRO B 727 27.65 6.69 43.70
N ASP B 730 25.13 3.31 40.95
CA ASP B 730 24.74 4.41 41.82
C ASP B 730 24.80 3.99 43.27
N ALA B 731 24.14 2.86 43.59
CA ALA B 731 24.30 2.28 44.91
C ALA B 731 25.75 1.93 45.15
N ASP B 732 26.08 1.63 46.41
CA ASP B 732 27.48 1.46 46.79
C ASP B 732 28.17 0.35 46.01
N LYS B 733 27.40 -0.58 45.43
CA LYS B 733 27.99 -1.74 44.77
C LYS B 733 28.15 -1.57 43.26
N TYR B 734 27.40 -0.66 42.64
CA TYR B 734 27.33 -0.58 41.18
C TYR B 734 27.93 0.72 40.68
N ALA B 735 28.55 0.65 39.51
CA ALA B 735 29.08 1.83 38.82
C ALA B 735 28.56 2.01 37.41
N LEU B 736 27.99 0.98 36.79
CA LEU B 736 27.28 1.11 35.53
C LEU B 736 25.89 0.54 35.72
N TYR B 737 24.88 1.34 35.44
CA TYR B 737 23.50 0.99 35.78
C TYR B 737 22.67 1.12 34.52
N VAL B 738 22.23 -0.02 33.98
CA VAL B 738 21.46 -0.07 32.74
C VAL B 738 20.19 -0.85 33.03
N LEU B 739 19.04 -0.21 32.83
CA LEU B 739 17.78 -0.78 33.25
C LEU B 739 16.65 -0.39 32.31
N ASP B 740 15.80 -1.36 31.97
CA ASP B 740 14.58 -1.11 31.21
C ASP B 740 14.84 -0.20 30.00
N ASN B 741 15.67 -0.67 29.07
CA ASN B 741 16.00 0.11 27.89
C ASN B 741 15.47 -0.62 26.67
N ARG B 742 14.28 -0.23 26.22
CA ARG B 742 13.70 -0.87 25.04
C ARG B 742 14.62 -0.66 23.83
N ASP B 743 14.71 -1.70 23.00
CA ASP B 743 15.42 -1.66 21.74
C ASP B 743 16.90 -1.34 21.88
N LEU B 744 17.42 -1.31 23.11
CA LEU B 744 18.86 -1.19 23.30
C LEU B 744 19.51 -2.54 23.05
N ASP B 745 20.52 -2.57 22.17
CA ASP B 745 21.00 -3.85 21.66
C ASP B 745 22.51 -4.03 21.68
N GLU B 746 23.31 -3.00 21.99
CA GLU B 746 24.75 -3.19 21.99
C GLU B 746 25.42 -2.13 22.85
N LEU B 747 26.42 -2.58 23.60
CA LEU B 747 27.31 -1.70 24.35
C LEU B 747 28.41 -1.18 23.44
N TRP B 748 29.50 -0.68 24.02
CA TRP B 748 30.48 0.12 23.32
C TRP B 748 30.90 -0.53 22.01
N GLY B 749 31.42 0.29 21.10
CA GLY B 749 31.82 -0.15 19.78
C GLY B 749 32.85 -1.25 19.82
N PRO B 750 33.06 -1.91 18.68
CA PRO B 750 33.94 -3.09 18.66
C PRO B 750 35.37 -2.80 19.08
N ASN B 751 35.92 -1.64 18.73
CA ASN B 751 37.30 -1.29 19.03
C ASN B 751 37.42 -0.34 20.21
N GLN B 752 36.49 -0.40 21.17
CA GLN B 752 36.47 0.50 22.30
C GLN B 752 36.44 -0.31 23.59
N THR B 753 37.13 0.20 24.61
CA THR B 753 37.16 -0.42 25.92
C THR B 753 36.98 0.66 26.98
N VAL B 754 36.26 0.31 28.05
CA VAL B 754 35.99 1.22 29.15
C VAL B 754 36.52 0.58 30.43
N PHE B 755 37.25 1.35 31.22
CA PHE B 755 37.84 0.85 32.46
C PHE B 755 36.93 1.22 33.62
N ILE B 756 36.16 0.25 34.12
CA ILE B 756 35.33 0.47 35.29
C ILE B 756 36.25 0.50 36.51
N ARG B 757 36.57 1.71 36.96
CA ARG B 757 37.56 1.86 38.03
C ARG B 757 37.09 1.19 39.33
N LYS B 758 35.81 1.29 39.64
CA LYS B 758 35.30 0.79 40.92
C LYS B 758 33.89 0.29 40.74
N GLY B 759 33.54 -0.74 41.52
CA GLY B 759 32.19 -1.25 41.55
C GLY B 759 31.87 -2.19 40.40
N GLY B 760 30.71 -2.84 40.47
CA GLY B 760 30.27 -3.75 39.43
C GLY B 760 29.23 -3.11 38.52
N VAL B 761 28.73 -3.92 37.59
CA VAL B 761 27.74 -3.46 36.62
C VAL B 761 26.37 -3.97 37.03
N PHE B 762 25.33 -3.47 36.36
CA PHE B 762 23.96 -3.82 36.68
C PHE B 762 23.18 -3.84 35.38
N PHE B 763 22.42 -4.90 35.13
CA PHE B 763 21.71 -5.06 33.87
C PHE B 763 20.44 -5.86 34.13
N HIS B 764 19.29 -5.33 33.72
CA HIS B 764 18.04 -6.05 33.84
C HIS B 764 17.00 -5.48 32.88
N PHE B 765 16.12 -6.36 32.43
CA PHE B 765 14.96 -5.98 31.62
C PHE B 765 15.35 -5.16 30.40
N ASN B 766 16.31 -5.68 29.63
CA ASN B 766 16.69 -5.04 28.37
C ASN B 766 16.35 -6.01 27.24
N PRO B 767 15.11 -5.96 26.74
CA PRO B 767 14.62 -7.06 25.89
C PRO B 767 15.40 -7.26 24.61
N LYS B 768 16.14 -6.26 24.13
CA LYS B 768 16.84 -6.38 22.86
C LYS B 768 18.35 -6.51 23.00
N LEU B 769 18.87 -6.68 24.23
CA LEU B 769 20.31 -6.73 24.46
C LEU B 769 20.71 -8.16 24.84
N CYS B 770 21.56 -8.78 24.02
CA CYS B 770 22.02 -10.13 24.30
C CYS B 770 22.78 -10.20 25.61
N VAL B 771 22.61 -11.33 26.32
CA VAL B 771 23.40 -11.56 27.52
C VAL B 771 24.87 -11.70 27.17
N SER B 772 25.17 -12.40 26.07
CA SER B 772 26.56 -12.59 25.67
C SER B 772 27.28 -11.27 25.43
N THR B 773 26.58 -10.28 24.86
CA THR B 773 27.21 -8.97 24.68
C THR B 773 27.54 -8.33 26.01
N ILE B 774 26.82 -8.70 27.08
CA ILE B 774 27.16 -8.19 28.40
C ILE B 774 28.54 -8.66 28.82
N ASN B 775 28.83 -9.94 28.59
CA ASN B 775 30.11 -10.51 29.03
C ASN B 775 31.31 -9.87 28.36
N GLN B 776 31.11 -9.14 27.26
CA GLN B 776 32.21 -8.40 26.67
C GLN B 776 32.83 -7.44 27.67
N LEU B 777 32.05 -6.97 28.64
CA LEU B 777 32.56 -6.09 29.68
C LEU B 777 33.34 -6.86 30.75
N LEU B 778 33.21 -8.18 30.79
CA LEU B 778 33.82 -8.95 31.87
C LEU B 778 35.32 -8.70 32.03
N PRO B 779 36.14 -8.69 30.98
CA PRO B 779 37.58 -8.45 31.17
C PRO B 779 37.93 -7.00 31.42
N MET B 780 36.99 -6.07 31.25
CA MET B 780 37.29 -4.66 31.41
C MET B 780 37.26 -4.19 32.85
N LEU B 781 36.49 -4.87 33.72
CA LEU B 781 36.35 -4.42 35.09
C LEU B 781 37.69 -4.51 35.83
N ALA B 782 37.91 -3.56 36.73
CA ALA B 782 39.11 -3.58 37.55
C ALA B 782 39.15 -4.81 38.45
N SER B 783 37.99 -5.26 38.94
CA SER B 783 37.92 -6.42 39.80
C SER B 783 38.20 -7.72 39.06
N LYS B 784 38.07 -7.74 37.74
CA LYS B 784 38.37 -8.91 36.93
C LYS B 784 37.61 -10.14 37.42
N PRO B 785 36.29 -10.09 37.50
CA PRO B 785 35.52 -11.25 37.95
C PRO B 785 35.49 -12.34 36.91
N LYS B 786 35.28 -13.57 37.38
CA LYS B 786 35.21 -14.72 36.48
C LYS B 786 33.88 -14.75 35.72
N PHE B 787 32.83 -14.18 36.29
CA PHE B 787 31.52 -14.18 35.65
C PHE B 787 30.64 -13.19 36.39
N PHE B 788 29.48 -12.90 35.81
CA PHE B 788 28.51 -12.01 36.42
C PHE B 788 27.45 -12.82 37.14
N GLU B 789 27.20 -12.47 38.41
CA GLU B 789 26.21 -13.18 39.20
C GLU B 789 24.81 -12.87 38.69
N LYS B 790 23.90 -13.81 38.92
CA LYS B 790 22.51 -13.63 38.51
C LYS B 790 21.90 -12.37 39.13
N SER B 791 22.38 -11.96 40.30
CA SER B 791 21.83 -10.77 40.94
C SER B 791 22.23 -9.50 40.20
N ASP B 792 23.33 -9.54 39.45
CA ASP B 792 23.83 -8.36 38.74
C ASP B 792 23.46 -8.33 37.27
N VAL B 793 23.30 -9.48 36.63
CA VAL B 793 22.94 -9.55 35.21
C VAL B 793 21.72 -10.44 35.09
N GLY B 794 20.72 -9.97 34.36
CA GLY B 794 19.48 -10.70 34.19
C GLY B 794 19.58 -11.77 33.11
N ALA B 795 20.24 -12.87 33.44
CA ALA B 795 20.49 -13.92 32.45
C ALA B 795 19.22 -14.33 31.72
N ASP B 796 18.10 -14.42 32.44
CA ASP B 796 16.83 -14.82 31.84
C ASP B 796 15.87 -13.65 31.70
N SER B 797 16.39 -12.41 31.74
CA SER B 797 15.57 -11.23 31.52
C SER B 797 16.24 -10.20 30.62
N ASN B 798 17.35 -10.53 29.99
CA ASN B 798 18.04 -9.65 29.05
C ASN B 798 18.04 -10.26 27.67
N GLY B 799 17.66 -9.47 26.67
CA GLY B 799 17.69 -9.95 25.30
C GLY B 799 16.87 -11.18 25.03
N ASN B 800 15.80 -11.40 25.79
CA ASN B 800 15.00 -12.60 25.59
C ASN B 800 14.35 -12.66 24.22
N ARG B 801 14.22 -11.54 23.52
CA ARG B 801 13.75 -11.54 22.13
C ARG B 801 14.62 -10.61 21.31
N GLY B 802 15.93 -10.66 21.57
CA GLY B 802 16.91 -9.99 20.74
C GLY B 802 17.99 -10.97 20.35
N SER B 803 17.57 -12.22 20.10
CA SER B 803 18.50 -13.34 20.00
C SER B 803 19.73 -12.97 19.21
N CYS B 804 20.88 -13.48 19.65
CA CYS B 804 22.17 -13.19 19.07
C CYS B 804 23.07 -14.42 18.97
N GLY B 805 22.49 -15.62 18.91
CA GLY B 805 23.26 -16.80 18.63
C GLY B 805 23.49 -16.94 17.13
N THR B 806 23.76 -15.83 16.47
CA THR B 806 23.73 -15.78 15.03
C THR B 806 24.87 -16.58 14.42
N ALA B 807 24.60 -17.19 13.27
CA ALA B 807 25.61 -17.83 12.45
C ALA B 807 25.41 -17.37 11.02
N VAL B 808 26.50 -17.29 10.28
CA VAL B 808 26.50 -16.67 8.96
C VAL B 808 25.95 -17.65 7.93
N LEU B 809 25.29 -17.09 6.92
CA LEU B 809 24.75 -17.86 5.80
C LEU B 809 25.43 -17.41 4.51
N ASN B 810 25.91 -18.37 3.73
CA ASN B 810 26.37 -18.07 2.38
C ASN B 810 25.16 -17.83 1.47
N VAL B 811 25.31 -16.89 0.54
CA VAL B 811 24.30 -16.64 -0.47
C VAL B 811 25.00 -16.46 -1.81
N THR B 812 24.32 -16.87 -2.88
CA THR B 812 24.89 -16.80 -4.21
C THR B 812 23.78 -16.54 -5.22
N LEU B 813 24.10 -15.77 -6.27
CA LEU B 813 23.16 -15.51 -7.34
C LEU B 813 23.26 -16.61 -8.39
N GLN B 814 22.11 -17.15 -8.79
CA GLN B 814 22.08 -18.20 -9.79
C GLN B 814 21.92 -17.65 -11.20
N SER B 815 21.08 -16.63 -11.37
CA SER B 815 20.88 -16.01 -12.67
C SER B 815 20.37 -14.60 -12.48
N VAL B 816 20.73 -13.72 -13.41
CA VAL B 816 20.30 -12.33 -13.40
C VAL B 816 19.77 -11.98 -14.77
N GLY B 817 18.95 -10.93 -14.84
CA GLY B 817 18.33 -10.56 -16.09
C GLY B 817 18.01 -9.08 -16.09
N ALA B 818 17.37 -8.66 -17.19
CA ALA B 818 17.06 -7.25 -17.38
C ALA B 818 16.24 -6.67 -16.23
N ASN B 819 15.34 -7.47 -15.64
CA ASN B 819 14.50 -6.96 -14.58
C ASN B 819 14.29 -7.95 -13.44
N SER B 820 15.08 -9.03 -13.36
CA SER B 820 14.87 -10.04 -12.33
C SER B 820 16.18 -10.76 -12.07
N ALA B 821 16.24 -11.40 -10.90
CA ALA B 821 17.39 -12.20 -10.50
C ALA B 821 16.93 -13.28 -9.53
N MET B 822 17.69 -14.36 -9.46
CA MET B 822 17.38 -15.49 -8.60
C MET B 822 18.46 -15.62 -7.54
N LEU B 823 18.06 -15.85 -6.30
CA LEU B 823 18.97 -15.93 -5.17
C LEU B 823 18.88 -17.30 -4.52
N ASN B 824 20.03 -17.84 -4.17
CA ASN B 824 20.14 -19.10 -3.42
C ASN B 824 20.61 -18.83 -2.00
N VAL B 825 20.36 -19.82 -1.14
CA VAL B 825 21.03 -19.92 0.15
C VAL B 825 21.69 -21.28 0.20
N THR B 826 23.03 -21.29 0.19
CA THR B 826 23.78 -22.53 0.03
C THR B 826 24.26 -23.15 1.33
N THR B 827 24.23 -22.42 2.44
CA THR B 827 24.50 -23.03 3.73
C THR B 827 23.25 -23.76 4.19
N LYS B 828 23.23 -25.07 4.02
CA LYS B 828 22.01 -25.84 4.21
C LYS B 828 21.55 -25.77 5.67
N VAL B 829 20.47 -25.03 5.90
CA VAL B 829 19.82 -25.08 7.20
C VAL B 829 19.17 -26.44 7.40
N GLU B 830 19.26 -26.97 8.61
CA GLU B 830 18.76 -28.30 8.92
C GLU B 830 17.40 -28.13 9.60
N ILE B 831 16.34 -28.02 8.80
CA ILE B 831 14.99 -27.89 9.32
C ILE B 831 14.58 -29.25 9.88
N GLY B 832 14.53 -29.35 11.21
CA GLY B 832 14.26 -30.62 11.84
C GLY B 832 15.53 -31.43 11.98
N GLU B 833 15.81 -31.93 13.18
CA GLU B 833 17.06 -32.63 13.42
C GLU B 833 17.13 -33.86 12.51
N PRO B 834 18.19 -34.01 11.71
CA PRO B 834 18.20 -35.05 10.67
C PRO B 834 18.48 -36.46 11.19
N GLN B 835 19.12 -36.57 12.35
CA GLN B 835 19.22 -37.81 13.13
C GLN B 835 20.19 -38.85 12.57
N LYS B 836 20.53 -38.78 11.28
CA LYS B 836 21.65 -39.56 10.77
C LYS B 836 22.96 -38.77 10.69
N PRO B 837 22.96 -37.60 10.06
CA PRO B 837 24.22 -37.00 9.61
C PRO B 837 24.80 -35.98 10.59
N SER B 838 26.01 -35.56 10.26
CA SER B 838 26.72 -34.49 10.95
C SER B 838 26.66 -33.22 10.12
N ASN B 839 27.44 -32.20 10.51
CA ASN B 839 27.49 -30.90 9.84
C ASN B 839 26.14 -30.20 9.94
N ALA B 840 25.91 -29.24 9.05
CA ALA B 840 24.67 -28.46 9.04
C ALA B 840 24.49 -27.74 10.38
N THR B 841 25.41 -26.82 10.65
CA THR B 841 25.42 -26.14 11.94
C THR B 841 24.15 -25.34 12.18
N ILE B 842 23.47 -24.90 11.13
CA ILE B 842 22.22 -24.16 11.28
C ILE B 842 21.09 -25.18 11.37
N VAL B 843 20.80 -25.65 12.58
CA VAL B 843 19.86 -26.75 12.79
C VAL B 843 18.75 -26.26 13.72
N PHE B 844 17.51 -26.54 13.33
CA PHE B 844 16.34 -26.26 14.15
C PHE B 844 15.88 -27.55 14.80
N LYS B 845 15.79 -27.53 16.13
CA LYS B 845 15.44 -28.76 16.86
C LYS B 845 14.05 -29.26 16.54
N ASP B 846 13.17 -28.39 16.05
CA ASP B 846 11.80 -28.77 15.72
C ASP B 846 11.47 -28.15 14.37
N PRO B 847 11.07 -28.95 13.37
CA PRO B 847 10.82 -28.37 12.04
C PRO B 847 9.76 -27.28 12.04
N ARG B 848 8.73 -27.39 12.87
CA ARG B 848 7.69 -26.38 12.88
C ARG B 848 8.21 -25.01 13.28
N ALA B 849 9.34 -24.96 13.99
CA ALA B 849 9.83 -23.70 14.53
C ALA B 849 10.38 -22.76 13.47
N PHE B 850 10.54 -23.23 12.24
CA PHE B 850 11.14 -22.43 11.18
C PHE B 850 10.05 -21.88 10.28
N ILE B 851 10.01 -20.56 10.15
CA ILE B 851 8.99 -19.92 9.33
C ILE B 851 9.44 -19.87 7.87
N GLY B 852 10.68 -19.46 7.63
CA GLY B 852 11.18 -19.32 6.29
C GLY B 852 12.26 -18.26 6.22
N PHE B 853 13.00 -18.27 5.12
CA PHE B 853 13.98 -17.25 4.86
C PHE B 853 13.30 -15.97 4.42
N VAL B 854 13.88 -14.83 4.81
CA VAL B 854 13.38 -13.51 4.44
C VAL B 854 14.47 -12.79 3.69
N PHE B 855 14.14 -12.27 2.51
CA PHE B 855 15.11 -11.63 1.63
C PHE B 855 14.94 -10.12 1.68
N TYR B 856 16.04 -9.41 1.86
CA TYR B 856 16.07 -7.96 1.86
C TYR B 856 16.86 -7.48 0.66
N HIS B 857 16.38 -6.43 0.00
CA HIS B 857 17.09 -5.86 -1.13
C HIS B 857 16.64 -4.43 -1.36
N MET B 858 17.57 -3.59 -1.80
CA MET B 858 17.28 -2.20 -2.07
C MET B 858 18.33 -1.65 -3.03
N ILE B 859 17.97 -0.56 -3.70
CA ILE B 859 18.88 0.06 -4.66
C ILE B 859 19.97 0.82 -3.92
N ASP B 860 21.21 0.64 -4.35
CA ASP B 860 22.34 1.32 -3.73
C ASP B 860 23.42 1.52 -4.79
N PRO B 861 23.47 2.71 -5.40
CA PRO B 861 24.50 2.96 -6.41
C PRO B 861 25.91 2.81 -5.86
N TYR B 862 26.08 3.03 -4.57
CA TYR B 862 27.41 3.01 -3.96
C TYR B 862 27.78 1.65 -3.38
N GLY B 863 26.83 0.74 -3.22
CA GLY B 863 27.15 -0.57 -2.67
C GLY B 863 27.75 -0.52 -1.30
N ASN B 864 27.30 0.39 -0.44
CA ASN B 864 27.80 0.51 0.92
C ASN B 864 26.69 0.63 1.95
N SER B 865 25.43 0.41 1.58
CA SER B 865 24.35 0.50 2.54
C SER B 865 24.55 -0.52 3.65
N THR B 866 24.23 -0.12 4.88
CA THR B 866 24.43 -0.95 6.06
C THR B 866 23.10 -1.53 6.52
N LYS B 867 23.18 -2.64 7.25
CA LYS B 867 21.97 -3.35 7.66
C LYS B 867 21.10 -2.47 8.56
N SER B 868 21.61 -2.08 9.72
CA SER B 868 20.84 -1.32 10.68
C SER B 868 20.81 0.16 10.30
N SER B 869 20.11 0.95 11.09
CA SER B 869 20.04 2.39 10.88
C SER B 869 19.91 3.09 12.22
N ASP B 870 20.41 4.33 12.27
CA ASP B 870 20.38 5.08 13.52
C ASP B 870 18.94 5.38 13.94
N ASP B 871 18.08 5.73 13.00
CA ASP B 871 16.67 5.95 13.32
C ASP B 871 16.05 4.63 13.76
N PRO B 872 15.21 4.62 14.79
CA PRO B 872 14.61 3.36 15.24
C PRO B 872 13.65 2.76 14.22
N CYS B 873 13.23 3.54 13.21
CA CYS B 873 12.36 3.06 12.15
C CYS B 873 13.06 3.30 10.80
N ASP B 874 13.05 2.29 9.95
CA ASP B 874 13.67 2.38 8.63
C ASP B 874 12.87 1.55 7.66
N ASP B 875 12.63 2.09 6.46
CA ASP B 875 11.84 1.41 5.45
C ASP B 875 12.51 1.41 4.09
N ARG B 876 13.83 1.60 4.02
CA ARG B 876 14.50 1.58 2.73
C ARG B 876 14.60 0.16 2.19
N TRP B 877 14.66 -0.83 3.06
CA TRP B 877 14.72 -2.22 2.62
C TRP B 877 13.36 -2.69 2.12
N LYS B 878 13.35 -3.35 0.97
CA LYS B 878 12.16 -4.06 0.52
C LYS B 878 12.21 -5.49 1.06
N VAL B 879 11.24 -5.84 1.87
CA VAL B 879 11.23 -7.10 2.61
C VAL B 879 10.29 -8.06 1.92
N SER B 880 10.80 -9.22 1.54
CA SER B 880 9.98 -10.23 0.89
C SER B 880 9.25 -11.07 1.93
N SER B 881 8.22 -11.77 1.47
CA SER B 881 7.50 -12.69 2.33
C SER B 881 8.38 -13.91 2.62
N PRO B 882 8.17 -14.57 3.75
CA PRO B 882 9.01 -15.72 4.11
C PRO B 882 8.57 -17.01 3.44
N GLU B 883 9.56 -17.73 2.90
CA GLU B 883 9.32 -19.06 2.35
C GLU B 883 10.42 -19.98 2.86
N LYS B 884 10.10 -21.28 2.93
CA LYS B 884 11.01 -22.28 3.47
C LYS B 884 11.91 -22.89 2.41
N SER B 885 11.70 -22.58 1.12
CA SER B 885 12.45 -23.23 0.07
C SER B 885 13.90 -22.77 0.02
N GLY B 886 14.19 -21.57 0.51
CA GLY B 886 15.54 -21.04 0.39
C GLY B 886 15.88 -20.51 -0.97
N VAL B 887 14.89 -20.39 -1.86
CA VAL B 887 15.09 -19.85 -3.20
C VAL B 887 14.10 -18.73 -3.42
N MET B 888 14.59 -17.60 -3.93
CA MET B 888 13.76 -16.44 -4.20
C MET B 888 14.14 -15.87 -5.56
N VAL B 889 13.19 -15.20 -6.19
CA VAL B 889 13.39 -14.59 -7.50
C VAL B 889 12.98 -13.12 -7.36
N LEU B 890 13.94 -12.27 -7.04
CA LEU B 890 13.68 -10.84 -7.05
C LEU B 890 13.29 -10.41 -8.45
N SER B 891 12.20 -9.65 -8.56
CA SER B 891 11.66 -9.29 -9.86
C SER B 891 11.31 -7.81 -9.84
N ASN B 892 10.87 -7.32 -10.99
CA ASN B 892 10.56 -5.91 -11.18
C ASN B 892 11.77 -5.07 -10.75
N LEU B 893 12.92 -5.38 -11.33
CA LEU B 893 14.14 -4.65 -11.06
C LEU B 893 14.44 -3.68 -12.20
N ILE B 894 15.26 -2.69 -11.90
CA ILE B 894 15.69 -1.70 -12.89
C ILE B 894 17.02 -2.16 -13.48
N PRO B 895 17.11 -2.36 -14.79
CA PRO B 895 18.33 -2.93 -15.36
C PRO B 895 19.54 -2.04 -15.10
N TYR B 896 20.69 -2.70 -14.97
CA TYR B 896 21.98 -2.02 -14.83
C TYR B 896 21.94 -1.03 -13.67
N THR B 897 21.59 -1.53 -12.49
CA THR B 897 21.61 -0.75 -11.26
C THR B 897 22.17 -1.61 -10.15
N ASN B 898 23.09 -1.04 -9.36
CA ASN B 898 23.77 -1.80 -8.33
C ASN B 898 22.83 -2.06 -7.17
N TYR B 899 22.30 -3.28 -7.08
CA TYR B 899 21.44 -3.68 -5.98
C TYR B 899 22.27 -4.24 -4.84
N SER B 900 21.70 -4.19 -3.64
CA SER B 900 22.31 -4.77 -2.45
C SER B 900 21.26 -5.56 -1.70
N TYR B 901 21.64 -6.73 -1.20
CA TYR B 901 20.69 -7.65 -0.61
C TYR B 901 21.34 -8.45 0.50
N TYR B 902 20.50 -9.02 1.37
CA TYR B 902 20.93 -9.93 2.41
C TYR B 902 19.71 -10.68 2.91
N VAL B 903 19.95 -11.83 3.54
CA VAL B 903 18.87 -12.73 3.96
C VAL B 903 19.00 -13.03 5.44
N ARG B 904 17.85 -13.27 6.07
CA ARG B 904 17.81 -13.67 7.47
C ARG B 904 16.80 -14.79 7.63
N THR B 905 17.06 -15.68 8.59
CA THR B 905 16.13 -16.75 8.90
C THR B 905 15.11 -16.27 9.92
N MET B 906 13.83 -16.54 9.64
CA MET B 906 12.74 -16.14 10.51
C MET B 906 12.23 -17.36 11.25
N ALA B 907 12.13 -17.26 12.57
CA ALA B 907 11.73 -18.39 13.40
C ALA B 907 10.69 -17.92 14.41
N ILE B 908 10.01 -18.89 15.01
CA ILE B 908 9.07 -18.59 16.06
C ILE B 908 9.77 -17.82 17.18
N SER B 909 9.01 -17.04 17.93
CA SER B 909 9.60 -16.20 18.95
C SER B 909 10.35 -16.99 20.01
N SER B 910 10.01 -18.26 20.20
CA SER B 910 10.61 -19.08 21.24
C SER B 910 11.87 -19.79 20.79
N GLU B 911 12.24 -19.70 19.51
CA GLU B 911 13.42 -20.38 19.00
C GLU B 911 14.61 -19.43 19.09
N LEU B 912 15.69 -19.91 19.71
CA LEU B 912 16.83 -19.04 19.99
C LEU B 912 17.79 -18.93 18.81
N THR B 913 17.96 -20.01 18.03
CA THR B 913 18.93 -20.00 16.94
C THR B 913 18.45 -19.14 15.79
N ASN B 914 19.39 -18.44 15.16
CA ASN B 914 19.09 -17.61 14.01
C ASN B 914 20.35 -17.49 13.17
N ALA B 915 20.21 -16.85 12.00
CA ALA B 915 21.33 -16.75 11.08
C ALA B 915 21.08 -15.59 10.13
N GLU B 916 22.15 -14.98 9.67
CA GLU B 916 22.08 -13.85 8.76
C GLU B 916 23.26 -13.88 7.80
N SER B 917 23.05 -13.33 6.61
CA SER B 917 24.12 -13.20 5.65
C SER B 917 24.65 -11.77 5.66
N ASP B 918 25.83 -11.58 5.08
CA ASP B 918 26.37 -10.24 4.92
C ASP B 918 25.74 -9.58 3.70
N VAL B 919 25.90 -8.26 3.61
CA VAL B 919 25.35 -7.53 2.49
C VAL B 919 26.16 -7.83 1.24
N LYS B 920 25.48 -8.23 0.17
CA LYS B 920 26.10 -8.56 -1.10
C LYS B 920 25.58 -7.62 -2.17
N ASN B 921 26.28 -7.56 -3.30
CA ASN B 921 25.98 -6.64 -4.37
C ASN B 921 25.95 -7.36 -5.72
N PHE B 922 25.18 -6.80 -6.64
CA PHE B 922 25.06 -7.35 -7.98
C PHE B 922 24.41 -6.30 -8.88
N ARG B 923 24.54 -6.50 -10.18
CA ARG B 923 23.96 -5.60 -11.18
C ARG B 923 22.95 -6.38 -12.01
N THR B 924 21.94 -5.66 -12.52
CA THR B 924 20.81 -6.29 -13.18
C THR B 924 20.98 -6.40 -14.69
N ASN B 925 22.21 -6.45 -15.20
CA ASN B 925 22.47 -6.61 -16.62
C ASN B 925 21.94 -5.43 -17.43
N PRO B 926 22.46 -5.20 -18.64
CA PRO B 926 21.96 -4.08 -19.44
C PRO B 926 20.54 -4.33 -19.95
N GLY B 927 19.90 -3.25 -20.38
CA GLY B 927 18.58 -3.33 -20.98
C GLY B 927 18.54 -2.56 -22.29
N ARG B 928 17.37 -2.03 -22.63
CA ARG B 928 17.26 -1.19 -23.82
C ARG B 928 17.63 0.25 -23.49
N PRO B 929 18.66 0.81 -24.11
CA PRO B 929 19.02 2.20 -23.82
C PRO B 929 17.87 3.14 -24.13
N SER B 930 17.79 4.22 -23.35
CA SER B 930 16.71 5.18 -23.53
C SER B 930 16.86 5.93 -24.84
N LYS B 931 15.73 6.37 -25.39
CA LYS B 931 15.74 7.11 -26.65
C LYS B 931 16.54 8.39 -26.50
N VAL B 932 17.23 8.76 -27.57
CA VAL B 932 18.10 9.95 -27.54
C VAL B 932 17.25 11.17 -27.24
N THR B 933 17.76 12.04 -26.38
CA THR B 933 17.01 13.21 -25.96
C THR B 933 17.49 14.46 -26.69
N GLU B 934 16.63 15.47 -26.74
CA GLU B 934 16.97 16.83 -27.16
C GLU B 934 17.29 16.92 -28.65
N VAL B 935 17.16 15.83 -29.40
CA VAL B 935 17.53 15.84 -30.82
C VAL B 935 16.86 17.00 -31.52
N VAL B 936 17.60 17.67 -32.40
CA VAL B 936 17.08 18.75 -33.21
C VAL B 936 17.89 18.83 -34.49
N ALA B 937 17.22 19.15 -35.59
CA ALA B 937 17.84 19.23 -36.90
C ALA B 937 17.57 20.62 -37.49
N THR B 938 18.56 21.13 -38.22
CA THR B 938 18.46 22.45 -38.82
C THR B 938 19.12 22.44 -40.19
N ALA B 939 18.71 23.39 -41.03
CA ALA B 939 19.28 23.49 -42.36
C ALA B 939 20.58 24.26 -42.34
N ILE B 940 21.48 23.90 -43.25
CA ILE B 940 22.75 24.62 -43.40
C ILE B 940 22.77 25.24 -44.79
N SER B 941 22.34 24.48 -45.78
CA SER B 941 22.32 24.95 -47.16
C SER B 941 21.37 24.05 -47.93
N ASP B 942 21.39 24.15 -49.26
CA ASP B 942 20.50 23.34 -50.07
C ASP B 942 20.78 21.85 -49.90
N SER B 943 22.05 21.45 -49.86
CA SER B 943 22.41 20.04 -49.87
C SER B 943 23.06 19.57 -48.57
N LYS B 944 22.94 20.34 -47.49
CA LYS B 944 23.67 20.05 -46.26
C LYS B 944 22.76 20.33 -45.07
N ILE B 945 22.69 19.37 -44.15
CA ILE B 945 21.84 19.48 -42.97
C ILE B 945 22.66 19.13 -41.74
N ASN B 946 22.24 19.67 -40.59
CA ASN B 946 22.98 19.57 -39.34
C ASN B 946 22.10 18.94 -38.28
N VAL B 947 22.66 17.99 -37.52
CA VAL B 947 21.93 17.27 -36.49
C VAL B 947 22.75 17.32 -35.20
N THR B 948 22.09 17.62 -34.09
CA THR B 948 22.72 17.64 -32.78
C THR B 948 21.82 16.93 -31.78
N TRP B 949 22.43 16.27 -30.81
CA TRP B 949 21.68 15.53 -29.80
C TRP B 949 22.55 15.38 -28.56
N SER B 950 21.89 15.06 -27.44
CA SER B 950 22.57 14.81 -26.19
C SER B 950 21.82 13.72 -25.44
N TYR B 951 22.55 13.05 -24.54
CA TYR B 951 22.02 11.92 -23.79
C TYR B 951 21.90 12.34 -22.33
N LEU B 952 20.70 12.77 -21.94
CA LEU B 952 20.46 13.34 -20.61
C LEU B 952 19.80 12.36 -19.65
N ASP B 953 19.63 11.09 -20.04
CA ASP B 953 19.04 10.10 -19.16
C ASP B 953 19.89 8.85 -19.18
N LYS B 954 19.73 8.04 -18.14
CA LYS B 954 20.65 6.93 -17.91
C LYS B 954 20.64 5.98 -19.10
N PRO B 955 21.79 5.42 -19.48
CA PRO B 955 21.87 4.61 -20.70
C PRO B 955 21.52 3.14 -20.52
N TYR B 956 21.40 2.65 -19.29
CA TYR B 956 21.15 1.23 -19.05
C TYR B 956 22.20 0.35 -19.72
N GLY B 957 23.44 0.81 -19.72
CA GLY B 957 24.51 0.05 -20.31
C GLY B 957 25.62 0.97 -20.79
N VAL B 958 26.58 0.37 -21.48
CA VAL B 958 27.72 1.08 -22.04
C VAL B 958 27.45 1.34 -23.52
N LEU B 959 27.44 2.62 -23.90
CA LEU B 959 27.21 2.96 -25.29
C LEU B 959 28.32 2.41 -26.17
N THR B 960 27.93 1.74 -27.25
CA THR B 960 28.88 1.23 -28.23
C THR B 960 29.01 2.12 -29.45
N ARG B 961 27.90 2.66 -29.95
CA ARG B 961 27.94 3.56 -31.09
C ARG B 961 26.57 4.18 -31.29
N TYR B 962 26.56 5.47 -31.56
CA TYR B 962 25.36 6.12 -32.06
C TYR B 962 25.15 5.74 -33.53
N PHE B 963 23.88 5.75 -33.94
CA PHE B 963 23.52 5.42 -35.31
C PHE B 963 22.59 6.47 -35.86
N ILE B 964 22.92 6.99 -37.04
CA ILE B 964 22.16 8.04 -37.70
C ILE B 964 21.68 7.52 -39.04
N LYS B 965 20.41 7.75 -39.34
CA LYS B 965 19.83 7.37 -40.61
C LYS B 965 18.99 8.54 -41.12
N ALA B 966 19.00 8.74 -42.44
CA ALA B 966 18.25 9.81 -43.06
C ALA B 966 17.60 9.30 -44.33
N LYS B 967 16.27 9.26 -44.35
CA LYS B 967 15.51 8.79 -45.51
C LYS B 967 14.87 9.98 -46.21
N LEU B 968 15.02 10.04 -47.52
CA LEU B 968 14.30 11.04 -48.29
C LEU B 968 12.82 10.74 -48.29
N ILE B 969 12.01 11.76 -47.99
CA ILE B 969 10.56 11.66 -48.04
C ILE B 969 10.10 12.63 -49.11
N ASN B 970 9.28 12.14 -50.04
CA ASN B 970 9.01 12.88 -51.26
C ASN B 970 8.44 14.26 -50.96
N ARG B 971 8.92 15.26 -51.70
CA ARG B 971 8.50 16.63 -51.50
C ARG B 971 7.06 16.81 -51.99
N PRO B 972 6.38 17.86 -51.52
CA PRO B 972 4.93 17.95 -51.78
C PRO B 972 4.63 18.15 -53.25
N THR B 973 3.41 17.78 -53.64
CA THR B 973 2.91 17.95 -54.99
C THR B 973 1.72 18.90 -54.97
N ARG B 974 1.68 19.79 -55.98
CA ARG B 974 0.61 20.78 -56.05
C ARG B 974 -0.75 20.09 -56.07
N ASN B 975 -1.68 20.60 -55.28
CA ASN B 975 -3.05 20.08 -55.27
C ASN B 975 -3.82 20.67 -56.43
N ASN B 976 -4.18 19.83 -57.40
CA ASN B 976 -4.76 20.32 -58.64
C ASN B 976 -6.07 21.07 -58.44
N ASN B 977 -6.79 20.79 -57.36
CA ASN B 977 -8.04 21.49 -57.08
C ASN B 977 -7.84 22.89 -56.53
N ARG B 978 -6.59 23.35 -56.42
CA ARG B 978 -6.26 24.66 -55.89
C ARG B 978 -5.72 25.53 -57.02
N ASP B 979 -6.30 26.71 -57.18
CA ASP B 979 -5.96 27.58 -58.29
C ASP B 979 -4.61 28.25 -58.07
N TYR B 980 -4.02 28.69 -59.18
CA TYR B 980 -2.80 29.49 -59.15
C TYR B 980 -2.94 30.62 -60.16
N CYS B 981 -1.97 31.54 -60.14
CA CYS B 981 -2.10 32.85 -60.77
C CYS B 981 -3.24 33.66 -60.16
N THR B 982 -3.82 33.17 -59.07
CA THR B 982 -4.84 33.90 -58.33
C THR B 982 -4.50 33.89 -56.84
N GLU B 983 -3.77 32.87 -56.41
CA GLU B 983 -3.31 32.75 -55.02
C GLU B 983 -1.84 32.38 -55.03
N PRO B 984 -0.97 33.26 -55.50
CA PRO B 984 0.44 32.91 -55.68
C PRO B 984 1.10 32.57 -54.36
N LEU B 985 2.24 31.88 -54.46
CA LEU B 985 2.94 31.33 -53.31
C LEU B 985 4.29 32.02 -53.12
N VAL B 986 4.58 32.39 -51.87
CA VAL B 986 5.93 32.74 -51.44
C VAL B 986 6.51 31.68 -50.51
N LYS B 987 5.72 30.67 -50.14
CA LYS B 987 6.21 29.46 -49.50
C LYS B 987 6.89 29.71 -48.15
N ALA B 988 6.12 30.15 -47.16
CA ALA B 988 6.52 29.92 -45.77
C ALA B 988 6.51 28.42 -45.49
N MET B 989 7.55 27.93 -44.82
CA MET B 989 7.82 26.51 -44.74
C MET B 989 7.75 26.04 -43.29
N GLU B 990 7.31 24.80 -43.11
CA GLU B 990 7.22 24.22 -41.78
C GLU B 990 8.56 23.65 -41.33
N ASN B 991 8.70 23.46 -40.03
CA ASN B 991 9.91 22.89 -39.44
C ASN B 991 11.16 23.59 -39.97
N SER B 1020 7.14 1.73 8.14
CA SER B 1020 5.84 1.25 8.57
C SER B 1020 5.99 0.09 9.54
N SER B 1021 4.93 -0.19 10.29
CA SER B 1021 4.96 -1.28 11.26
C SER B 1021 5.16 -2.61 10.55
N GLN B 1022 6.06 -3.44 11.08
CA GLN B 1022 6.30 -4.77 10.53
C GLN B 1022 5.85 -5.83 11.52
N GLU B 1023 6.46 -5.84 12.71
CA GLU B 1023 5.93 -6.53 13.88
C GLU B 1023 5.31 -7.88 13.55
N TYR B 1024 6.12 -8.83 13.07
CA TYR B 1024 5.60 -10.15 12.74
C TYR B 1024 4.87 -10.75 13.93
N ASP B 1025 3.77 -11.45 13.65
CA ASP B 1025 2.91 -12.05 14.67
C ASP B 1025 3.08 -13.56 14.63
N ASP B 1026 2.96 -14.20 15.80
CA ASP B 1026 3.34 -15.60 15.94
C ASP B 1026 2.22 -16.49 16.47
N ARG B 1027 1.05 -15.94 16.79
CA ARG B 1027 0.06 -16.72 17.52
C ARG B 1027 -0.39 -17.94 16.74
N LYS B 1028 -0.65 -17.78 15.43
CA LYS B 1028 -1.25 -18.86 14.66
C LYS B 1028 -0.34 -20.08 14.64
N VAL B 1029 0.93 -19.89 14.29
CA VAL B 1029 1.84 -21.03 14.18
C VAL B 1029 2.07 -21.68 15.54
N GLN B 1030 2.16 -20.88 16.60
CA GLN B 1030 2.33 -21.45 17.93
C GLN B 1030 1.14 -22.32 18.30
N ALA B 1031 -0.07 -21.81 18.05
CA ALA B 1031 -1.27 -22.56 18.38
C ALA B 1031 -1.31 -23.88 17.60
N GLY B 1032 -1.01 -23.81 16.31
CA GLY B 1032 -0.99 -25.04 15.52
C GLY B 1032 0.06 -26.02 16.01
N MET B 1033 1.25 -25.51 16.35
CA MET B 1033 2.31 -26.37 16.83
C MET B 1033 1.90 -27.08 18.11
N GLU B 1034 1.26 -26.36 19.03
CA GLU B 1034 0.85 -27.00 20.28
C GLU B 1034 -0.31 -27.95 20.07
N PHE B 1035 -1.25 -27.61 19.19
CA PHE B 1035 -2.35 -28.54 18.90
C PHE B 1035 -1.83 -29.83 18.31
N GLU B 1036 -0.82 -29.75 17.45
CA GLU B 1036 -0.21 -30.96 16.91
C GLU B 1036 0.24 -31.88 18.04
N ASN B 1037 1.00 -31.34 18.99
CA ASN B 1037 1.49 -32.15 20.09
C ASN B 1037 0.32 -32.70 20.91
N ALA B 1038 -0.70 -31.88 21.14
CA ALA B 1038 -1.84 -32.33 21.93
C ALA B 1038 -2.52 -33.52 21.24
N LEU B 1039 -2.64 -33.47 19.92
CA LEU B 1039 -3.37 -34.50 19.20
C LEU B 1039 -2.62 -35.83 19.22
N GLN B 1040 -1.32 -35.80 18.94
CA GLN B 1040 -0.57 -37.04 18.81
C GLN B 1040 -0.49 -37.78 20.14
N ASN B 1041 -0.38 -37.04 21.25
CA ASN B 1041 -0.34 -37.70 22.55
C ASN B 1041 -1.61 -38.50 22.82
N PHE B 1042 -2.72 -38.15 22.17
CA PHE B 1042 -3.99 -38.83 22.40
C PHE B 1042 -4.23 -39.97 21.42
N ILE B 1043 -3.67 -39.87 20.21
CA ILE B 1043 -3.97 -40.86 19.18
C ILE B 1043 -3.15 -42.13 19.40
N PHE B 1044 -1.88 -41.99 19.71
CA PHE B 1044 -0.99 -43.13 19.82
C PHE B 1044 -1.08 -43.75 21.21
N VAL B 1045 -0.72 -45.02 21.29
CA VAL B 1045 -0.93 -45.83 22.49
C VAL B 1045 0.36 -46.60 22.76
N PRO B 1046 0.72 -46.81 24.03
CA PRO B 1046 2.09 -47.27 24.35
C PRO B 1046 2.31 -48.79 24.35
N ASN B 1047 1.41 -49.58 23.81
CA ASN B 1047 1.64 -51.02 23.70
C ASN B 1047 1.12 -51.56 22.37
N ASP B 1119 6.69 -1.01 -37.37
CA ASP B 1119 6.92 0.15 -38.24
C ASP B 1119 8.31 0.73 -38.04
N ASP B 1120 9.18 -0.02 -37.36
CA ASP B 1120 10.53 0.42 -37.08
C ASP B 1120 11.52 -0.71 -37.36
N GLU B 1121 12.76 -0.33 -37.60
CA GLU B 1121 13.78 -1.28 -38.04
C GLU B 1121 14.42 -1.98 -36.86
N ASN B 1122 15.13 -3.07 -37.15
CA ASN B 1122 15.91 -3.81 -36.17
C ASN B 1122 17.29 -4.19 -36.69
N THR B 1123 17.67 -3.72 -37.88
CA THR B 1123 18.89 -4.13 -38.56
C THR B 1123 19.73 -2.91 -38.91
N TYR B 1124 19.93 -2.02 -37.93
CA TYR B 1124 20.72 -0.83 -38.16
C TYR B 1124 22.12 -1.20 -38.61
N LYS B 1125 22.63 -0.50 -39.62
CA LYS B 1125 23.95 -0.78 -40.15
C LYS B 1125 24.39 0.38 -41.02
N ASP B 1126 25.70 0.43 -41.28
CA ASP B 1126 26.24 1.45 -42.18
C ASP B 1126 25.66 1.25 -43.59
N GLU B 1127 25.30 2.35 -44.23
CA GLU B 1127 24.68 2.27 -45.55
C GLU B 1127 24.61 3.65 -46.17
N GLU B 1128 24.94 3.71 -47.47
CA GLU B 1128 24.73 4.89 -48.30
C GLU B 1128 24.09 4.45 -49.60
N ASP B 1129 23.05 5.18 -50.02
CA ASP B 1129 22.29 4.84 -51.23
C ASP B 1129 22.18 6.11 -52.07
N LEU B 1130 23.11 6.26 -53.02
CA LEU B 1130 23.07 7.41 -53.91
C LEU B 1130 22.00 7.20 -54.98
N SER B 1131 21.25 8.26 -55.28
CA SER B 1131 20.17 8.16 -56.26
C SER B 1131 20.71 7.68 -57.59
N SER B 1132 19.79 7.25 -58.47
CA SER B 1132 20.19 6.76 -59.77
C SER B 1132 20.90 7.83 -60.58
N ASN B 1133 20.38 9.05 -60.57
CA ASN B 1133 21.02 10.15 -61.28
C ASN B 1133 22.34 10.57 -60.63
N LYS B 1134 22.57 10.17 -59.38
CA LYS B 1134 23.86 10.31 -58.70
C LYS B 1134 24.16 11.72 -58.22
N GLN B 1135 23.15 12.58 -58.10
CA GLN B 1135 23.38 13.92 -57.57
C GLN B 1135 23.18 14.01 -56.07
N PHE B 1136 22.25 13.23 -55.52
CA PHE B 1136 21.88 13.37 -54.12
C PHE B 1136 21.64 12.00 -53.51
N TYR B 1137 21.64 11.95 -52.19
CA TYR B 1137 21.41 10.72 -51.44
C TYR B 1137 19.92 10.61 -51.10
N GLU B 1138 19.33 9.46 -51.44
CA GLU B 1138 17.96 9.19 -51.03
C GLU B 1138 17.90 8.48 -49.68
N VAL B 1139 18.97 7.80 -49.29
CA VAL B 1139 19.06 7.18 -47.97
C VAL B 1139 20.52 7.21 -47.53
N PHE B 1140 20.77 7.77 -46.35
CA PHE B 1140 22.12 7.91 -45.83
C PHE B 1140 22.12 7.47 -44.37
N ALA B 1141 23.10 6.67 -43.99
CA ALA B 1141 23.21 6.18 -42.63
C ALA B 1141 24.66 5.91 -42.30
N LYS B 1142 24.99 6.05 -41.02
CA LYS B 1142 26.36 5.87 -40.55
C LYS B 1142 26.36 5.54 -39.08
N GLU B 1143 27.43 4.88 -38.64
CA GLU B 1143 27.69 4.71 -37.23
C GLU B 1143 28.67 5.78 -36.75
N LEU B 1144 28.55 6.14 -35.47
CA LEU B 1144 29.41 7.16 -34.90
C LEU B 1144 29.94 6.69 -33.55
N PRO B 1145 31.16 7.05 -33.20
CA PRO B 1145 31.65 6.77 -31.84
C PRO B 1145 30.79 7.49 -30.82
N PRO B 1146 30.59 6.90 -29.63
CA PRO B 1146 29.59 7.44 -28.70
C PRO B 1146 29.86 8.85 -28.23
N ASN B 1147 31.06 9.38 -28.41
CA ASN B 1147 31.35 10.72 -27.93
C ASN B 1147 31.01 11.81 -28.95
N GLN B 1148 30.65 11.44 -30.17
CA GLN B 1148 30.32 12.43 -31.21
C GLN B 1148 28.84 12.75 -31.13
N THR B 1149 28.53 13.95 -30.62
CA THR B 1149 27.14 14.32 -30.40
C THR B 1149 26.49 15.00 -31.60
N HIS B 1150 27.26 15.33 -32.64
CA HIS B 1150 26.72 16.06 -33.78
C HIS B 1150 27.22 15.46 -35.07
N PHE B 1151 26.41 15.57 -36.12
CA PHE B 1151 26.74 15.01 -37.42
C PHE B 1151 26.09 15.85 -38.50
N VAL B 1152 26.72 15.87 -39.67
CA VAL B 1152 26.23 16.62 -40.82
C VAL B 1152 26.19 15.70 -42.03
N PHE B 1153 25.33 16.02 -42.97
CA PHE B 1153 25.24 15.31 -44.23
C PHE B 1153 25.79 16.17 -45.36
N GLU B 1154 25.82 15.60 -46.56
CA GLU B 1154 26.21 16.36 -47.74
C GLU B 1154 25.54 15.74 -48.96
N LYS B 1155 25.45 16.53 -50.03
CA LYS B 1155 24.84 16.08 -51.27
C LYS B 1155 23.43 15.56 -51.04
N LEU B 1156 22.58 16.43 -50.49
CA LEU B 1156 21.17 16.11 -50.37
C LEU B 1156 20.41 16.56 -51.61
N ARG B 1157 19.14 16.17 -51.68
CA ARG B 1157 18.32 16.43 -52.85
C ARG B 1157 17.77 17.85 -52.81
N HIS B 1158 18.66 18.83 -52.60
CA HIS B 1158 18.28 20.22 -52.41
C HIS B 1158 16.93 20.33 -51.70
N PHE B 1159 16.04 21.19 -52.18
CA PHE B 1159 14.76 21.41 -51.50
C PHE B 1159 13.96 20.12 -51.38
N THR B 1160 13.81 19.64 -50.16
CA THR B 1160 12.99 18.46 -49.89
C THR B 1160 12.96 18.21 -48.40
N ARG B 1161 12.02 17.36 -47.97
CA ARG B 1161 11.96 16.94 -46.58
C ARG B 1161 12.88 15.76 -46.33
N TYR B 1162 13.25 15.57 -45.07
CA TYR B 1162 14.06 14.44 -44.64
C TYR B 1162 13.62 13.97 -43.27
N ALA B 1163 13.49 12.66 -43.11
CA ALA B 1163 13.21 12.04 -41.83
C ALA B 1163 14.46 11.33 -41.35
N ILE B 1164 14.82 11.52 -40.09
CA ILE B 1164 16.09 11.05 -39.56
C ILE B 1164 15.90 10.43 -38.19
N PHE B 1165 16.59 9.32 -37.95
CA PHE B 1165 16.70 8.72 -36.62
C PHE B 1165 17.94 9.24 -35.91
N VAL B 1166 17.89 9.23 -34.59
CA VAL B 1166 19.07 9.35 -33.76
C VAL B 1166 18.95 8.34 -32.63
N VAL B 1167 19.59 7.20 -32.80
CA VAL B 1167 19.38 6.05 -31.92
C VAL B 1167 20.72 5.63 -31.33
N ALA B 1168 20.68 5.24 -30.06
CA ALA B 1168 21.85 4.74 -29.36
C ALA B 1168 21.80 3.22 -29.30
N CYS B 1169 22.96 2.62 -29.04
CA CYS B 1169 23.08 1.17 -28.92
C CYS B 1169 24.14 0.86 -27.89
N ARG B 1170 23.94 -0.23 -27.15
CA ARG B 1170 24.84 -0.64 -26.09
C ARG B 1170 25.52 -1.96 -26.43
N GLU B 1171 26.53 -2.30 -25.63
CA GLU B 1171 27.33 -3.48 -25.89
C GLU B 1171 26.54 -4.74 -25.57
N GLU B 1172 26.95 -5.85 -26.18
CA GLU B 1172 26.28 -7.14 -26.02
C GLU B 1172 27.03 -7.98 -25.01
N ILE B 1173 26.28 -8.56 -24.06
CA ILE B 1173 26.85 -9.40 -23.00
C ILE B 1173 27.14 -10.77 -23.60
N PRO B 1174 28.14 -11.50 -23.12
CA PRO B 1174 28.43 -12.82 -23.73
C PRO B 1174 27.22 -13.74 -23.78
N SER B 1175 26.39 -13.75 -22.75
CA SER B 1175 25.23 -14.63 -22.72
C SER B 1175 24.28 -14.37 -23.88
N GLU B 1176 24.39 -13.20 -24.52
CA GLU B 1176 23.54 -12.89 -25.68
C GLU B 1176 24.30 -13.19 -26.97
N LYS B 1177 25.53 -12.69 -27.08
CA LYS B 1177 26.25 -12.76 -28.35
C LYS B 1177 26.77 -14.15 -28.67
N LEU B 1178 27.05 -14.99 -27.67
CA LEU B 1178 27.52 -16.35 -27.91
C LEU B 1178 26.57 -17.39 -27.32
N ARG B 1179 25.35 -17.00 -26.98
CA ARG B 1179 24.36 -17.96 -26.49
C ARG B 1179 22.97 -17.79 -27.11
N ASP B 1180 22.71 -16.73 -27.86
CA ASP B 1180 21.39 -16.47 -28.41
C ASP B 1180 21.49 -16.23 -29.92
N THR B 1181 20.43 -16.61 -30.62
CA THR B 1181 20.31 -16.37 -32.05
C THR B 1181 19.89 -14.93 -32.30
N SER B 1182 20.00 -14.51 -33.55
CA SER B 1182 19.74 -13.11 -33.91
C SER B 1182 18.25 -12.81 -33.97
N PHE B 1183 17.56 -12.92 -32.84
CA PHE B 1183 16.19 -12.44 -32.70
C PHE B 1183 15.98 -12.02 -31.26
N LYS B 1184 15.04 -11.08 -31.07
CA LYS B 1184 14.73 -10.55 -29.74
C LYS B 1184 15.83 -9.62 -29.27
N LYS B 1185 16.68 -9.15 -30.20
CA LYS B 1185 17.85 -8.35 -29.84
C LYS B 1185 17.55 -7.31 -28.75
N SER B 1186 16.66 -6.37 -29.02
CA SER B 1186 16.28 -5.30 -28.11
C SER B 1186 17.47 -4.54 -27.54
N LEU B 1187 18.65 -4.62 -28.15
CA LEU B 1187 19.82 -3.96 -27.59
C LEU B 1187 20.04 -2.56 -28.15
N CYS B 1188 19.05 -1.98 -28.83
CA CYS B 1188 19.13 -0.61 -29.30
C CYS B 1188 17.84 0.12 -28.98
N SER B 1189 17.96 1.42 -28.77
CA SER B 1189 16.83 2.22 -28.29
C SER B 1189 15.82 2.44 -29.40
N ASP B 1190 14.63 2.91 -29.00
CA ASP B 1190 13.67 3.39 -29.96
C ASP B 1190 14.06 4.80 -30.39
N TYR B 1191 13.44 5.26 -31.48
CA TYR B 1191 13.75 6.56 -32.06
C TYR B 1191 12.50 7.38 -32.26
N ASP B 1192 12.66 8.69 -32.24
CA ASP B 1192 11.59 9.63 -32.56
C ASP B 1192 11.99 10.41 -33.81
N THR B 1193 11.32 10.13 -34.91
CA THR B 1193 11.68 10.74 -36.19
C THR B 1193 11.61 12.26 -36.08
N VAL B 1194 12.61 12.93 -36.64
CA VAL B 1194 12.63 14.39 -36.74
C VAL B 1194 12.59 14.76 -38.20
N PHE B 1195 11.57 15.52 -38.59
CA PHE B 1195 11.39 15.94 -39.97
C PHE B 1195 11.99 17.33 -40.16
N GLN B 1196 12.85 17.47 -41.17
CA GLN B 1196 13.50 18.75 -41.43
C GLN B 1196 13.73 18.87 -42.93
N THR B 1197 13.76 20.11 -43.41
CA THR B 1197 13.93 20.39 -44.82
C THR B 1197 15.22 21.16 -45.06
N THR B 1198 15.70 21.08 -46.30
CA THR B 1198 16.91 21.80 -46.69
C THR B 1198 16.55 23.20 -47.17
N LYS B 1199 17.54 23.92 -47.66
CA LYS B 1199 17.32 25.24 -48.23
C LYS B 1199 16.84 25.07 -49.67
N ARG B 1200 16.27 26.14 -50.24
CA ARG B 1200 15.65 26.02 -51.54
C ARG B 1200 16.65 25.62 -52.63
N LYS B 1201 17.55 26.54 -52.96
CA LYS B 1201 18.64 26.28 -53.90
C LYS B 1201 19.46 27.56 -54.01
N LYS B 1202 20.76 27.45 -54.25
CA LYS B 1202 21.59 28.65 -54.29
C LYS B 1202 21.15 29.59 -55.41
N PHE B 1203 21.03 29.07 -56.63
CA PHE B 1203 20.59 29.86 -57.77
C PHE B 1203 19.10 29.71 -58.04
N ALA B 1204 18.41 28.86 -57.29
CA ALA B 1204 16.97 28.72 -57.42
C ALA B 1204 16.56 28.26 -58.81
N ASP B 1205 15.26 28.26 -59.08
CA ASP B 1205 14.75 27.82 -60.37
C ASP B 1205 15.06 28.85 -61.45
N ILE B 1206 15.13 28.39 -62.69
CA ILE B 1206 15.43 29.27 -63.82
C ILE B 1206 14.94 28.60 -65.09
N VAL B 1207 14.61 29.41 -66.09
CA VAL B 1207 14.11 28.91 -67.36
C VAL B 1207 15.07 29.31 -68.47
N MET B 1208 15.94 28.39 -68.86
CA MET B 1208 16.98 28.70 -69.83
C MET B 1208 16.47 28.47 -71.26
N ASP B 1209 17.29 28.91 -72.22
CA ASP B 1209 17.01 28.71 -73.64
C ASP B 1209 15.81 29.53 -74.09
N LEU B 1210 15.72 30.76 -73.61
CA LEU B 1210 14.63 31.64 -73.99
C LEU B 1210 14.87 32.19 -75.39
N LYS B 1211 13.80 32.24 -76.19
CA LYS B 1211 13.83 32.91 -77.48
C LYS B 1211 12.40 33.21 -77.91
N VAL B 1212 12.27 34.29 -78.68
CA VAL B 1212 10.97 34.83 -79.06
C VAL B 1212 10.91 34.91 -80.58
N ASP B 1213 9.75 34.59 -81.15
CA ASP B 1213 9.60 34.47 -82.59
C ASP B 1213 8.38 35.28 -83.04
N LEU B 1214 8.37 35.58 -84.35
CA LEU B 1214 7.29 36.32 -85.00
C LEU B 1214 7.25 35.83 -86.45
N GLU B 1215 6.24 35.01 -86.75
CA GLU B 1215 6.21 34.29 -88.03
C GLU B 1215 5.19 34.92 -88.98
N HIS B 1216 5.39 34.66 -90.27
CA HIS B 1216 4.48 35.06 -91.33
C HIS B 1216 4.57 36.56 -91.63
N ALA B 1217 5.36 37.29 -90.85
CA ALA B 1217 5.58 38.72 -91.03
C ALA B 1217 4.43 39.44 -91.73
N GLU B 1221 1.95 38.54 -89.91
CA GLU B 1221 0.59 38.76 -89.45
C GLU B 1221 0.35 38.04 -88.12
N SER B 1222 1.16 37.01 -87.86
CA SER B 1222 0.98 36.22 -86.65
C SER B 1222 1.40 37.03 -85.43
N PRO B 1223 0.81 36.76 -84.26
CA PRO B 1223 1.26 37.42 -83.04
C PRO B 1223 2.62 36.90 -82.60
N VAL B 1224 3.32 37.72 -81.80
CA VAL B 1224 4.62 37.31 -81.29
C VAL B 1224 4.44 36.15 -80.32
N ARG B 1225 5.44 35.28 -80.26
CA ARG B 1225 5.40 34.10 -79.43
C ARG B 1225 6.75 33.87 -78.78
N VAL B 1226 6.74 33.20 -77.63
CA VAL B 1226 7.93 32.99 -76.81
C VAL B 1226 8.21 31.50 -76.70
N ARG B 1227 9.49 31.14 -76.73
CA ARG B 1227 9.93 29.76 -76.61
C ARG B 1227 10.97 29.64 -75.52
N TRP B 1228 11.00 28.48 -74.87
CA TRP B 1228 11.93 28.20 -73.78
C TRP B 1228 11.81 26.74 -73.36
N THR B 1229 12.70 26.33 -72.47
CA THR B 1229 12.74 24.98 -71.94
C THR B 1229 12.49 24.99 -70.43
N PRO B 1230 11.75 24.05 -69.88
CA PRO B 1230 11.51 24.04 -68.43
C PRO B 1230 12.81 23.88 -67.68
N PRO B 1231 12.83 24.20 -66.37
CA PRO B 1231 14.07 24.09 -65.61
C PRO B 1231 14.62 22.68 -65.64
N VAL B 1232 15.95 22.56 -65.69
CA VAL B 1232 16.59 21.25 -65.71
C VAL B 1232 16.29 20.48 -64.44
N ASP B 1233 16.40 21.14 -63.28
CA ASP B 1233 16.13 20.50 -62.00
C ASP B 1233 15.27 21.41 -61.13
N PRO B 1234 13.97 21.52 -61.43
CA PRO B 1234 13.13 22.46 -60.68
C PRO B 1234 12.88 21.99 -59.26
N ASN B 1235 12.76 22.97 -58.36
CA ASN B 1235 12.34 22.68 -56.99
C ASN B 1235 10.88 22.24 -56.99
N GLY B 1236 10.58 21.16 -56.26
CA GLY B 1236 9.25 20.58 -56.32
C GLY B 1236 8.83 20.37 -57.76
N GLU B 1237 7.81 21.11 -58.19
CA GLU B 1237 7.43 21.16 -59.60
C GLU B 1237 6.93 22.56 -59.90
N ILE B 1238 7.11 22.99 -61.14
CA ILE B 1238 6.72 24.33 -61.51
C ILE B 1238 5.21 24.38 -61.68
N VAL B 1239 4.59 25.42 -61.12
CA VAL B 1239 3.14 25.54 -61.15
C VAL B 1239 2.65 26.59 -62.14
N THR B 1240 3.39 27.67 -62.35
CA THR B 1240 2.96 28.73 -63.24
C THR B 1240 4.18 29.36 -63.89
N TYR B 1241 4.06 29.71 -65.17
CA TYR B 1241 5.10 30.45 -65.86
C TYR B 1241 4.63 31.89 -66.03
N GLU B 1242 5.51 32.84 -65.77
CA GLU B 1242 5.13 34.23 -65.62
C GLU B 1242 6.02 35.08 -66.53
N VAL B 1243 5.57 35.28 -67.77
CA VAL B 1243 6.36 36.00 -68.76
C VAL B 1243 6.10 37.49 -68.66
N ALA B 1244 7.10 38.24 -68.21
CA ALA B 1244 6.96 39.69 -68.09
C ALA B 1244 7.62 40.37 -69.28
N TYR B 1245 7.05 41.52 -69.65
CA TYR B 1245 7.59 42.29 -70.77
C TYR B 1245 7.34 43.76 -70.54
N LYS B 1246 8.11 44.60 -71.25
CA LYS B 1246 8.07 46.03 -71.10
C LYS B 1246 8.21 46.68 -72.47
N LEU B 1247 7.73 47.91 -72.57
CA LEU B 1247 7.86 48.71 -73.78
C LEU B 1247 8.96 49.74 -73.58
N GLN B 1248 9.96 49.74 -74.46
CA GLN B 1248 11.10 50.64 -74.36
C GLN B 1248 10.68 52.04 -74.81
N LYS B 1249 9.97 52.73 -73.91
CA LYS B 1249 9.53 54.09 -74.14
C LYS B 1249 9.33 54.76 -72.80
N PRO B 1250 9.64 56.05 -72.68
CA PRO B 1250 9.44 56.74 -71.39
C PRO B 1250 7.99 56.69 -70.96
N ASP B 1251 7.79 56.67 -69.64
CA ASP B 1251 6.46 56.60 -69.06
C ASP B 1251 5.77 55.28 -69.39
N GLN B 1252 6.57 54.21 -69.42
CA GLN B 1252 6.07 52.86 -69.61
C GLN B 1252 6.66 51.95 -68.55
N VAL B 1253 5.84 51.04 -68.05
CA VAL B 1253 6.21 50.18 -66.93
C VAL B 1253 5.95 48.72 -67.30
N GLU B 1254 6.83 47.85 -66.84
CA GLU B 1254 6.72 46.43 -67.14
C GLU B 1254 5.40 45.87 -66.62
N GLU B 1255 4.75 45.05 -67.45
CA GLU B 1255 3.55 44.32 -67.06
C GLU B 1255 3.68 42.90 -67.56
N LYS B 1256 3.12 41.96 -66.81
CA LYS B 1256 3.47 40.55 -66.95
C LYS B 1256 2.23 39.67 -67.04
N LYS B 1257 2.29 38.65 -67.89
CA LYS B 1257 1.26 37.64 -68.00
C LYS B 1257 1.29 36.71 -66.80
N CYS B 1258 0.46 35.67 -66.84
CA CYS B 1258 0.48 34.61 -65.82
C CYS B 1258 -0.29 33.42 -66.35
N ILE B 1259 0.38 32.27 -66.41
CA ILE B 1259 -0.25 31.05 -66.93
C ILE B 1259 0.13 29.86 -66.07
N PRO B 1260 -0.71 28.84 -65.97
CA PRO B 1260 -0.31 27.61 -65.26
C PRO B 1260 0.76 26.86 -66.02
N ALA B 1261 1.38 25.90 -65.33
CA ALA B 1261 2.46 25.12 -65.93
C ALA B 1261 2.02 24.35 -67.16
N ALA B 1262 0.72 24.13 -67.33
CA ALA B 1262 0.23 23.41 -68.50
C ALA B 1262 0.19 24.33 -69.71
N ASP B 1263 -0.44 23.87 -70.79
CA ASP B 1263 -0.63 24.62 -72.03
C ASP B 1263 0.65 24.72 -72.85
N PHE B 1264 1.57 23.77 -72.70
CA PHE B 1264 2.81 23.74 -73.46
C PHE B 1264 3.00 22.44 -74.23
N ASN B 1265 1.99 21.57 -74.25
CA ASN B 1265 2.16 20.23 -74.80
C ASN B 1265 2.29 20.24 -76.33
N GLN B 1266 1.78 21.26 -77.02
CA GLN B 1266 1.77 21.22 -78.47
C GLN B 1266 3.16 21.40 -79.07
N THR B 1267 3.88 22.44 -78.69
CA THR B 1267 5.23 22.66 -79.20
C THR B 1267 6.14 23.25 -78.12
N ALA B 1268 5.67 23.32 -76.88
CA ALA B 1268 6.37 24.01 -75.82
C ALA B 1268 6.64 25.47 -76.21
N GLY B 1269 5.58 26.10 -76.72
CA GLY B 1269 5.67 27.50 -77.13
C GLY B 1269 4.40 28.22 -76.79
N TYR B 1270 4.53 29.51 -76.47
CA TYR B 1270 3.40 30.34 -76.04
C TYR B 1270 3.36 31.58 -76.91
N LEU B 1271 2.15 31.98 -77.31
CA LEU B 1271 1.95 33.09 -78.24
C LEU B 1271 1.22 34.23 -77.53
N ILE B 1272 1.64 35.45 -77.81
CA ILE B 1272 1.11 36.65 -77.17
C ILE B 1272 0.88 37.69 -78.25
N LYS B 1273 -0.36 38.19 -78.36
CA LYS B 1273 -0.64 39.27 -79.29
C LYS B 1273 0.01 40.57 -78.78
N LEU B 1274 0.44 41.40 -79.73
CA LEU B 1274 1.08 42.66 -79.38
C LEU B 1274 1.06 43.59 -80.58
N ASN B 1275 1.01 44.88 -80.31
CA ASN B 1275 0.96 45.90 -81.35
C ASN B 1275 2.38 46.32 -81.75
N GLU B 1276 2.46 47.10 -82.83
CA GLU B 1276 3.75 47.51 -83.37
C GLU B 1276 4.54 48.31 -82.34
N GLY B 1277 5.83 48.02 -82.26
CA GLY B 1277 6.70 48.72 -81.33
C GLY B 1277 7.91 47.87 -81.00
N LEU B 1278 8.76 48.43 -80.14
CA LEU B 1278 9.96 47.76 -79.65
C LEU B 1278 9.74 47.40 -78.19
N TYR B 1279 9.87 46.12 -77.87
CA TYR B 1279 9.58 45.61 -76.54
C TYR B 1279 10.77 44.81 -76.02
N SER B 1280 10.63 44.32 -74.80
CA SER B 1280 11.60 43.42 -74.19
C SER B 1280 10.87 42.44 -73.30
N PHE B 1281 11.28 41.18 -73.35
CA PHE B 1281 10.65 40.09 -72.61
C PHE B 1281 11.63 39.52 -71.60
N ARG B 1282 11.09 38.92 -70.55
CA ARG B 1282 11.90 38.21 -69.57
C ARG B 1282 11.00 37.25 -68.81
N VAL B 1283 11.27 35.96 -68.93
CA VAL B 1283 10.43 34.92 -68.34
C VAL B 1283 10.99 34.52 -66.98
N ARG B 1284 10.14 33.94 -66.15
CA ARG B 1284 10.56 33.34 -64.89
C ARG B 1284 9.54 32.28 -64.51
N ALA B 1285 9.94 31.41 -63.59
CA ALA B 1285 9.11 30.31 -63.15
C ALA B 1285 8.71 30.48 -61.69
N ASN B 1286 7.57 29.90 -61.34
CA ASN B 1286 7.10 29.84 -59.96
C ASN B 1286 6.86 28.38 -59.59
N SER B 1287 7.35 28.00 -58.42
CA SER B 1287 7.30 26.62 -57.98
C SER B 1287 6.71 26.56 -56.58
N ILE B 1288 6.18 25.38 -56.24
CA ILE B 1288 5.64 25.17 -54.90
C ILE B 1288 6.64 25.55 -53.82
N ALA B 1289 7.93 25.58 -54.16
CA ALA B 1289 8.95 26.01 -53.21
C ALA B 1289 9.01 27.53 -53.08
N GLY B 1290 8.42 28.27 -54.00
CA GLY B 1290 8.37 29.72 -53.94
C GLY B 1290 8.68 30.32 -55.28
N TYR B 1291 8.89 31.64 -55.28
CA TYR B 1291 9.20 32.36 -56.51
C TYR B 1291 10.61 32.04 -56.99
N GLY B 1292 10.83 32.17 -58.28
CA GLY B 1292 12.13 31.98 -58.87
C GLY B 1292 12.70 33.29 -59.42
N ASP B 1293 13.86 33.17 -60.05
CA ASP B 1293 14.54 34.34 -60.61
C ASP B 1293 14.28 34.46 -62.10
N PHE B 1294 14.25 35.71 -62.57
CA PHE B 1294 14.07 35.97 -63.99
C PHE B 1294 15.27 35.47 -64.78
N THR B 1295 15.04 35.25 -66.08
CA THR B 1295 16.16 35.04 -66.98
C THR B 1295 16.69 36.37 -67.47
N GLU B 1296 17.55 36.31 -68.48
CA GLU B 1296 18.03 37.53 -69.12
C GLU B 1296 17.02 38.01 -70.15
N VAL B 1297 17.07 39.32 -70.43
CA VAL B 1297 16.05 39.92 -71.27
C VAL B 1297 16.20 39.47 -72.72
N GLU B 1298 15.14 39.68 -73.49
CA GLU B 1298 15.15 39.50 -74.93
C GLU B 1298 14.41 40.68 -75.55
N HIS B 1299 14.56 40.85 -76.86
CA HIS B 1299 14.01 42.01 -77.55
C HIS B 1299 13.37 41.61 -78.86
N ILE B 1300 12.33 42.36 -79.24
CA ILE B 1300 11.63 42.18 -80.51
C ILE B 1300 11.06 43.53 -80.94
N LYS B 1301 11.07 43.78 -82.24
CA LYS B 1301 10.42 44.95 -82.83
C LYS B 1301 9.21 44.47 -83.61
N VAL B 1302 8.02 44.64 -83.02
CA VAL B 1302 6.80 44.12 -83.63
C VAL B 1302 6.33 45.08 -84.71
N GLU B 1303 5.60 44.54 -85.69
CA GLU B 1303 5.06 45.34 -86.78
C GLU B 1303 4.00 44.56 -87.55
N THR C 1 15.63 -35.71 17.80
CA THR C 1 14.28 -35.18 18.16
C THR C 1 13.31 -35.30 17.00
N LEU C 2 12.28 -36.13 17.19
CA LEU C 2 11.24 -36.34 16.20
C LEU C 2 9.98 -35.63 16.65
N CYS C 3 9.44 -34.76 15.79
CA CYS C 3 8.22 -34.03 16.09
C CYS C 3 7.42 -33.83 14.82
N SER C 4 6.10 -33.77 14.98
CA SER C 4 5.21 -33.41 13.89
C SER C 4 5.38 -34.33 12.68
N GLU C 5 5.49 -33.74 11.49
CA GLU C 5 5.45 -34.53 10.26
C GLU C 5 6.57 -35.56 10.23
N LYS C 6 7.76 -35.19 10.73
CA LYS C 6 8.87 -36.14 10.72
C LYS C 6 8.56 -37.38 11.53
N LEU C 7 8.00 -37.20 12.74
CA LEU C 7 7.62 -38.35 13.54
C LEU C 7 6.48 -39.12 12.90
N ASN C 8 5.52 -38.43 12.28
CA ASN C 8 4.46 -39.15 11.58
C ASN C 8 5.06 -40.07 10.51
N GLU C 9 6.04 -39.57 9.77
CA GLU C 9 6.68 -40.38 8.75
C GLU C 9 7.47 -41.54 9.36
N VAL C 10 8.18 -41.28 10.45
CA VAL C 10 8.93 -42.36 11.10
C VAL C 10 7.98 -43.46 11.54
N LEU C 11 6.87 -43.08 12.16
CA LEU C 11 5.85 -44.05 12.54
C LEU C 11 5.31 -44.81 11.34
N SER C 12 5.02 -44.14 10.24
CA SER C 12 4.60 -44.83 9.03
C SER C 12 5.64 -45.85 8.57
N MET C 13 6.92 -45.51 8.71
CA MET C 13 7.97 -46.42 8.26
C MET C 13 8.13 -47.59 9.22
N VAL C 14 7.83 -47.39 10.51
CA VAL C 14 8.12 -48.40 11.52
C VAL C 14 6.82 -49.08 11.94
N CYS C 15 6.87 -50.41 11.98
CA CYS C 15 5.80 -51.29 12.43
C CYS C 15 4.64 -51.44 11.45
N GLU C 16 4.58 -50.60 10.41
CA GLU C 16 3.61 -50.80 9.34
C GLU C 16 2.16 -50.78 9.83
N GLU C 17 1.93 -50.55 11.13
CA GLU C 17 0.60 -50.66 11.71
C GLU C 17 0.64 -50.20 13.16
N TYR C 18 -0.52 -49.79 13.67
CA TYR C 18 -0.61 -49.30 15.04
C TYR C 18 -1.63 -50.10 15.84
N ASN C 19 -1.79 -49.73 17.12
CA ASN C 19 -2.68 -50.44 18.02
C ASN C 19 -3.88 -49.59 18.39
N PRO C 20 -4.99 -50.22 18.76
CA PRO C 20 -6.20 -49.44 19.12
C PRO C 20 -5.97 -48.60 20.36
N VAL C 21 -6.98 -47.78 20.68
CA VAL C 21 -6.93 -46.91 21.85
C VAL C 21 -8.05 -47.25 22.81
N ILE C 22 -9.14 -47.80 22.27
CA ILE C 22 -10.25 -48.28 23.11
C ILE C 22 -10.88 -49.48 22.41
N PRO C 23 -10.15 -50.60 22.27
CA PRO C 23 -10.64 -51.80 21.58
C PRO C 23 -11.76 -52.49 22.34
N GLN D 1 2.27 -37.86 28.95
CA GLN D 1 3.54 -38.40 28.37
C GLN D 1 3.35 -38.65 26.88
N GLY D 2 2.59 -39.69 26.56
CA GLY D 2 2.26 -39.95 25.17
C GLY D 2 3.50 -40.09 24.32
N ILE D 3 3.60 -39.23 23.32
CA ILE D 3 4.65 -39.30 22.31
C ILE D 3 5.61 -38.12 22.41
N VAL D 4 5.08 -36.90 22.29
CA VAL D 4 5.96 -35.73 22.19
C VAL D 4 6.86 -35.62 23.40
N GLU D 5 6.31 -35.81 24.61
CA GLU D 5 7.15 -35.77 25.80
C GLU D 5 8.17 -36.90 25.81
N ARG D 6 7.98 -37.92 24.97
CA ARG D 6 8.92 -39.04 24.92
C ARG D 6 9.92 -38.85 23.78
N CYS D 7 9.45 -38.43 22.61
CA CYS D 7 10.27 -38.40 21.41
C CYS D 7 10.40 -37.03 20.76
N CYS D 8 9.77 -35.99 21.28
CA CYS D 8 9.94 -34.65 20.75
C CYS D 8 10.76 -33.76 21.66
N LYS D 9 10.41 -33.69 22.95
CA LYS D 9 11.23 -32.94 23.89
C LYS D 9 12.56 -33.64 24.16
N LYS D 10 12.69 -34.91 23.80
CA LYS D 10 13.93 -35.65 23.92
C LYS D 10 13.94 -36.75 22.89
N SER D 11 15.13 -37.27 22.60
CA SER D 11 15.30 -38.22 21.53
C SER D 11 14.71 -39.58 21.90
N CYS D 12 14.48 -40.39 20.86
CA CYS D 12 13.97 -41.74 21.02
C CYS D 12 14.79 -42.68 20.14
N ASP D 13 14.66 -43.97 20.40
CA ASP D 13 15.34 -45.00 19.64
C ASP D 13 14.32 -45.97 19.05
N MET D 14 14.80 -46.88 18.21
CA MET D 14 13.93 -47.75 17.44
C MET D 14 13.20 -48.76 18.33
N LYS D 15 13.60 -48.87 19.60
CA LYS D 15 12.87 -49.65 20.58
C LYS D 15 11.94 -48.78 21.41
N ALA D 16 12.47 -47.69 21.99
CA ALA D 16 11.64 -46.76 22.74
C ALA D 16 10.46 -46.26 21.95
N LEU D 17 10.47 -46.43 20.62
CA LEU D 17 9.37 -46.06 19.76
C LEU D 17 8.59 -47.28 19.26
N ARG D 18 9.10 -48.48 19.52
CA ARG D 18 8.48 -49.70 18.99
C ARG D 18 7.25 -50.13 19.77
N GLU D 19 6.95 -49.47 20.89
CA GLU D 19 5.83 -49.91 21.72
C GLU D 19 4.50 -49.36 21.24
N TYR D 20 4.49 -48.45 20.27
CA TYR D 20 3.26 -47.84 19.80
C TYR D 20 2.65 -48.56 18.60
N CYS D 21 2.85 -49.87 18.51
CA CYS D 21 2.49 -50.58 17.30
C CYS D 21 1.77 -51.88 17.64
N SER D 22 1.02 -52.39 16.67
CA SER D 22 0.35 -53.68 16.79
C SER D 22 1.16 -54.82 16.17
N VAL D 23 1.92 -54.55 15.12
CA VAL D 23 2.81 -55.52 14.51
C VAL D 23 4.17 -54.85 14.31
N VAL D 24 5.10 -55.59 13.73
CA VAL D 24 6.43 -55.03 13.44
C VAL D 24 6.85 -55.44 12.04
#